data_4N9G
#
_entry.id   4N9G
#
_cell.length_a   64.213
_cell.length_b   89.266
_cell.length_c   104.304
_cell.angle_alpha   89.99
_cell.angle_beta   102.73
_cell.angle_gamma   89.91
#
_symmetry.space_group_name_H-M   'P 1'
#
loop_
_entity.id
_entity.type
_entity.pdbx_description
1 polymer 'Antibody 17HD9, Heavy Chain'
2 polymer 'Antibody 17HD9, Light Chain'
3 polymer 'Epitope Scaffold rsv_1isea_FFL_001_C'
4 water water
#
loop_
_entity_poly.entity_id
_entity_poly.type
_entity_poly.pdbx_seq_one_letter_code
_entity_poly.pdbx_strand_id
1 'polypeptide(L)'
;QVQLQESGPGLVKPSETLSLTCVVSGGSFSSYYWTWIRQSPGKGLEWIGEMNGNSGYTNYNPSLQSRVTISKDASKNQFS
LKLTSLTAADTAVYYCARDAIVMVFTDMRGRVDVWGPGILVTVSSASTKGPSVFPLAPSSKSTSGGTAALGCLVKDYFPE
PVTVSWNSGALTSGVHTFPAVLQSSGLYSLSSVVTVPSSSLGTQTYICNVNHKPSNTKVDKRVEPKSCDK
;
A,E,H,M
2 'polypeptide(L)'
;DIQMSQSPSSLSASVGDTVTITCRASQGISNYLAWYQQKPGKAPKSLIYYTSHLESGVPSRFSGSGSGTDFSLTISSLQP
EDFATYYCQQHNSYPRTFGQGTKVEIKRTVAAPSVFIFPPSDEQLKSGTASVVCLLNNFYPREAKVQWKVDNALQSGNSQ
ESVTEQDSKDSTYSLSSTLTLSKADYEKHKVYACEVTHQGLSSPVTKSFNRGECS
;
B,F,L,N
3 'polypeptide(L)'
;GSRSDMRKDAERRFDKFVEAAKNKFDKFKAALRKGDIKEERRKDMKKLARKEAEQARRAVRNRLSELLSKINDMPITNDQ
KKLMSNDVLKFAAEAEKKIEALAADAEDKFTQGSWLEHHHHHH
;
C,D,Y,Z
#
# COMPACT_ATOMS: atom_id res chain seq x y z
N GLN A 1 -0.40 23.83 54.57
CA GLN A 1 -0.25 22.72 53.59
C GLN A 1 0.07 23.23 52.20
N VAL A 2 0.55 22.33 51.34
CA VAL A 2 0.86 22.66 49.95
C VAL A 2 -0.16 22.03 49.01
N GLN A 3 -0.63 22.80 48.03
CA GLN A 3 -1.57 22.31 47.03
C GLN A 3 -1.05 22.58 45.62
N LEU A 4 -1.35 21.67 44.70
CA LEU A 4 -1.03 21.83 43.29
C LEU A 4 -2.32 21.91 42.49
N GLN A 5 -2.25 22.57 41.33
CA GLN A 5 -3.41 22.70 40.45
C GLN A 5 -2.97 22.79 38.99
N GLU A 6 -3.43 21.85 38.18
CA GLU A 6 -3.12 21.86 36.74
C GLU A 6 -3.98 22.88 36.02
N SER A 7 -3.47 23.35 34.88
CA SER A 7 -4.25 24.19 33.97
C SER A 7 -3.73 23.99 32.56
N GLY A 8 -4.61 24.20 31.58
CA GLY A 8 -4.25 24.07 30.17
C GLY A 8 -5.32 23.38 29.36
N PRO A 9 -5.22 23.47 28.01
CA PRO A 9 -6.24 22.87 27.15
C PRO A 9 -6.25 21.34 27.25
N GLY A 10 -7.44 20.78 27.47
CA GLY A 10 -7.61 19.33 27.54
C GLY A 10 -8.01 18.69 26.22
N LEU A 11 -7.77 19.40 25.11
CA LEU A 11 -7.97 18.86 23.77
C LEU A 11 -6.85 19.34 22.85
N VAL A 12 -6.02 18.39 22.40
CA VAL A 12 -4.85 18.67 21.56
C VAL A 12 -4.93 17.84 20.29
N LYS A 13 -4.45 18.40 19.18
CA LYS A 13 -4.41 17.69 17.90
C LYS A 13 -3.13 16.85 17.78
N PRO A 14 -3.18 15.73 17.03
CA PRO A 14 -2.11 14.72 17.01
C PRO A 14 -0.68 15.27 16.90
N SER A 15 -0.33 15.97 15.84
CA SER A 15 1.06 16.40 15.64
C SER A 15 1.44 17.62 16.49
N GLU A 16 0.46 18.36 16.99
CA GLU A 16 0.71 19.62 17.70
C GLU A 16 1.12 19.40 19.16
N THR A 17 1.45 20.49 19.86
CA THR A 17 2.12 20.42 21.15
C THR A 17 1.18 20.49 22.35
N LEU A 18 1.34 19.56 23.28
CA LEU A 18 0.64 19.59 24.56
C LEU A 18 1.36 20.54 25.52
N SER A 19 0.62 21.50 26.07
CA SER A 19 1.15 22.44 27.05
C SER A 19 0.30 22.42 28.32
N LEU A 20 0.94 22.18 29.46
CA LEU A 20 0.26 22.20 30.76
C LEU A 20 1.09 22.98 31.77
N THR A 21 0.40 23.61 32.72
CA THR A 21 1.03 24.44 33.73
C THR A 21 0.54 24.03 35.11
N CYS A 22 1.47 23.95 36.06
CA CYS A 22 1.15 23.60 37.44
C CYS A 22 1.66 24.68 38.40
N VAL A 23 0.74 25.35 39.08
CA VAL A 23 1.07 26.41 40.05
C VAL A 23 1.06 25.83 41.47
N VAL A 24 2.05 26.20 42.27
CA VAL A 24 2.22 25.67 43.61
C VAL A 24 1.75 26.67 44.68
N SER A 25 0.98 26.17 45.64
CA SER A 25 0.54 26.96 46.78
C SER A 25 1.25 26.44 48.03
N GLY A 26 1.34 27.29 49.06
CA GLY A 26 2.05 26.95 50.29
C GLY A 26 3.39 27.68 50.41
N GLY A 27 4.04 27.90 49.28
CA GLY A 27 5.25 28.72 49.22
C GLY A 27 6.55 28.00 49.54
N SER A 28 6.76 26.87 48.89
CA SER A 28 8.02 26.12 49.01
C SER A 28 8.35 25.40 47.70
N PHE A 29 8.39 26.19 46.62
CA PHE A 29 8.62 25.69 45.27
C PHE A 29 10.11 25.43 45.00
N SER A 30 10.96 26.36 45.43
CA SER A 30 12.39 26.28 45.15
C SER A 30 13.16 25.25 46.00
N SER A 31 12.46 24.53 46.89
CA SER A 31 13.11 23.54 47.76
C SER A 31 12.93 22.09 47.30
N TYR A 32 12.00 21.85 46.38
CA TYR A 32 11.64 20.48 46.02
C TYR A 32 11.82 20.17 44.54
N TYR A 33 11.98 18.89 44.23
CA TYR A 33 11.88 18.42 42.86
C TYR A 33 10.40 18.32 42.50
N TRP A 34 10.04 18.79 41.31
CA TRP A 34 8.66 18.78 40.86
C TRP A 34 8.53 17.90 39.62
N THR A 35 7.42 17.16 39.55
CA THR A 35 7.28 16.09 38.58
C THR A 35 5.99 16.21 37.76
N TRP A 36 5.97 15.50 36.64
CA TRP A 36 4.74 15.25 35.90
C TRP A 36 4.56 13.75 35.79
N ILE A 37 3.33 13.29 36.01
CA ILE A 37 2.97 11.88 35.90
C ILE A 37 1.68 11.80 35.10
N ARG A 38 1.52 10.75 34.31
CA ARG A 38 0.30 10.55 33.53
C ARG A 38 -0.23 9.14 33.69
N GLN A 39 -1.55 9.00 33.60
CA GLN A 39 -2.21 7.72 33.75
C GLN A 39 -3.04 7.43 32.51
N SER A 40 -2.83 6.24 31.93
CA SER A 40 -3.60 5.77 30.78
C SER A 40 -4.23 4.43 31.12
N PRO A 41 -5.43 4.16 30.59
CA PRO A 41 -6.01 2.82 30.79
C PRO A 41 -5.14 1.69 30.23
N GLY A 42 -4.42 1.96 29.14
CA GLY A 42 -3.61 0.94 28.48
C GLY A 42 -2.22 0.74 29.06
N LYS A 43 -1.59 1.85 29.48
CA LYS A 43 -0.22 1.83 29.96
C LYS A 43 -0.07 2.16 31.45
N GLY A 44 -1.18 2.44 32.13
CA GLY A 44 -1.16 2.72 33.57
C GLY A 44 -0.46 4.03 33.90
N LEU A 45 0.05 4.11 35.13
CA LEU A 45 0.78 5.28 35.59
C LEU A 45 2.18 5.33 34.97
N GLU A 46 2.54 6.48 34.40
CA GLU A 46 3.87 6.68 33.83
C GLU A 46 4.52 7.93 34.41
N TRP A 47 5.76 7.77 34.87
CA TRP A 47 6.58 8.89 35.31
C TRP A 47 7.11 9.59 34.06
N ILE A 48 6.71 10.85 33.87
CA ILE A 48 7.13 11.64 32.71
C ILE A 48 8.52 12.24 32.91
N GLY A 49 8.77 12.76 34.11
CA GLY A 49 10.04 13.40 34.43
C GLY A 49 10.00 14.15 35.75
N GLU A 50 11.14 14.75 36.11
CA GLU A 50 11.27 15.58 37.30
C GLU A 50 12.03 16.86 36.96
N MET A 51 11.88 17.88 37.80
CA MET A 51 12.60 19.14 37.63
C MET A 51 13.05 19.66 38.99
N ASN A 52 14.32 20.02 39.11
CA ASN A 52 14.83 20.68 40.30
C ASN A 52 14.16 22.04 40.41
N GLY A 53 13.40 22.25 41.48
CA GLY A 53 12.59 23.45 41.66
C GLY A 53 13.38 24.73 41.78
N ASN A 54 14.67 24.63 42.11
CA ASN A 54 15.54 25.78 42.25
C ASN A 54 16.25 26.14 40.95
N SER A 55 16.98 25.17 40.40
CA SER A 55 17.85 25.40 39.24
C SER A 55 17.15 25.22 37.89
N GLY A 56 16.21 24.28 37.83
CA GLY A 56 15.54 23.93 36.58
C GLY A 56 16.11 22.67 35.96
N TYR A 57 17.07 22.05 36.63
CA TYR A 57 17.69 20.82 36.15
C TYR A 57 16.64 19.71 36.07
N THR A 58 16.64 18.97 34.97
CA THR A 58 15.63 17.95 34.72
CA THR A 58 15.63 17.94 34.70
C THR A 58 16.23 16.55 34.51
N ASN A 59 15.40 15.54 34.75
CA ASN A 59 15.68 14.16 34.40
C ASN A 59 14.38 13.62 33.80
N TYR A 60 14.45 13.16 32.56
CA TYR A 60 13.26 12.72 31.83
C TYR A 60 13.21 11.21 31.74
N ASN A 61 12.01 10.69 31.47
CA ASN A 61 11.83 9.29 31.10
C ASN A 61 12.43 9.10 29.70
N PRO A 62 13.34 8.12 29.53
CA PRO A 62 13.90 7.82 28.22
C PRO A 62 12.87 7.67 27.09
N SER A 63 11.71 7.09 27.41
CA SER A 63 10.63 6.93 26.42
C SER A 63 10.03 8.28 25.97
N LEU A 64 10.20 9.30 26.79
CA LEU A 64 9.72 10.65 26.50
C LEU A 64 10.84 11.68 26.22
N GLN A 65 12.09 11.32 26.52
CA GLN A 65 13.24 12.24 26.47
C GLN A 65 13.29 13.18 25.24
N SER A 66 13.13 12.61 24.06
CA SER A 66 13.36 13.34 22.81
C SER A 66 12.27 14.38 22.44
N ARG A 67 11.18 14.42 23.18
CA ARG A 67 10.09 15.36 22.89
C ARG A 67 9.39 15.92 24.14
N VAL A 68 10.10 15.92 25.27
CA VAL A 68 9.54 16.41 26.53
C VAL A 68 10.40 17.51 27.13
N THR A 69 9.75 18.56 27.63
CA THR A 69 10.43 19.64 28.33
C THR A 69 9.65 20.06 29.57
N ILE A 70 10.31 20.02 30.72
CA ILE A 70 9.76 20.56 31.97
C ILE A 70 10.61 21.78 32.33
N SER A 71 9.96 22.87 32.74
CA SER A 71 10.67 24.14 32.97
C SER A 71 9.94 25.09 33.91
N LYS A 72 10.69 26.07 34.43
CA LYS A 72 10.12 27.14 35.27
C LYS A 72 9.59 28.26 34.37
N ASP A 73 8.41 28.78 34.69
CA ASP A 73 7.80 29.86 33.91
C ASP A 73 8.40 31.22 34.27
N ASN A 77 6.28 30.34 41.43
CA ASN A 77 5.74 29.09 41.97
C ASN A 77 5.01 28.29 40.89
N GLN A 78 5.47 28.43 39.65
CA GLN A 78 4.80 27.88 38.48
C GLN A 78 5.81 27.12 37.61
N PHE A 79 5.43 25.93 37.18
CA PHE A 79 6.24 25.13 36.25
C PHE A 79 5.36 24.44 35.24
N SER A 80 5.91 24.14 34.08
CA SER A 80 5.12 23.67 32.95
C SER A 80 5.68 22.38 32.33
N LEU A 81 4.80 21.68 31.60
CA LEU A 81 5.18 20.51 30.82
C LEU A 81 4.88 20.80 29.37
N LYS A 82 5.88 20.60 28.51
CA LYS A 82 5.67 20.67 27.07
C LYS A 82 6.03 19.33 26.45
N LEU A 83 5.03 18.72 25.80
CA LEU A 83 5.21 17.48 25.05
C LEU A 83 4.81 17.75 23.60
N THR A 84 5.71 17.41 22.67
CA THR A 84 5.52 17.68 21.25
C THR A 84 5.33 16.39 20.45
N SER A 85 5.02 16.53 19.16
CA SER A 85 4.89 15.38 18.26
C SER A 85 4.00 14.28 18.84
N LEU A 86 2.77 14.65 19.19
CA LEU A 86 1.88 13.73 19.90
C LEU A 86 1.20 12.72 18.98
N THR A 87 0.67 11.66 19.60
CA THR A 87 -0.21 10.72 18.92
C THR A 87 -1.32 10.36 19.90
N ALA A 88 -2.30 9.57 19.45
CA ALA A 88 -3.40 9.13 20.31
C ALA A 88 -2.88 8.57 21.64
N ALA A 89 -1.79 7.81 21.58
CA ALA A 89 -1.18 7.18 22.76
C ALA A 89 -0.79 8.16 23.87
N ASP A 90 -0.77 9.46 23.58
CA ASP A 90 -0.52 10.48 24.61
C ASP A 90 -1.80 10.93 25.33
N THR A 91 -2.94 10.34 24.94
CA THR A 91 -4.21 10.58 25.61
C THR A 91 -4.15 10.03 27.04
N ALA A 92 -4.36 10.90 28.03
CA ALA A 92 -4.25 10.49 29.42
C ALA A 92 -4.63 11.60 30.40
N VAL A 93 -4.77 11.24 31.67
CA VAL A 93 -4.92 12.22 32.74
C VAL A 93 -3.54 12.59 33.20
N TYR A 94 -3.16 13.84 33.03
CA TYR A 94 -1.84 14.33 33.45
C TYR A 94 -1.91 14.92 34.85
N TYR A 95 -0.97 14.50 35.70
CA TYR A 95 -0.82 15.03 37.05
C TYR A 95 0.53 15.70 37.17
N CYS A 96 0.58 16.86 37.82
CA CYS A 96 1.83 17.35 38.38
C CYS A 96 1.89 16.85 39.83
N ALA A 97 3.11 16.73 40.37
CA ALA A 97 3.28 16.21 41.72
C ALA A 97 4.59 16.69 42.35
N ARG A 98 4.66 16.60 43.68
CA ARG A 98 5.86 17.01 44.42
C ARG A 98 6.70 15.81 44.82
N ASP A 99 7.98 15.82 44.46
CA ASP A 99 8.92 14.78 44.82
C ASP A 99 9.55 15.15 46.19
N ALA A 100 10.83 14.86 46.39
CA ALA A 100 11.52 15.19 47.65
C ALA A 100 12.36 16.47 47.50
N ILE A 101 13.11 16.81 48.54
CA ILE A 101 13.86 18.07 48.57
C ILE A 101 15.10 18.02 47.68
N VAL A 102 15.48 19.18 47.14
CA VAL A 102 16.64 19.31 46.26
C VAL A 102 17.94 19.40 47.05
N MET A 103 17.90 20.12 48.16
CA MET A 103 19.06 20.45 48.98
C MET A 103 20.01 19.26 49.20
N VAL A 104 19.44 18.10 49.49
CA VAL A 104 20.20 16.91 49.81
C VAL A 104 19.35 15.66 49.59
N PHE A 105 20.01 14.53 49.32
CA PHE A 105 19.33 13.24 49.23
C PHE A 105 18.68 12.93 50.57
N THR A 106 17.48 12.32 50.53
CA THR A 106 16.69 12.15 51.76
C THR A 106 16.00 10.79 52.00
N ASP A 107 15.79 9.99 50.94
CA ASP A 107 15.06 8.69 50.98
C ASP A 107 13.61 8.83 50.50
N MET A 108 13.10 10.05 50.50
CA MET A 108 11.85 10.39 49.83
C MET A 108 12.09 10.64 48.34
N ARG A 109 13.36 10.63 47.94
CA ARG A 109 13.75 10.87 46.55
C ARG A 109 13.07 9.89 45.59
N GLY A 110 12.36 10.42 44.61
CA GLY A 110 11.78 9.61 43.52
C GLY A 110 10.31 9.24 43.68
N ARG A 111 9.76 9.37 44.89
CA ARG A 111 8.32 9.16 45.08
C ARG A 111 7.64 10.51 45.26
N VAL A 112 6.35 10.56 44.98
CA VAL A 112 5.57 11.79 45.14
C VAL A 112 4.72 11.70 46.41
N ASP A 113 4.60 12.83 47.11
CA ASP A 113 3.73 12.90 48.31
C ASP A 113 2.45 13.68 48.04
N VAL A 114 2.55 14.79 47.31
CA VAL A 114 1.38 15.61 46.98
C VAL A 114 1.11 15.59 45.48
N TRP A 115 -0.16 15.43 45.12
CA TRP A 115 -0.59 15.40 43.73
C TRP A 115 -1.50 16.59 43.42
N GLY A 116 -1.54 16.97 42.15
CA GLY A 116 -2.58 17.87 41.66
C GLY A 116 -3.84 17.05 41.42
N PRO A 117 -4.96 17.73 41.13
CA PRO A 117 -6.20 16.98 40.85
C PRO A 117 -6.16 16.20 39.53
N GLY A 118 -5.34 16.66 38.59
CA GLY A 118 -5.16 15.98 37.31
C GLY A 118 -5.96 16.63 36.19
N ILE A 119 -5.43 16.54 34.97
CA ILE A 119 -6.07 17.12 33.79
C ILE A 119 -6.19 16.08 32.66
N LEU A 120 -7.41 15.92 32.15
CA LEU A 120 -7.65 15.03 31.02
C LEU A 120 -7.23 15.72 29.73
N VAL A 121 -6.18 15.21 29.09
CA VAL A 121 -5.75 15.72 27.79
C VAL A 121 -6.12 14.71 26.72
N THR A 122 -6.90 15.15 25.74
CA THR A 122 -7.40 14.29 24.68
C THR A 122 -6.64 14.60 23.39
N VAL A 123 -5.94 13.60 22.87
CA VAL A 123 -5.20 13.73 21.62
C VAL A 123 -5.99 13.12 20.47
N SER A 124 -6.53 13.98 19.62
CA SER A 124 -7.40 13.53 18.53
C SER A 124 -7.61 14.64 17.49
N SER A 125 -7.96 14.22 16.28
CA SER A 125 -8.24 15.14 15.17
C SER A 125 -9.74 15.46 15.06
N ALA A 126 -10.55 14.95 15.97
CA ALA A 126 -11.99 15.15 15.93
C ALA A 126 -12.37 16.57 16.38
N SER A 127 -13.40 17.12 15.75
CA SER A 127 -13.91 18.43 16.12
C SER A 127 -14.78 18.29 17.36
N THR A 128 -14.87 19.37 18.15
CA THR A 128 -15.77 19.41 19.29
C THR A 128 -17.20 19.34 18.78
N LYS A 129 -17.96 18.34 19.24
CA LYS A 129 -19.32 18.10 18.77
C LYS A 129 -20.24 17.74 19.94
N GLY A 130 -21.46 18.30 19.92
CA GLY A 130 -22.45 18.02 20.96
C GLY A 130 -23.19 16.72 20.70
N PRO A 131 -23.72 16.09 21.76
CA PRO A 131 -24.37 14.79 21.64
C PRO A 131 -25.75 14.85 21.02
N SER A 132 -26.13 13.78 20.32
CA SER A 132 -27.52 13.51 20.02
C SER A 132 -28.01 12.63 21.15
N VAL A 133 -29.12 13.02 21.78
CA VAL A 133 -29.69 12.26 22.88
C VAL A 133 -30.90 11.51 22.37
N PHE A 134 -30.82 10.18 22.38
CA PHE A 134 -31.91 9.33 21.91
C PHE A 134 -32.57 8.61 23.08
N PRO A 135 -33.89 8.41 23.01
CA PRO A 135 -34.57 7.78 24.13
C PRO A 135 -34.35 6.27 24.13
N LEU A 136 -34.17 5.71 25.32
CA LEU A 136 -34.30 4.28 25.53
C LEU A 136 -35.66 4.08 26.20
N ALA A 137 -36.69 3.90 25.38
CA ALA A 137 -38.06 3.84 25.87
C ALA A 137 -38.29 2.60 26.71
N PRO A 138 -39.08 2.73 27.79
CA PRO A 138 -39.43 1.54 28.56
C PRO A 138 -40.35 0.63 27.75
N SER A 139 -40.14 -0.68 27.86
CA SER A 139 -40.92 -1.66 27.12
C SER A 139 -42.40 -1.56 27.50
N SER A 140 -43.27 -1.78 26.53
CA SER A 140 -44.72 -1.82 26.76
C SER A 140 -45.13 -3.13 27.46
N LYS A 141 -44.31 -4.17 27.29
CA LYS A 141 -44.52 -5.45 27.96
C LYS A 141 -44.15 -5.33 29.44
N THR A 143 -46.46 -4.70 33.27
CA THR A 143 -47.47 -4.94 34.30
C THR A 143 -47.05 -4.35 35.64
N SER A 144 -47.97 -3.67 36.31
CA SER A 144 -47.68 -3.00 37.58
C SER A 144 -47.31 -4.00 38.66
N GLY A 145 -46.34 -3.62 39.49
CA GLY A 145 -45.74 -4.53 40.48
C GLY A 145 -44.32 -4.88 40.10
N GLY A 146 -44.01 -4.85 38.80
CA GLY A 146 -42.67 -5.14 38.29
C GLY A 146 -41.85 -3.87 38.08
N THR A 147 -40.63 -4.03 37.60
CA THR A 147 -39.72 -2.91 37.40
C THR A 147 -39.43 -2.69 35.92
N ALA A 148 -39.51 -1.44 35.49
CA ALA A 148 -39.20 -1.05 34.12
C ALA A 148 -37.83 -0.37 34.06
N ALA A 149 -37.12 -0.60 32.96
CA ALA A 149 -35.89 0.12 32.69
C ALA A 149 -36.15 1.15 31.60
N LEU A 150 -35.52 2.32 31.73
CA LEU A 150 -35.56 3.33 30.69
C LEU A 150 -34.26 4.12 30.75
N GLY A 151 -34.00 4.92 29.72
CA GLY A 151 -32.76 5.68 29.68
C GLY A 151 -32.62 6.64 28.52
N CYS A 152 -31.40 7.16 28.36
CA CYS A 152 -31.04 7.97 27.22
C CYS A 152 -29.72 7.48 26.63
N LEU A 153 -29.68 7.37 25.31
CA LEU A 153 -28.44 7.11 24.58
C LEU A 153 -27.83 8.46 24.21
N VAL A 154 -26.74 8.83 24.90
CA VAL A 154 -26.03 10.07 24.61
C VAL A 154 -24.93 9.74 23.63
N LYS A 155 -25.18 10.00 22.34
CA LYS A 155 -24.39 9.44 21.26
C LYS A 155 -23.64 10.49 20.43
N ASP A 156 -22.42 10.14 20.03
CA ASP A 156 -21.63 10.92 19.06
C ASP A 156 -21.31 12.34 19.55
N TYR A 157 -20.62 12.43 20.68
CA TYR A 157 -20.10 13.71 21.18
C TYR A 157 -18.58 13.63 21.32
N PHE A 158 -17.95 14.79 21.38
CA PHE A 158 -16.51 14.88 21.56
C PHE A 158 -16.08 16.27 22.02
N PRO A 159 -15.17 16.35 23.01
CA PRO A 159 -14.56 15.25 23.75
C PRO A 159 -15.38 14.89 24.97
N GLU A 160 -14.84 14.03 25.82
CA GLU A 160 -15.35 13.85 27.18
C GLU A 160 -15.14 15.17 27.92
N PRO A 161 -15.92 15.43 28.99
CA PRO A 161 -17.00 14.61 29.52
C PRO A 161 -18.39 15.19 29.26
N VAL A 162 -19.40 14.35 29.49
CA VAL A 162 -20.79 14.79 29.54
C VAL A 162 -21.33 14.42 30.92
N THR A 163 -22.22 15.25 31.46
CA THR A 163 -22.94 14.89 32.68
C THR A 163 -24.37 14.50 32.32
N VAL A 164 -24.91 13.54 33.07
CA VAL A 164 -26.30 13.12 32.91
C VAL A 164 -26.96 13.00 34.28
N SER A 165 -28.04 13.76 34.46
CA SER A 165 -28.90 13.63 35.63
C SER A 165 -30.32 13.33 35.13
N TRP A 166 -31.23 13.07 36.09
CA TRP A 166 -32.61 12.75 35.77
C TRP A 166 -33.59 13.61 36.54
N ASN A 167 -34.53 14.21 35.84
CA ASN A 167 -35.52 15.13 36.41
C ASN A 167 -34.87 16.23 37.25
N SER A 168 -33.80 16.80 36.70
CA SER A 168 -33.07 17.92 37.31
C SER A 168 -32.49 17.60 38.68
N GLY A 169 -32.05 16.35 38.86
CA GLY A 169 -31.41 15.92 40.10
C GLY A 169 -32.36 15.30 41.11
N ALA A 170 -33.66 15.41 40.86
CA ALA A 170 -34.68 14.85 41.76
C ALA A 170 -34.69 13.31 41.73
N LEU A 171 -34.42 12.72 40.56
CA LEU A 171 -34.38 11.27 40.42
C LEU A 171 -32.94 10.75 40.50
N THR A 172 -32.60 10.15 41.63
CA THR A 172 -31.25 9.64 41.88
C THR A 172 -31.24 8.12 42.06
N SER A 173 -32.21 7.60 42.80
CA SER A 173 -32.28 6.17 43.08
C SER A 173 -32.41 5.35 41.79
N GLY A 174 -31.61 4.29 41.69
CA GLY A 174 -31.67 3.37 40.55
C GLY A 174 -31.06 3.90 39.26
N VAL A 175 -30.35 5.02 39.33
CA VAL A 175 -29.73 5.60 38.14
C VAL A 175 -28.34 5.01 37.95
N HIS A 176 -28.05 4.56 36.72
CA HIS A 176 -26.71 4.15 36.35
C HIS A 176 -26.29 4.88 35.08
N THR A 177 -25.26 5.71 35.19
CA THR A 177 -24.66 6.37 34.05
C THR A 177 -23.31 5.71 33.75
N PHE A 178 -23.22 5.11 32.58
CA PHE A 178 -22.10 4.26 32.24
C PHE A 178 -20.91 5.07 31.73
N PRO A 179 -19.69 4.52 31.86
CA PRO A 179 -18.53 5.14 31.24
C PRO A 179 -18.72 5.23 29.73
N ALA A 180 -18.30 6.34 29.14
CA ALA A 180 -18.35 6.51 27.70
C ALA A 180 -17.39 5.53 27.03
N VAL A 181 -17.73 5.09 25.80
CA VAL A 181 -16.81 4.32 24.97
C VAL A 181 -16.46 5.12 23.71
N LEU A 182 -15.20 5.03 23.30
CA LEU A 182 -14.76 5.67 22.07
C LEU A 182 -15.11 4.79 20.89
N GLN A 183 -16.03 5.26 20.05
CA GLN A 183 -16.44 4.53 18.85
C GLN A 183 -15.34 4.59 17.77
N SER A 184 -15.52 3.85 16.69
CA SER A 184 -14.54 3.82 15.61
C SER A 184 -14.50 5.13 14.82
N SER A 185 -15.55 5.93 14.95
CA SER A 185 -15.61 7.26 14.33
C SER A 185 -14.74 8.28 15.07
N GLY A 186 -14.31 7.95 16.28
CA GLY A 186 -13.53 8.88 17.10
C GLY A 186 -14.41 9.74 17.99
N LEU A 187 -15.72 9.49 17.95
CA LEU A 187 -16.69 10.19 18.79
C LEU A 187 -17.09 9.28 19.95
N TYR A 188 -17.51 9.90 21.06
CA TYR A 188 -17.91 9.16 22.25
C TYR A 188 -19.40 8.82 22.23
N SER A 189 -19.75 7.81 23.03
CA SER A 189 -21.13 7.40 23.20
C SER A 189 -21.31 6.81 24.59
N LEU A 190 -22.40 7.18 25.26
CA LEU A 190 -22.77 6.53 26.51
C LEU A 190 -24.27 6.49 26.67
N SER A 191 -24.72 5.52 27.46
CA SER A 191 -26.12 5.43 27.85
C SER A 191 -26.22 5.72 29.33
N SER A 192 -27.28 6.43 29.70
CA SER A 192 -27.62 6.63 31.10
C SER A 192 -28.99 6.02 31.31
N VAL A 193 -29.07 5.10 32.27
CA VAL A 193 -30.28 4.32 32.47
C VAL A 193 -30.80 4.52 33.88
N VAL A 194 -32.09 4.29 34.06
CA VAL A 194 -32.70 4.37 35.39
C VAL A 194 -33.73 3.25 35.51
N THR A 195 -33.85 2.69 36.71
CA THR A 195 -34.81 1.64 37.00
C THR A 195 -35.92 2.23 37.88
N VAL A 196 -37.17 2.06 37.43
CA VAL A 196 -38.34 2.60 38.14
C VAL A 196 -39.49 1.60 38.10
N PRO A 197 -40.51 1.80 38.98
CA PRO A 197 -41.65 0.89 38.95
C PRO A 197 -42.47 1.05 37.68
N SER A 198 -42.88 -0.07 37.09
CA SER A 198 -43.74 -0.07 35.90
C SER A 198 -44.98 0.81 36.08
N SER A 199 -45.58 0.76 37.26
CA SER A 199 -46.81 1.51 37.56
C SER A 199 -46.67 3.03 37.49
N SER A 200 -45.45 3.54 37.61
CA SER A 200 -45.20 4.98 37.56
C SER A 200 -45.11 5.55 36.14
N LEU A 201 -45.03 4.68 35.13
CA LEU A 201 -44.86 5.14 33.73
C LEU A 201 -46.03 5.99 33.25
N GLY A 202 -47.25 5.64 33.67
CA GLY A 202 -48.44 6.41 33.31
C GLY A 202 -48.59 7.70 34.10
N THR A 203 -47.91 7.78 35.25
CA THR A 203 -48.06 8.91 36.17
C THR A 203 -46.86 9.86 36.18
N GLN A 204 -45.64 9.31 36.17
CA GLN A 204 -44.42 10.11 36.32
C GLN A 204 -43.79 10.42 34.97
N THR A 205 -43.21 11.61 34.86
CA THR A 205 -42.46 11.99 33.68
C THR A 205 -40.99 11.77 33.95
N TYR A 206 -40.28 11.26 32.96
CA TYR A 206 -38.86 10.99 33.09
C TYR A 206 -38.11 11.75 32.01
N ILE A 207 -37.32 12.72 32.47
CA ILE A 207 -36.51 13.55 31.59
C ILE A 207 -35.05 13.37 32.01
N CYS A 208 -34.19 13.03 31.05
CA CYS A 208 -32.75 13.00 31.29
C CYS A 208 -32.15 14.34 30.89
N ASN A 209 -31.30 14.90 31.75
CA ASN A 209 -30.67 16.19 31.50
C ASN A 209 -29.21 16.01 31.12
N VAL A 210 -28.95 16.02 29.81
CA VAL A 210 -27.61 15.88 29.29
C VAL A 210 -26.94 17.25 29.21
N ASN A 211 -25.74 17.38 29.78
CA ASN A 211 -24.93 18.59 29.63
C ASN A 211 -23.56 18.21 29.08
N HIS A 212 -23.19 18.85 27.96
CA HIS A 212 -21.87 18.69 27.37
C HIS A 212 -21.25 20.09 27.29
N LYS A 213 -20.45 20.44 28.30
CA LYS A 213 -19.89 21.78 28.43
C LYS A 213 -18.96 22.20 27.29
N PRO A 214 -18.11 21.29 26.80
CA PRO A 214 -17.16 21.66 25.73
C PRO A 214 -17.81 22.21 24.46
N SER A 215 -18.96 21.66 24.09
CA SER A 215 -19.71 22.13 22.92
C SER A 215 -20.84 23.08 23.32
N ASN A 216 -20.97 23.35 24.61
CA ASN A 216 -22.05 24.19 25.16
C ASN A 216 -23.46 23.77 24.73
N THR A 217 -23.75 22.47 24.76
CA THR A 217 -25.11 21.99 24.51
C THR A 217 -25.69 21.33 25.77
N LYS A 218 -26.86 21.80 26.19
CA LYS A 218 -27.67 21.16 27.21
C LYS A 218 -28.90 20.60 26.51
N VAL A 219 -29.31 19.39 26.88
CA VAL A 219 -30.44 18.71 26.25
C VAL A 219 -31.31 17.99 27.27
N ASP A 220 -32.57 18.41 27.38
CA ASP A 220 -33.56 17.73 28.20
C ASP A 220 -34.40 16.83 27.31
N LYS A 221 -34.29 15.52 27.49
CA LYS A 221 -35.07 14.56 26.71
C LYS A 221 -36.09 13.82 27.57
N ARG A 222 -37.36 14.06 27.29
CA ARG A 222 -38.45 13.27 27.89
C ARG A 222 -38.43 11.87 27.27
N VAL A 223 -38.32 10.86 28.12
CA VAL A 223 -38.35 9.47 27.66
C VAL A 223 -39.68 8.85 28.12
N GLU A 224 -40.48 8.42 27.14
CA GLU A 224 -41.82 7.92 27.41
C GLU A 224 -42.02 6.53 26.79
N PRO A 225 -43.01 5.78 27.29
CA PRO A 225 -43.32 4.50 26.65
C PRO A 225 -43.82 4.72 25.23
N LYS A 226 -43.17 4.05 24.27
CA LYS A 226 -43.59 4.14 22.87
C LYS A 226 -44.91 3.40 22.68
N SER A 227 -45.77 3.95 21.83
CA SER A 227 -47.10 3.37 21.59
C SER A 227 -47.36 3.18 20.10
N CYS A 228 -46.87 2.08 19.51
CA CYS A 228 -46.08 1.06 20.19
C CYS A 228 -45.06 0.45 19.23
N ASP B 1 14.48 0.00 32.05
CA ASP B 1 13.28 0.24 32.91
C ASP B 1 13.02 -0.98 33.81
N ILE B 2 12.87 -0.73 35.10
CA ILE B 2 12.57 -1.79 36.08
C ILE B 2 11.07 -2.10 36.04
N GLN B 3 10.72 -3.32 35.65
CA GLN B 3 9.32 -3.73 35.53
C GLN B 3 8.73 -4.07 36.91
N MET B 4 7.55 -3.53 37.18
CA MET B 4 6.87 -3.71 38.46
C MET B 4 5.57 -4.50 38.27
N SER B 5 5.46 -5.63 38.95
CA SER B 5 4.33 -6.56 38.77
C SER B 5 3.58 -6.75 40.08
N GLN B 6 2.29 -6.40 40.08
CA GLN B 6 1.46 -6.57 41.27
C GLN B 6 0.61 -7.83 41.18
N SER B 7 0.48 -8.52 42.32
CA SER B 7 -0.42 -9.67 42.43
C SER B 7 -1.21 -9.59 43.76
N PRO B 8 -2.54 -9.80 43.71
CA PRO B 8 -3.35 -10.05 42.52
C PRO B 8 -3.78 -8.73 41.88
N SER B 9 -4.39 -8.82 40.71
CA SER B 9 -4.89 -7.62 40.03
C SER B 9 -6.25 -7.21 40.59
N SER B 10 -7.08 -8.20 40.90
CA SER B 10 -8.37 -8.00 41.55
C SER B 10 -8.42 -8.80 42.85
N LEU B 11 -9.36 -8.45 43.72
CA LEU B 11 -9.40 -9.00 45.07
C LEU B 11 -10.72 -8.65 45.77
N SER B 12 -11.39 -9.66 46.32
CA SER B 12 -12.68 -9.48 47.00
C SER B 12 -12.52 -9.62 48.51
N ALA B 13 -12.95 -8.59 49.24
CA ALA B 13 -12.76 -8.54 50.69
C ALA B 13 -13.97 -7.92 51.39
N SER B 14 -14.05 -8.16 52.70
CA SER B 14 -15.10 -7.59 53.53
C SER B 14 -14.49 -6.67 54.57
N VAL B 15 -15.33 -5.82 55.16
CA VAL B 15 -14.93 -5.00 56.30
C VAL B 15 -14.45 -5.90 57.44
N GLY B 16 -13.25 -5.63 57.93
CA GLY B 16 -12.65 -6.42 59.02
C GLY B 16 -11.66 -7.48 58.54
N ASP B 17 -11.51 -7.62 57.22
CA ASP B 17 -10.57 -8.59 56.66
C ASP B 17 -9.17 -8.02 56.64
N THR B 18 -8.18 -8.90 56.76
CA THR B 18 -6.79 -8.54 56.56
C THR B 18 -6.42 -8.91 55.14
N VAL B 19 -5.97 -7.92 54.38
CA VAL B 19 -5.65 -8.08 52.98
C VAL B 19 -4.20 -7.68 52.73
N THR B 20 -3.51 -8.44 51.89
CA THR B 20 -2.12 -8.15 51.52
C THR B 20 -1.95 -8.14 50.00
N ILE B 21 -1.13 -7.22 49.50
CA ILE B 21 -0.93 -7.05 48.06
C ILE B 21 0.55 -7.11 47.72
N THR B 22 0.91 -8.06 46.86
CA THR B 22 2.30 -8.27 46.49
C THR B 22 2.73 -7.35 45.35
N CYS B 23 3.96 -6.86 45.43
CA CYS B 23 4.59 -6.12 44.34
C CYS B 23 5.98 -6.68 44.10
N ARG B 24 6.21 -7.14 42.87
CA ARG B 24 7.49 -7.71 42.48
C ARG B 24 8.22 -6.77 41.51
N ALA B 25 9.51 -6.59 41.74
CA ALA B 25 10.37 -5.76 40.90
C ALA B 25 11.32 -6.64 40.10
N SER B 26 11.53 -6.28 38.83
CA SER B 26 12.37 -7.07 37.92
C SER B 26 13.83 -7.17 38.38
N GLN B 27 14.31 -6.12 39.05
CA GLN B 27 15.64 -6.11 39.67
C GLN B 27 15.53 -5.66 41.11
N GLY B 28 16.65 -5.70 41.82
CA GLY B 28 16.75 -5.08 43.15
C GLY B 28 16.50 -3.59 43.07
N ILE B 29 15.94 -3.03 44.14
CA ILE B 29 15.62 -1.60 44.20
C ILE B 29 16.09 -0.93 45.51
N SER B 30 17.02 -1.59 46.20
CA SER B 30 17.49 -1.13 47.51
C SER B 30 16.35 -0.76 48.46
N ASN B 31 15.24 -1.51 48.36
CA ASN B 31 14.07 -1.35 49.23
C ASN B 31 13.36 0.00 49.09
N TYR B 32 13.56 0.69 47.97
CA TYR B 32 12.83 1.93 47.70
C TYR B 32 11.54 1.60 46.96
N LEU B 33 10.52 1.20 47.71
CA LEU B 33 9.21 0.93 47.16
C LEU B 33 8.13 1.77 47.84
N ALA B 34 7.34 2.46 47.03
CA ALA B 34 6.26 3.29 47.51
C ALA B 34 4.90 2.67 47.14
N TRP B 35 3.90 2.96 47.95
CA TRP B 35 2.52 2.52 47.68
C TRP B 35 1.58 3.71 47.62
N TYR B 36 0.63 3.64 46.69
CA TYR B 36 -0.39 4.68 46.54
C TYR B 36 -1.77 4.06 46.52
N GLN B 37 -2.76 4.86 46.90
CA GLN B 37 -4.16 4.49 46.85
C GLN B 37 -4.88 5.42 45.88
N GLN B 38 -5.80 4.87 45.11
CA GLN B 38 -6.57 5.65 44.16
C GLN B 38 -8.01 5.15 44.08
N LYS B 39 -8.95 6.09 44.17
CA LYS B 39 -10.36 5.81 44.01
C LYS B 39 -10.82 6.45 42.70
N PRO B 40 -11.86 5.88 42.05
CA PRO B 40 -12.28 6.33 40.72
C PRO B 40 -12.43 7.84 40.60
N GLY B 41 -11.85 8.41 39.54
CA GLY B 41 -12.00 9.83 39.23
C GLY B 41 -11.17 10.78 40.08
N LYS B 42 -10.31 10.23 40.94
CA LYS B 42 -9.47 11.03 41.82
C LYS B 42 -7.99 10.79 41.57
N ALA B 43 -7.18 11.79 41.91
CA ALA B 43 -5.73 11.65 41.85
C ALA B 43 -5.29 10.66 42.93
N PRO B 44 -4.25 9.85 42.65
CA PRO B 44 -3.78 8.91 43.66
C PRO B 44 -3.29 9.61 44.94
N LYS B 45 -3.39 8.92 46.07
CA LYS B 45 -2.88 9.42 47.34
C LYS B 45 -1.68 8.59 47.79
N SER B 46 -0.65 9.27 48.27
CA SER B 46 0.58 8.62 48.73
C SER B 46 0.35 7.92 50.06
N LEU B 47 0.77 6.66 50.15
CA LEU B 47 0.53 5.82 51.32
C LEU B 47 1.84 5.51 52.05
N ILE B 48 2.80 4.91 51.34
CA ILE B 48 4.08 4.46 51.92
C ILE B 48 5.20 4.79 50.93
N TYR B 49 6.43 5.00 51.41
CA TYR B 49 7.51 5.49 50.51
C TYR B 49 8.94 4.95 50.65
N TYR B 50 9.20 3.96 51.50
CA TYR B 50 10.56 3.38 51.57
C TYR B 50 10.43 1.99 52.17
N THR B 51 9.66 1.16 51.47
CA THR B 51 9.14 -0.12 51.96
C THR B 51 8.11 0.04 53.09
N SER B 52 8.51 0.70 54.17
CA SER B 52 7.75 0.65 55.42
C SER B 52 7.23 1.98 55.95
N HIS B 53 7.65 3.07 55.35
CA HIS B 53 7.42 4.40 55.91
C HIS B 53 6.03 4.94 55.54
N LEU B 54 5.14 5.05 56.54
CA LEU B 54 3.81 5.61 56.32
C LEU B 54 3.87 7.10 56.08
N GLU B 55 3.10 7.56 55.10
CA GLU B 55 2.95 8.98 54.87
C GLU B 55 2.09 9.54 56.00
N SER B 56 2.27 10.82 56.32
CA SER B 56 1.55 11.43 57.44
C SER B 56 0.04 11.35 57.22
N GLY B 57 -0.68 10.94 58.26
CA GLY B 57 -2.13 10.85 58.21
C GLY B 57 -2.65 9.46 57.88
N VAL B 58 -1.79 8.61 57.32
CA VAL B 58 -2.21 7.28 56.89
C VAL B 58 -2.48 6.42 58.12
N PRO B 59 -3.68 5.82 58.19
CA PRO B 59 -4.02 4.96 59.33
C PRO B 59 -3.02 3.82 59.51
N SER B 60 -2.70 3.51 60.77
CA SER B 60 -1.68 2.53 61.09
C SER B 60 -2.02 1.09 60.65
N ARG B 61 -3.26 0.86 60.24
CA ARG B 61 -3.67 -0.43 59.66
C ARG B 61 -3.02 -0.71 58.30
N PHE B 62 -2.49 0.34 57.64
CA PHE B 62 -1.69 0.18 56.43
C PHE B 62 -0.23 -0.01 56.82
N SER B 63 0.33 -1.17 56.48
CA SER B 63 1.74 -1.44 56.76
C SER B 63 2.44 -2.01 55.53
N GLY B 64 3.67 -1.58 55.30
CA GLY B 64 4.47 -2.04 54.18
C GLY B 64 5.66 -2.85 54.64
N SER B 65 5.90 -3.97 53.98
CA SER B 65 7.06 -4.81 54.24
C SER B 65 7.66 -5.28 52.90
N GLY B 66 8.67 -6.14 52.98
CA GLY B 66 9.29 -6.71 51.80
C GLY B 66 10.76 -6.35 51.71
N SER B 67 11.44 -6.95 50.74
CA SER B 67 12.86 -6.75 50.55
C SER B 67 13.27 -7.34 49.21
N GLY B 68 14.50 -7.05 48.78
CA GLY B 68 15.01 -7.56 47.51
C GLY B 68 14.09 -7.21 46.35
N THR B 69 13.36 -8.21 45.87
CA THR B 69 12.41 -8.03 44.76
C THR B 69 10.93 -8.19 45.13
N ASP B 70 10.64 -8.76 46.30
CA ASP B 70 9.26 -9.02 46.72
C ASP B 70 8.80 -8.08 47.84
N PHE B 71 7.69 -7.39 47.62
CA PHE B 71 7.15 -6.44 48.60
C PHE B 71 5.66 -6.62 48.85
N SER B 72 5.21 -6.28 50.06
CA SER B 72 3.83 -6.50 50.46
C SER B 72 3.21 -5.23 51.05
N LEU B 73 2.00 -4.89 50.59
CA LEU B 73 1.16 -3.89 51.25
C LEU B 73 0.10 -4.65 52.02
N THR B 74 0.06 -4.48 53.33
CA THR B 74 -0.90 -5.18 54.16
C THR B 74 -1.86 -4.18 54.80
N ILE B 75 -3.16 -4.46 54.67
CA ILE B 75 -4.20 -3.67 55.30
C ILE B 75 -4.87 -4.57 56.34
N SER B 76 -4.70 -4.24 57.61
CA SER B 76 -5.23 -5.05 58.70
C SER B 76 -6.55 -4.50 59.18
N SER B 77 -7.61 -5.31 59.08
CA SER B 77 -8.97 -4.90 59.43
C SER B 77 -9.44 -3.82 58.46
N LEU B 78 -9.87 -4.26 57.29
CA LEU B 78 -10.27 -3.38 56.19
C LEU B 78 -11.50 -2.55 56.57
N GLN B 79 -11.50 -1.29 56.15
CA GLN B 79 -12.57 -0.37 56.42
C GLN B 79 -13.28 0.01 55.11
N PRO B 80 -14.51 0.54 55.19
CA PRO B 80 -15.24 0.93 53.98
C PRO B 80 -14.51 1.92 53.05
N GLU B 81 -13.69 2.79 53.62
CA GLU B 81 -12.95 3.72 52.81
C GLU B 81 -11.71 3.15 52.11
N ASP B 82 -11.36 1.91 52.43
CA ASP B 82 -10.15 1.27 51.88
C ASP B 82 -10.39 0.58 50.54
N PHE B 83 -11.66 0.44 50.14
CA PHE B 83 -12.00 -0.20 48.89
C PHE B 83 -11.63 0.72 47.74
N ALA B 84 -10.57 0.35 47.03
CA ALA B 84 -9.95 1.21 46.04
C ALA B 84 -8.89 0.43 45.28
N THR B 85 -8.17 1.10 44.38
CA THR B 85 -7.04 0.52 43.67
C THR B 85 -5.74 0.94 44.34
N TYR B 86 -4.83 -0.01 44.51
CA TYR B 86 -3.53 0.25 45.12
C TYR B 86 -2.41 -0.01 44.13
N TYR B 87 -1.48 0.93 44.02
CA TYR B 87 -0.34 0.81 43.12
C TYR B 87 0.95 0.80 43.91
N CYS B 88 1.94 0.03 43.44
CA CYS B 88 3.30 0.13 43.96
C CYS B 88 4.14 0.89 42.96
N GLN B 89 5.22 1.50 43.45
CA GLN B 89 6.13 2.25 42.62
C GLN B 89 7.55 2.15 43.18
N GLN B 90 8.45 1.63 42.36
CA GLN B 90 9.87 1.69 42.65
C GLN B 90 10.32 3.13 42.49
N HIS B 91 11.12 3.62 43.44
CA HIS B 91 11.69 4.97 43.32
C HIS B 91 13.19 5.01 43.60
N ASN B 92 13.87 3.91 43.26
CA ASN B 92 15.32 3.84 43.31
C ASN B 92 15.94 4.37 42.02
N SER B 93 15.48 3.87 40.88
CA SER B 93 16.10 4.11 39.58
C SER B 93 15.29 4.99 38.64
N TYR B 94 15.94 5.47 37.58
CA TYR B 94 15.31 6.23 36.51
C TYR B 94 15.06 5.33 35.31
N PRO B 95 13.87 5.41 34.68
CA PRO B 95 12.73 6.22 35.08
C PRO B 95 12.00 5.52 36.23
N ARG B 96 11.16 6.27 36.93
CA ARG B 96 10.34 5.69 37.99
C ARG B 96 9.24 4.88 37.31
N THR B 97 8.97 3.68 37.83
CA THR B 97 8.00 2.78 37.20
C THR B 97 6.99 2.26 38.20
N PHE B 98 5.80 1.97 37.69
CA PHE B 98 4.65 1.59 38.50
C PHE B 98 4.15 0.20 38.13
N GLY B 99 3.49 -0.45 39.09
CA GLY B 99 2.73 -1.66 38.82
C GLY B 99 1.42 -1.33 38.15
N GLN B 100 0.71 -2.35 37.70
CA GLN B 100 -0.56 -2.16 36.99
C GLN B 100 -1.73 -1.90 37.95
N GLY B 101 -1.47 -2.04 39.26
CA GLY B 101 -2.48 -1.78 40.28
C GLY B 101 -3.18 -3.03 40.76
N THR B 102 -3.70 -2.99 41.99
CA THR B 102 -4.48 -4.08 42.56
C THR B 102 -5.79 -3.50 43.07
N LYS B 103 -6.90 -3.90 42.45
CA LYS B 103 -8.22 -3.37 42.84
C LYS B 103 -8.83 -4.19 43.97
N VAL B 104 -9.08 -3.52 45.09
CA VAL B 104 -9.70 -4.14 46.26
C VAL B 104 -11.19 -3.83 46.22
N GLU B 105 -11.99 -4.87 45.96
CA GLU B 105 -13.43 -4.73 45.75
C GLU B 105 -14.22 -5.36 46.91
N ILE B 106 -15.51 -5.05 46.95
CA ILE B 106 -16.39 -5.43 48.06
C ILE B 106 -17.07 -6.77 47.78
N LYS B 107 -16.83 -7.75 48.65
CA LYS B 107 -17.46 -9.06 48.51
C LYS B 107 -18.90 -9.04 48.99
N ARG B 108 -19.80 -9.59 48.20
CA ARG B 108 -21.20 -9.76 48.58
C ARG B 108 -21.73 -11.08 48.01
N THR B 109 -22.96 -11.41 48.36
CA THR B 109 -23.61 -12.60 47.83
C THR B 109 -23.80 -12.46 46.33
N VAL B 110 -24.00 -13.59 45.66
CA VAL B 110 -24.29 -13.59 44.23
C VAL B 110 -25.65 -12.97 44.00
N ALA B 111 -25.78 -12.22 42.91
CA ALA B 111 -27.05 -11.59 42.53
C ALA B 111 -27.22 -11.66 41.02
N ALA B 112 -28.28 -12.33 40.57
CA ALA B 112 -28.59 -12.40 39.16
C ALA B 112 -28.94 -11.01 38.65
N PRO B 113 -28.53 -10.70 37.40
CA PRO B 113 -28.92 -9.42 36.79
C PRO B 113 -30.37 -9.44 36.31
N SER B 114 -30.99 -8.27 36.30
CA SER B 114 -32.21 -8.05 35.55
C SER B 114 -31.79 -7.55 34.18
N VAL B 115 -32.37 -8.15 33.14
CA VAL B 115 -31.95 -7.85 31.77
C VAL B 115 -33.04 -7.06 31.06
N PHE B 116 -32.62 -6.01 30.35
CA PHE B 116 -33.52 -5.22 29.54
C PHE B 116 -32.90 -5.02 28.16
N ILE B 117 -33.74 -5.04 27.14
CA ILE B 117 -33.30 -4.80 25.77
C ILE B 117 -34.06 -3.58 25.21
N PHE B 118 -33.34 -2.73 24.48
CA PHE B 118 -33.90 -1.49 23.94
C PHE B 118 -33.68 -1.42 22.43
N PRO B 119 -34.75 -1.29 21.64
CA PRO B 119 -34.55 -1.11 20.21
C PRO B 119 -34.03 0.28 19.89
N PRO B 120 -33.39 0.45 18.72
CA PRO B 120 -33.05 1.81 18.31
C PRO B 120 -34.31 2.64 18.20
N SER B 121 -34.26 3.88 18.67
CA SER B 121 -35.40 4.79 18.53
C SER B 121 -35.56 5.16 17.07
N ASP B 122 -36.78 5.54 16.68
CA ASP B 122 -37.05 6.04 15.33
C ASP B 122 -36.22 7.29 15.05
N GLU B 123 -36.00 8.09 16.09
CA GLU B 123 -35.23 9.34 15.99
C GLU B 123 -33.81 9.08 15.49
N GLN B 124 -33.18 8.04 16.02
CA GLN B 124 -31.83 7.65 15.61
C GLN B 124 -31.82 7.10 14.18
N LEU B 125 -32.88 6.36 13.83
CA LEU B 125 -32.96 5.73 12.51
C LEU B 125 -32.96 6.76 11.37
N LYS B 126 -33.58 7.90 11.59
CA LYS B 126 -33.53 9.04 10.68
C LYS B 126 -32.14 9.40 10.19
N SER B 127 -31.16 9.32 11.09
CA SER B 127 -29.77 9.67 10.78
C SER B 127 -29.09 8.64 9.88
N GLY B 128 -29.51 7.38 10.00
CA GLY B 128 -28.98 6.30 9.16
C GLY B 128 -28.16 5.25 9.89
N THR B 129 -28.12 5.34 11.22
CA THR B 129 -27.45 4.32 12.05
C THR B 129 -28.41 3.81 13.11
N ALA B 130 -28.17 2.58 13.57
CA ALA B 130 -29.03 1.93 14.55
C ALA B 130 -28.20 1.37 15.70
N SER B 131 -28.53 1.80 16.91
CA SER B 131 -27.92 1.29 18.14
C SER B 131 -28.95 0.46 18.87
N VAL B 132 -28.57 -0.76 19.26
CA VAL B 132 -29.41 -1.63 20.06
C VAL B 132 -28.71 -1.86 21.38
N VAL B 133 -29.40 -1.58 22.49
CA VAL B 133 -28.79 -1.60 23.82
C VAL B 133 -29.36 -2.71 24.69
N CYS B 134 -28.47 -3.45 25.36
CA CYS B 134 -28.85 -4.45 26.34
C CYS B 134 -28.31 -4.07 27.71
N LEU B 135 -29.21 -3.90 28.68
CA LEU B 135 -28.85 -3.55 30.05
C LEU B 135 -28.87 -4.78 30.95
N LEU B 136 -27.76 -5.00 31.67
CA LEU B 136 -27.70 -5.97 32.76
C LEU B 136 -27.64 -5.17 34.06
N ASN B 137 -28.71 -5.21 34.85
CA ASN B 137 -28.85 -4.33 36.01
C ASN B 137 -28.63 -5.01 37.38
N ASN B 138 -27.80 -4.36 38.21
CA ASN B 138 -27.51 -4.79 39.58
C ASN B 138 -27.25 -6.30 39.75
N PHE B 139 -26.02 -6.69 39.44
CA PHE B 139 -25.60 -8.08 39.57
C PHE B 139 -24.26 -8.19 40.28
N TYR B 140 -23.97 -9.40 40.76
CA TYR B 140 -22.69 -9.72 41.35
C TYR B 140 -22.44 -11.22 41.20
N PRO B 141 -21.20 -11.63 40.86
CA PRO B 141 -19.99 -10.83 40.64
C PRO B 141 -19.94 -10.11 39.29
N ARG B 142 -18.81 -9.46 39.02
CA ARG B 142 -18.56 -8.68 37.81
C ARG B 142 -18.65 -9.49 36.52
N GLU B 143 -18.22 -10.75 36.58
CA GLU B 143 -18.08 -11.57 35.38
C GLU B 143 -19.44 -11.85 34.76
N ALA B 144 -19.63 -11.36 33.53
CA ALA B 144 -20.90 -11.48 32.83
C ALA B 144 -20.66 -11.58 31.34
N LYS B 145 -21.43 -12.44 30.68
CA LYS B 145 -21.31 -12.68 29.25
C LYS B 145 -22.57 -12.20 28.57
N VAL B 146 -22.39 -11.39 27.52
CA VAL B 146 -23.48 -10.87 26.72
C VAL B 146 -23.31 -11.33 25.28
N GLN B 147 -24.37 -11.91 24.71
CA GLN B 147 -24.34 -12.41 23.34
C GLN B 147 -25.49 -11.81 22.53
N TRP B 148 -25.14 -11.08 21.49
CA TRP B 148 -26.13 -10.54 20.56
C TRP B 148 -26.41 -11.53 19.44
N LYS B 149 -27.68 -11.68 19.10
CA LYS B 149 -28.09 -12.50 17.96
C LYS B 149 -29.08 -11.72 17.09
N VAL B 150 -28.78 -11.60 15.80
CA VAL B 150 -29.67 -10.95 14.84
C VAL B 150 -30.22 -12.03 13.91
N ASP B 151 -31.52 -12.31 14.03
CA ASP B 151 -32.15 -13.46 13.37
C ASP B 151 -31.33 -14.74 13.56
N ASN B 152 -31.01 -15.04 14.82
CA ASN B 152 -30.21 -16.22 15.18
C ASN B 152 -28.76 -16.22 14.68
N ALA B 153 -28.32 -15.13 14.06
CA ALA B 153 -26.93 -14.98 13.67
C ALA B 153 -26.18 -14.30 14.81
N LEU B 154 -25.24 -15.01 15.43
CA LEU B 154 -24.44 -14.45 16.51
C LEU B 154 -23.66 -13.23 16.01
N GLN B 155 -23.69 -12.15 16.78
CA GLN B 155 -22.95 -10.94 16.43
C GLN B 155 -21.69 -10.84 17.26
N SER B 156 -20.57 -10.54 16.58
CA SER B 156 -19.26 -10.42 17.22
C SER B 156 -18.54 -9.20 16.65
N GLY B 157 -17.80 -8.49 17.51
CA GLY B 157 -16.96 -7.37 17.07
C GLY B 157 -17.68 -6.08 16.69
N ASN B 158 -19.00 -6.07 16.82
CA ASN B 158 -19.82 -4.88 16.49
C ASN B 158 -20.62 -4.41 17.71
N SER B 159 -20.10 -4.72 18.90
CA SER B 159 -20.69 -4.27 20.15
C SER B 159 -19.62 -3.71 21.07
N GLN B 160 -20.06 -2.94 22.07
CA GLN B 160 -19.15 -2.28 23.01
C GLN B 160 -19.76 -2.27 24.40
N GLU B 161 -19.01 -2.76 25.39
CA GLU B 161 -19.45 -2.80 26.78
C GLU B 161 -18.77 -1.73 27.61
N SER B 162 -19.54 -1.11 28.50
CA SER B 162 -18.96 -0.37 29.60
C SER B 162 -19.65 -0.81 30.88
N VAL B 163 -18.89 -0.76 31.99
CA VAL B 163 -19.36 -1.27 33.28
C VAL B 163 -19.30 -0.16 34.30
N THR B 164 -20.30 -0.11 35.17
CA THR B 164 -20.34 0.87 36.24
C THR B 164 -19.42 0.40 37.38
N GLU B 165 -19.11 1.31 38.31
CA GLU B 165 -18.36 0.92 39.50
C GLU B 165 -19.36 0.37 40.50
N GLN B 166 -18.89 -0.39 41.48
CA GLN B 166 -19.77 -1.01 42.48
C GLN B 166 -20.72 0.03 43.07
N ASP B 167 -21.99 -0.33 43.17
CA ASP B 167 -23.00 0.57 43.71
C ASP B 167 -22.71 0.84 45.18
N SER B 168 -22.88 2.10 45.59
CA SER B 168 -22.59 2.51 46.97
C SER B 168 -23.52 1.84 47.98
N LYS B 169 -24.77 1.59 47.58
CA LYS B 169 -25.77 0.98 48.45
C LYS B 169 -25.67 -0.55 48.51
N ASP B 170 -25.71 -1.21 47.35
CA ASP B 170 -25.80 -2.69 47.30
C ASP B 170 -24.57 -3.40 46.72
N SER B 171 -23.53 -2.64 46.38
CA SER B 171 -22.24 -3.21 45.93
C SER B 171 -22.32 -4.10 44.68
N THR B 172 -23.38 -3.92 43.89
CA THR B 172 -23.54 -4.64 42.63
C THR B 172 -22.94 -3.85 41.48
N TYR B 173 -22.75 -4.53 40.35
CA TYR B 173 -22.32 -3.91 39.11
C TYR B 173 -23.51 -3.82 38.17
N SER B 174 -23.35 -2.97 37.15
CA SER B 174 -24.30 -2.86 36.06
C SER B 174 -23.52 -2.77 34.75
N LEU B 175 -24.11 -3.31 33.68
CA LEU B 175 -23.42 -3.40 32.39
C LEU B 175 -24.35 -2.95 31.27
N SER B 176 -23.82 -2.13 30.37
CA SER B 176 -24.55 -1.70 29.19
C SER B 176 -23.83 -2.18 27.94
N SER B 177 -24.47 -3.05 27.17
CA SER B 177 -23.91 -3.54 25.91
C SER B 177 -24.62 -2.89 24.75
N THR B 178 -23.87 -2.24 23.86
CA THR B 178 -24.45 -1.55 22.71
C THR B 178 -24.02 -2.21 21.40
N LEU B 179 -24.99 -2.76 20.67
CA LEU B 179 -24.75 -3.32 19.34
C LEU B 179 -24.96 -2.23 18.29
N THR B 180 -23.94 -1.98 17.46
CA THR B 180 -24.02 -0.96 16.42
C THR B 180 -24.27 -1.62 15.07
N LEU B 181 -25.16 -1.00 14.31
CA LEU B 181 -25.67 -1.58 13.09
C LEU B 181 -26.08 -0.45 12.15
N SER B 182 -25.73 -0.57 10.88
CA SER B 182 -26.26 0.33 9.84
C SER B 182 -27.79 0.21 9.79
N LYS B 183 -28.46 1.29 9.38
CA LYS B 183 -29.93 1.29 9.25
C LYS B 183 -30.39 0.21 8.27
N ALA B 184 -29.66 0.07 7.16
CA ALA B 184 -30.00 -0.92 6.14
C ALA B 184 -29.96 -2.34 6.71
N ASP B 185 -28.86 -2.68 7.37
CA ASP B 185 -28.75 -4.01 8.00
C ASP B 185 -29.85 -4.21 9.03
N TYR B 186 -30.12 -3.19 9.84
CA TYR B 186 -31.14 -3.28 10.88
C TYR B 186 -32.54 -3.50 10.30
N GLU B 187 -32.84 -2.84 9.18
CA GLU B 187 -34.14 -2.97 8.52
C GLU B 187 -34.32 -4.30 7.78
N LYS B 188 -33.23 -5.03 7.57
CA LYS B 188 -33.26 -6.29 6.88
C LYS B 188 -33.53 -7.49 7.77
N HIS B 189 -33.55 -7.28 9.06
CA HIS B 189 -33.66 -8.40 10.02
C HIS B 189 -34.71 -8.12 11.10
N LYS B 190 -35.35 -9.20 11.56
CA LYS B 190 -36.53 -9.13 12.41
C LYS B 190 -36.20 -9.30 13.89
N VAL B 191 -35.51 -10.39 14.24
CA VAL B 191 -35.31 -10.78 15.63
C VAL B 191 -33.97 -10.25 16.18
N TYR B 192 -34.04 -9.42 17.22
CA TYR B 192 -32.86 -8.91 17.91
C TYR B 192 -32.83 -9.41 19.33
N ALA B 193 -31.79 -10.15 19.67
CA ALA B 193 -31.74 -10.89 20.92
C ALA B 193 -30.46 -10.64 21.69
N CYS B 194 -30.59 -10.44 22.99
CA CYS B 194 -29.45 -10.32 23.91
C CYS B 194 -29.51 -11.45 24.92
N GLU B 195 -28.61 -12.43 24.80
CA GLU B 195 -28.53 -13.52 25.76
C GLU B 195 -27.49 -13.20 26.82
N VAL B 196 -27.88 -13.25 28.09
CA VAL B 196 -26.99 -12.96 29.21
C VAL B 196 -26.73 -14.22 30.02
N THR B 197 -25.45 -14.61 30.13
CA THR B 197 -25.03 -15.70 31.01
C THR B 197 -24.33 -15.12 32.23
N HIS B 198 -24.71 -15.59 33.41
CA HIS B 198 -24.15 -15.08 34.66
C HIS B 198 -24.34 -16.09 35.79
N GLN B 199 -23.42 -16.06 36.75
CA GLN B 199 -23.40 -17.00 37.88
C GLN B 199 -24.71 -17.07 38.67
N GLY B 200 -25.44 -15.95 38.72
CA GLY B 200 -26.72 -15.89 39.41
C GLY B 200 -27.90 -16.47 38.65
N LEU B 201 -27.71 -16.76 37.36
CA LEU B 201 -28.75 -17.35 36.52
C LEU B 201 -28.42 -18.81 36.23
N SER B 202 -29.37 -19.71 36.52
CA SER B 202 -29.16 -21.15 36.35
C SER B 202 -28.93 -21.51 34.88
N SER B 203 -29.73 -20.88 34.00
CA SER B 203 -29.51 -20.97 32.57
C SER B 203 -29.57 -19.55 32.00
N PRO B 204 -28.91 -19.32 30.85
CA PRO B 204 -28.85 -17.96 30.28
C PRO B 204 -30.23 -17.31 30.07
N VAL B 205 -30.25 -15.98 30.12
CA VAL B 205 -31.48 -15.22 30.01
C VAL B 205 -31.44 -14.38 28.74
N THR B 206 -32.46 -14.56 27.90
CA THR B 206 -32.54 -13.86 26.63
C THR B 206 -33.67 -12.84 26.66
N LYS B 207 -33.37 -11.61 26.27
CA LYS B 207 -34.37 -10.56 26.10
C LYS B 207 -34.34 -10.17 24.64
N SER B 208 -35.51 -10.17 24.00
CA SER B 208 -35.57 -9.94 22.56
C SER B 208 -36.78 -9.12 22.15
N PHE B 209 -36.68 -8.55 20.95
CA PHE B 209 -37.81 -7.85 20.33
C PHE B 209 -37.83 -8.14 18.84
N ASN B 210 -39.00 -7.94 18.24
CA ASN B 210 -39.17 -8.01 16.79
C ASN B 210 -39.35 -6.61 16.26
N ARG B 211 -38.54 -6.24 15.27
CA ARG B 211 -38.59 -4.91 14.67
C ARG B 211 -39.98 -4.60 14.11
N GLY B 212 -40.52 -3.46 14.52
CA GLY B 212 -41.84 -3.04 14.05
C GLY B 212 -42.98 -3.50 14.95
N GLU B 213 -42.73 -4.49 15.78
CA GLU B 213 -43.76 -5.07 16.65
C GLU B 213 -43.64 -4.55 18.08
N CYS B 214 -44.61 -3.74 18.48
CA CYS B 214 -44.80 -3.28 19.86
C CYS B 214 -43.60 -3.51 20.81
N ARG C 63 30.46 24.51 49.29
CA ARG C 63 31.24 23.42 48.61
C ARG C 63 30.60 22.07 48.83
N LEU C 64 30.30 21.75 50.10
CA LEU C 64 29.62 20.52 50.45
C LEU C 64 28.18 20.54 49.95
N SER C 65 27.46 21.61 50.25
CA SER C 65 26.05 21.75 49.87
C SER C 65 25.87 21.81 48.35
N GLU C 66 26.83 22.44 47.67
CA GLU C 66 26.80 22.53 46.21
C GLU C 66 27.01 21.16 45.56
N LEU C 67 27.83 20.32 46.20
CA LEU C 67 28.10 18.97 45.69
C LEU C 67 27.01 17.98 46.05
N LEU C 68 26.49 18.07 47.28
CA LEU C 68 25.41 17.18 47.72
C LEU C 68 24.15 17.38 46.91
N SER C 69 23.82 18.64 46.64
CA SER C 69 22.66 19.01 45.84
C SER C 69 22.82 18.60 44.38
N LYS C 70 24.06 18.55 43.89
CA LYS C 70 24.34 18.10 42.53
C LYS C 70 24.25 16.58 42.42
N ILE C 71 24.80 15.87 43.39
CA ILE C 71 24.65 14.42 43.47
C ILE C 71 23.17 14.04 43.47
N ASN C 72 22.38 14.88 44.14
CA ASN C 72 20.94 14.66 44.25
C ASN C 72 20.21 14.68 42.91
N ASP C 73 20.58 15.60 42.02
CA ASP C 73 19.88 15.70 40.72
C ASP C 73 20.46 14.79 39.61
N MET C 74 21.43 13.95 39.95
CA MET C 74 22.04 13.05 38.96
C MET C 74 21.10 11.93 38.53
N PRO C 75 21.28 11.42 37.29
CA PRO C 75 20.43 10.34 36.78
C PRO C 75 20.96 8.96 37.20
N ILE C 76 21.11 8.77 38.50
CA ILE C 76 21.57 7.50 39.08
C ILE C 76 20.60 7.06 40.16
N THR C 77 20.77 5.82 40.62
CA THR C 77 19.90 5.23 41.64
C THR C 77 19.95 6.01 42.95
N ASN C 78 18.93 5.83 43.79
CA ASN C 78 18.94 6.38 45.16
C ASN C 78 20.12 5.80 45.92
N ASP C 79 20.20 4.47 45.92
CA ASP C 79 21.31 3.71 46.49
C ASP C 79 22.68 4.36 46.25
N GLN C 80 22.97 4.66 44.99
CA GLN C 80 24.25 5.29 44.64
C GLN C 80 24.33 6.75 45.09
N LYS C 81 23.18 7.41 45.10
CA LYS C 81 23.10 8.80 45.55
C LYS C 81 23.55 8.90 47.02
N LYS C 82 23.14 7.94 47.83
CA LYS C 82 23.51 7.91 49.25
C LYS C 82 24.97 7.59 49.48
N LEU C 83 25.52 6.65 48.71
CA LEU C 83 26.91 6.23 48.86
C LEU C 83 27.84 7.42 48.59
N MET C 84 27.61 8.08 47.46
CA MET C 84 28.37 9.26 47.08
C MET C 84 28.16 10.39 48.08
N SER C 85 26.92 10.56 48.53
CA SER C 85 26.61 11.55 49.56
C SER C 85 27.41 11.27 50.83
N ASN C 86 27.38 10.02 51.29
CA ASN C 86 28.17 9.61 52.45
C ASN C 86 29.67 9.82 52.26
N ASP C 87 30.17 9.51 51.06
CA ASP C 87 31.60 9.69 50.75
C ASP C 87 32.03 11.16 50.77
N VAL C 88 31.14 12.05 50.33
CA VAL C 88 31.45 13.47 50.25
C VAL C 88 31.58 14.09 51.64
N LEU C 89 30.55 13.93 52.46
CA LEU C 89 30.57 14.46 53.82
C LEU C 89 31.55 13.71 54.75
N LYS C 90 32.09 12.59 54.29
CA LYS C 90 33.19 11.91 54.97
C LYS C 90 34.45 12.76 54.94
N PHE C 91 34.69 13.44 53.81
CA PHE C 91 35.81 14.38 53.69
C PHE C 91 35.59 15.62 54.55
N ALA C 92 34.37 16.14 54.52
CA ALA C 92 34.02 17.34 55.28
C ALA C 92 34.17 17.13 56.79
N ALA C 93 33.80 15.93 57.25
CA ALA C 93 33.88 15.59 58.67
C ALA C 93 35.33 15.40 59.14
N GLU C 94 36.13 14.72 58.32
CA GLU C 94 37.55 14.50 58.64
C GLU C 94 38.35 15.80 58.56
N ALA C 95 37.95 16.68 57.65
CA ALA C 95 38.60 17.99 57.48
C ALA C 95 38.34 18.91 58.67
N GLU C 96 37.16 18.77 59.27
CA GLU C 96 36.75 19.61 60.40
C GLU C 96 37.07 18.98 61.76
N LYS C 97 37.28 17.66 61.79
CA LYS C 97 37.58 16.95 63.03
C LYS C 97 38.98 17.28 63.54
N ASN D 62 -23.22 32.97 -74.72
CA ASN D 62 -22.41 34.22 -74.79
C ASN D 62 -22.75 35.17 -73.64
N ARG D 63 -23.66 36.11 -73.86
CA ARG D 63 -24.00 37.12 -72.87
C ARG D 63 -24.83 36.54 -71.72
N LEU D 64 -25.60 35.50 -72.03
CA LEU D 64 -26.39 34.81 -71.01
C LEU D 64 -25.47 34.19 -69.95
N SER D 65 -24.54 33.35 -70.40
CA SER D 65 -23.65 32.61 -69.50
C SER D 65 -22.66 33.54 -68.78
N GLU D 66 -22.19 34.58 -69.47
CA GLU D 66 -21.35 35.60 -68.84
C GLU D 66 -22.07 36.26 -67.67
N LEU D 67 -23.34 36.61 -67.86
CA LEU D 67 -24.11 37.30 -66.83
C LEU D 67 -24.50 36.37 -65.70
N LEU D 68 -24.96 35.17 -66.05
CA LEU D 68 -25.32 34.15 -65.04
C LEU D 68 -24.14 33.84 -64.13
N SER D 69 -22.98 33.62 -64.71
CA SER D 69 -21.75 33.35 -63.94
C SER D 69 -21.34 34.58 -63.12
N LYS D 70 -21.60 35.77 -63.65
CA LYS D 70 -21.30 37.02 -62.95
C LYS D 70 -22.21 37.17 -61.72
N ILE D 71 -23.49 36.83 -61.88
CA ILE D 71 -24.46 36.82 -60.78
C ILE D 71 -24.01 35.84 -59.70
N ASN D 72 -23.46 34.71 -60.15
CA ASN D 72 -22.98 33.66 -59.26
C ASN D 72 -21.80 34.13 -58.40
N ASP D 73 -20.98 35.03 -58.93
CA ASP D 73 -19.82 35.60 -58.19
C ASP D 73 -20.20 36.61 -57.11
N MET D 74 -21.43 37.13 -57.15
CA MET D 74 -21.77 38.33 -56.37
C MET D 74 -21.84 38.06 -54.86
N PRO D 75 -21.58 39.10 -54.05
CA PRO D 75 -21.73 39.01 -52.60
C PRO D 75 -23.16 39.34 -52.16
N ILE D 76 -24.09 38.51 -52.63
CA ILE D 76 -25.51 38.58 -52.25
C ILE D 76 -25.98 37.18 -51.87
N THR D 77 -27.18 37.10 -51.33
CA THR D 77 -27.73 35.82 -50.87
C THR D 77 -27.95 34.84 -52.03
N ASN D 78 -28.06 33.55 -51.71
CA ASN D 78 -28.43 32.54 -52.69
C ASN D 78 -29.81 32.82 -53.28
N ASP D 79 -30.77 33.16 -52.43
CA ASP D 79 -32.15 33.41 -52.86
C ASP D 79 -32.23 34.53 -53.91
N GLN D 80 -31.36 35.53 -53.79
CA GLN D 80 -31.33 36.64 -54.74
C GLN D 80 -30.63 36.26 -56.04
N LYS D 81 -29.62 35.39 -55.96
CA LYS D 81 -28.95 34.88 -57.15
C LYS D 81 -29.91 34.08 -58.02
N LYS D 82 -30.83 33.33 -57.39
CA LYS D 82 -31.84 32.59 -58.12
C LYS D 82 -32.78 33.54 -58.85
N LEU D 83 -33.29 34.53 -58.13
CA LEU D 83 -34.23 35.52 -58.68
C LEU D 83 -33.64 36.19 -59.91
N MET D 84 -32.41 36.68 -59.79
CA MET D 84 -31.73 37.34 -60.90
C MET D 84 -31.41 36.37 -62.01
N SER D 85 -31.03 35.14 -61.64
CA SER D 85 -30.79 34.10 -62.63
C SER D 85 -32.05 33.84 -63.43
N ASN D 86 -33.18 33.66 -62.72
CA ASN D 86 -34.48 33.48 -63.38
C ASN D 86 -34.87 34.67 -64.26
N ASP D 87 -34.63 35.89 -63.79
CA ASP D 87 -34.93 37.11 -64.55
C ASP D 87 -34.14 37.17 -65.85
N VAL D 88 -32.85 36.85 -65.79
CA VAL D 88 -31.99 36.85 -66.97
C VAL D 88 -32.41 35.75 -67.95
N LEU D 89 -32.67 34.56 -67.42
CA LEU D 89 -33.15 33.43 -68.22
C LEU D 89 -34.46 33.74 -68.96
N LYS D 90 -35.30 34.60 -68.37
CA LYS D 90 -36.58 35.00 -68.97
C LYS D 90 -36.38 35.74 -70.30
N PHE D 91 -35.42 36.65 -70.35
CA PHE D 91 -35.13 37.43 -71.56
C PHE D 91 -34.60 36.53 -72.69
N ALA D 92 -33.73 35.59 -72.35
CA ALA D 92 -33.18 34.64 -73.32
C ALA D 92 -34.26 33.72 -73.90
N ALA D 93 -35.14 33.23 -73.03
CA ALA D 93 -36.22 32.34 -73.45
C ALA D 93 -37.29 33.07 -74.28
N GLU D 94 -37.60 34.30 -73.89
CA GLU D 94 -38.57 35.11 -74.65
C GLU D 94 -38.00 35.55 -76.00
N ALA D 95 -36.72 35.88 -76.03
CA ALA D 95 -36.03 36.24 -77.29
C ALA D 95 -35.99 35.05 -78.24
N GLU D 96 -35.77 33.87 -77.69
CA GLU D 96 -35.84 32.61 -78.43
C GLU D 96 -37.27 32.06 -78.38
N GLN E 1 -12.43 10.51 -58.32
CA GLN E 1 -12.77 11.28 -57.09
C GLN E 1 -11.83 12.47 -56.92
N VAL E 2 -12.37 13.60 -56.45
CA VAL E 2 -11.60 14.82 -56.24
C VAL E 2 -10.98 14.81 -54.83
N GLN E 3 -9.71 15.17 -54.75
CA GLN E 3 -8.96 15.18 -53.50
C GLN E 3 -8.28 16.54 -53.31
N LEU E 4 -8.27 17.01 -52.06
CA LEU E 4 -7.57 18.25 -51.69
C LEU E 4 -6.46 17.93 -50.69
N GLN E 5 -5.43 18.76 -50.69
CA GLN E 5 -4.31 18.61 -49.77
C GLN E 5 -3.69 19.96 -49.47
N GLU E 6 -3.64 20.32 -48.18
CA GLU E 6 -2.98 21.56 -47.76
C GLU E 6 -1.48 21.35 -47.69
N SER E 7 -0.74 22.45 -47.86
CA SER E 7 0.70 22.47 -47.66
C SER E 7 1.11 23.86 -47.22
N GLY E 8 2.18 23.93 -46.44
CA GLY E 8 2.69 25.21 -45.93
C GLY E 8 3.15 25.11 -44.49
N PRO E 9 3.94 26.10 -44.03
CA PRO E 9 4.47 26.07 -42.67
C PRO E 9 3.39 26.14 -41.60
N GLY E 10 3.43 25.20 -40.66
CA GLY E 10 2.50 25.16 -39.53
C GLY E 10 3.01 25.83 -38.27
N LEU E 11 3.95 26.77 -38.43
CA LEU E 11 4.43 27.61 -37.33
C LEU E 11 4.76 29.01 -37.86
N VAL E 12 3.97 30.00 -37.44
CA VAL E 12 4.12 31.38 -37.88
C VAL E 12 4.21 32.31 -36.68
N LYS E 13 5.03 33.36 -36.81
CA LYS E 13 5.19 34.34 -35.73
C LYS E 13 4.01 35.31 -35.72
N PRO E 14 3.73 35.96 -34.57
CA PRO E 14 2.55 36.82 -34.43
C PRO E 14 2.40 37.77 -35.61
N SER E 15 3.31 38.71 -35.78
CA SER E 15 3.37 39.48 -37.02
C SER E 15 4.13 38.62 -38.02
N GLU E 16 3.92 38.88 -39.30
CA GLU E 16 4.40 38.04 -40.41
C GLU E 16 3.23 37.20 -40.96
N THR E 17 3.40 36.68 -42.17
CA THR E 17 2.27 36.22 -42.97
C THR E 17 2.11 34.69 -42.99
N LEU E 18 0.87 34.26 -42.79
CA LEU E 18 0.49 32.85 -42.98
C LEU E 18 0.25 32.61 -44.47
N SER E 19 1.02 31.69 -45.05
CA SER E 19 0.90 31.33 -46.46
C SER E 19 0.64 29.83 -46.59
N LEU E 20 -0.55 29.47 -47.05
CA LEU E 20 -0.92 28.07 -47.26
C LEU E 20 -1.32 27.83 -48.71
N THR E 21 -1.11 26.60 -49.17
CA THR E 21 -1.36 26.24 -50.56
C THR E 21 -2.20 24.96 -50.60
N CYS E 22 -3.15 24.90 -51.53
CA CYS E 22 -4.03 23.74 -51.69
C CYS E 22 -4.00 23.27 -53.14
N VAL E 23 -3.57 22.02 -53.35
CA VAL E 23 -3.48 21.43 -54.69
C VAL E 23 -4.63 20.46 -54.93
N VAL E 24 -5.39 20.71 -56.00
CA VAL E 24 -6.55 19.90 -56.38
C VAL E 24 -6.12 18.76 -57.30
N SER E 25 -6.71 17.59 -57.11
CA SER E 25 -6.43 16.41 -57.94
C SER E 25 -7.54 16.21 -58.97
N PHE E 29 -10.65 22.11 -61.58
CA PHE E 29 -10.32 23.28 -60.77
C PHE E 29 -11.00 24.56 -61.28
N SER E 30 -11.01 24.73 -62.60
CA SER E 30 -11.55 25.95 -63.22
C SER E 30 -13.08 25.96 -63.34
N SER E 31 -13.75 24.95 -62.78
CA SER E 31 -15.21 24.83 -62.84
C SER E 31 -15.90 25.10 -61.49
N TYR E 32 -15.18 25.03 -60.39
CA TYR E 32 -15.75 25.18 -59.06
C TYR E 32 -15.23 26.42 -58.31
N TYR E 33 -16.03 26.93 -57.39
CA TYR E 33 -15.54 27.88 -56.39
C TYR E 33 -14.73 27.11 -55.36
N TRP E 34 -13.63 27.70 -54.89
CA TRP E 34 -12.77 27.06 -53.92
C TRP E 34 -12.65 27.94 -52.68
N THR E 35 -12.69 27.31 -51.50
CA THR E 35 -12.81 28.03 -50.24
C THR E 35 -11.70 27.69 -49.24
N TRP E 36 -11.53 28.58 -48.27
CA TRP E 36 -10.73 28.30 -47.10
C TRP E 36 -11.62 28.40 -45.87
N ILE E 37 -11.58 27.35 -45.03
CA ILE E 37 -12.30 27.32 -43.76
C ILE E 37 -11.30 27.03 -42.66
N ARG E 38 -11.53 27.55 -41.47
CA ARG E 38 -10.65 27.30 -40.33
C ARG E 38 -11.43 26.94 -39.06
N GLN E 39 -10.82 26.10 -38.24
CA GLN E 39 -11.44 25.65 -37.00
C GLN E 39 -10.54 25.96 -35.81
N SER E 40 -11.09 26.69 -34.83
CA SER E 40 -10.39 26.94 -33.56
C SER E 40 -11.31 26.56 -32.42
N PRO E 41 -10.73 26.09 -31.29
CA PRO E 41 -11.55 25.76 -30.11
C PRO E 41 -12.38 26.94 -29.60
N GLY E 42 -11.87 28.16 -29.75
CA GLY E 42 -12.55 29.35 -29.25
C GLY E 42 -13.70 29.82 -30.10
N LYS E 43 -13.50 29.88 -31.41
CA LYS E 43 -14.47 30.47 -32.34
C LYS E 43 -15.07 29.46 -33.31
N GLY E 44 -14.83 28.17 -33.08
CA GLY E 44 -15.43 27.10 -33.89
C GLY E 44 -15.00 27.15 -35.35
N LEU E 45 -15.89 26.70 -36.22
CA LEU E 45 -15.66 26.76 -37.67
C LEU E 45 -15.93 28.18 -38.18
N GLU E 46 -15.03 28.66 -39.02
CA GLU E 46 -15.17 29.97 -39.63
C GLU E 46 -14.84 29.91 -41.11
N TRP E 47 -15.74 30.47 -41.92
CA TRP E 47 -15.55 30.60 -43.36
C TRP E 47 -14.58 31.77 -43.60
N ILE E 48 -13.43 31.47 -44.19
CA ILE E 48 -12.42 32.50 -44.45
C ILE E 48 -12.73 33.25 -45.73
N GLY E 49 -13.09 32.51 -46.78
CA GLY E 49 -13.48 33.12 -48.05
C GLY E 49 -13.65 32.10 -49.17
N GLU E 50 -14.01 32.61 -50.35
CA GLU E 50 -14.14 31.79 -51.55
C GLU E 50 -13.47 32.47 -52.73
N MET E 51 -13.08 31.67 -53.72
CA MET E 51 -12.49 32.16 -54.95
C MET E 51 -13.14 31.46 -56.13
N ASN E 52 -13.43 32.21 -57.19
CA ASN E 52 -13.90 31.64 -58.44
C ASN E 52 -12.74 30.91 -59.09
N GLY E 53 -12.88 29.60 -59.27
CA GLY E 53 -11.81 28.75 -59.78
C GLY E 53 -11.33 29.13 -61.17
N ASN E 54 -12.20 29.72 -61.97
CA ASN E 54 -11.86 30.14 -63.33
C ASN E 54 -11.12 31.47 -63.36
N SER E 55 -11.78 32.53 -62.88
CA SER E 55 -11.28 33.89 -63.04
C SER E 55 -10.33 34.34 -61.92
N GLY E 56 -10.56 33.85 -60.71
CA GLY E 56 -9.83 34.29 -59.52
C GLY E 56 -10.59 35.29 -58.69
N TYR E 57 -11.87 35.50 -59.02
CA TYR E 57 -12.72 36.43 -58.29
C TYR E 57 -13.00 35.92 -56.88
N THR E 58 -12.91 36.80 -55.90
CA THR E 58 -13.04 36.42 -54.48
C THR E 58 -14.23 37.07 -53.78
N ASN E 59 -14.72 36.38 -52.74
CA ASN E 59 -15.57 36.97 -51.72
C ASN E 59 -15.01 36.55 -50.36
N TYR E 60 -14.62 37.52 -49.54
CA TYR E 60 -14.01 37.24 -48.25
C TYR E 60 -14.98 37.49 -47.09
N ASN E 61 -14.66 36.90 -45.94
CA ASN E 61 -15.37 37.18 -44.70
C ASN E 61 -15.00 38.60 -44.26
N PRO E 62 -16.02 39.44 -43.99
CA PRO E 62 -15.74 40.78 -43.49
C PRO E 62 -14.87 40.83 -42.23
N SER E 63 -14.91 39.78 -41.40
CA SER E 63 -14.07 39.70 -40.20
C SER E 63 -12.57 39.66 -40.52
N LEU E 64 -12.21 39.24 -41.73
CA LEU E 64 -10.82 39.29 -42.19
C LEU E 64 -10.66 39.81 -43.63
N GLN E 65 -11.59 40.66 -44.07
CA GLN E 65 -11.61 41.19 -45.45
C GLN E 65 -10.29 41.84 -45.87
N SER E 66 -9.90 42.92 -45.22
CA SER E 66 -8.72 43.70 -45.62
C SER E 66 -7.44 43.18 -44.97
N ARG E 67 -7.29 41.85 -45.01
CA ARG E 67 -6.18 41.16 -44.37
C ARG E 67 -5.92 39.77 -44.99
N VAL E 68 -6.84 39.29 -45.82
CA VAL E 68 -6.75 37.97 -46.45
C VAL E 68 -6.67 38.10 -47.97
N THR E 69 -6.04 37.12 -48.60
CA THR E 69 -6.06 37.01 -50.06
C THR E 69 -6.07 35.54 -50.48
N ILE E 70 -7.06 35.18 -51.28
CA ILE E 70 -7.12 33.86 -51.91
C ILE E 70 -6.89 34.05 -53.41
N SER E 71 -5.93 33.32 -53.98
CA SER E 71 -5.53 33.53 -55.37
C SER E 71 -5.05 32.25 -56.05
N LYS E 72 -5.01 32.30 -57.39
CA LYS E 72 -4.53 31.17 -58.21
C LYS E 72 -3.02 31.30 -58.44
N ASP E 73 -2.32 30.18 -58.29
CA ASP E 73 -0.85 30.17 -58.35
C ASP E 73 -0.31 29.75 -59.71
N ALA E 74 -0.68 28.55 -60.15
CA ALA E 74 -0.13 27.93 -61.37
C ALA E 74 1.35 27.56 -61.19
N LYS E 76 -0.28 24.25 -61.71
CA LYS E 76 -1.70 24.28 -62.02
C LYS E 76 -2.52 23.59 -60.94
N ASN E 77 -3.84 23.75 -61.00
CA ASN E 77 -4.78 23.14 -60.06
C ASN E 77 -4.45 23.51 -58.60
N GLN E 78 -3.92 24.73 -58.42
CA GLN E 78 -3.36 25.15 -57.14
C GLN E 78 -3.87 26.54 -56.78
N PHE E 79 -4.26 26.72 -55.51
CA PHE E 79 -4.68 28.01 -55.00
C PHE E 79 -4.23 28.19 -53.55
N SER E 80 -3.87 29.42 -53.20
CA SER E 80 -3.24 29.70 -51.92
C SER E 80 -4.04 30.67 -51.07
N LEU E 81 -3.72 30.69 -49.78
CA LEU E 81 -4.31 31.63 -48.81
C LEU E 81 -3.19 32.47 -48.21
N LYS E 82 -3.28 33.79 -48.42
CA LYS E 82 -2.41 34.75 -47.73
C LYS E 82 -3.20 35.41 -46.62
N LEU E 83 -2.71 35.29 -45.38
CA LEU E 83 -3.27 36.00 -44.24
C LEU E 83 -2.13 36.76 -43.56
N THR E 84 -2.28 38.07 -43.43
CA THR E 84 -1.23 38.95 -42.87
C THR E 84 -1.59 39.44 -41.48
N SER E 85 -0.66 40.16 -40.85
CA SER E 85 -0.86 40.81 -39.55
C SER E 85 -1.51 39.87 -38.52
N LEU E 86 -0.91 38.69 -38.35
CA LEU E 86 -1.49 37.66 -37.49
C LEU E 86 -1.39 37.96 -36.00
N THR E 87 -2.23 37.28 -35.22
CA THR E 87 -2.11 37.27 -33.77
C THR E 87 -2.37 35.84 -33.30
N ALA E 88 -2.18 35.58 -32.02
CA ALA E 88 -2.44 34.25 -31.45
C ALA E 88 -3.82 33.72 -31.87
N ALA E 89 -4.80 34.62 -31.96
CA ALA E 89 -6.18 34.27 -32.34
C ALA E 89 -6.35 33.72 -33.77
N ASP E 90 -5.27 33.70 -34.55
CA ASP E 90 -5.28 33.05 -35.87
C ASP E 90 -4.80 31.61 -35.79
N THR E 91 -4.39 31.17 -34.59
CA THR E 91 -4.04 29.78 -34.34
C THR E 91 -5.25 28.89 -34.59
N ALA E 92 -5.13 27.96 -35.54
CA ALA E 92 -6.25 27.08 -35.90
C ALA E 92 -5.84 25.98 -36.87
N VAL E 93 -6.75 25.04 -37.11
CA VAL E 93 -6.59 24.09 -38.20
C VAL E 93 -7.26 24.72 -39.40
N TYR E 94 -6.49 24.90 -40.47
CA TYR E 94 -6.99 25.51 -41.69
C TYR E 94 -7.32 24.43 -42.71
N TYR E 95 -8.50 24.55 -43.31
CA TYR E 95 -8.94 23.65 -44.38
C TYR E 95 -9.16 24.43 -45.67
N CYS E 96 -8.72 23.85 -46.78
CA CYS E 96 -9.22 24.26 -48.09
C CYS E 96 -10.37 23.33 -48.43
N ALA E 97 -11.34 23.83 -49.20
CA ALA E 97 -12.51 23.04 -49.54
C ALA E 97 -13.11 23.43 -50.89
N ARG E 98 -13.96 22.56 -51.43
CA ARG E 98 -14.63 22.81 -52.70
C ARG E 98 -16.08 23.22 -52.49
N ASP E 99 -16.46 24.35 -53.10
CA ASP E 99 -17.83 24.84 -53.04
C ASP E 99 -18.58 24.30 -54.29
N ALA E 100 -19.50 25.08 -54.86
CA ALA E 100 -20.28 24.65 -56.03
C ALA E 100 -19.67 25.17 -57.34
N ILE E 101 -20.31 24.89 -58.46
CA ILE E 101 -19.78 25.27 -59.78
C ILE E 101 -19.86 26.78 -59.99
N VAL E 102 -19.05 27.29 -60.92
CA VAL E 102 -18.98 28.72 -61.21
C VAL E 102 -19.95 29.15 -62.30
N MET E 103 -20.06 28.33 -63.35
CA MET E 103 -20.78 28.69 -64.58
C MET E 103 -22.19 29.23 -64.36
N VAL E 104 -22.91 28.64 -63.40
CA VAL E 104 -24.26 29.05 -63.08
C VAL E 104 -24.54 28.84 -61.61
N PHE E 105 -25.51 29.58 -61.07
CA PHE E 105 -25.95 29.38 -59.70
C PHE E 105 -26.59 28.01 -59.54
N THR E 106 -26.19 27.30 -58.49
CA THR E 106 -26.80 26.03 -58.11
C THR E 106 -27.15 26.06 -56.63
N ASP E 107 -27.98 25.11 -56.19
CA ASP E 107 -28.43 25.08 -54.81
C ASP E 107 -27.36 24.55 -53.85
N MET E 108 -26.25 24.08 -54.40
CA MET E 108 -25.07 23.70 -53.63
C MET E 108 -24.21 24.92 -53.27
N ARG E 109 -24.59 26.09 -53.76
CA ARG E 109 -23.79 27.30 -53.56
C ARG E 109 -23.66 27.65 -52.08
N GLY E 110 -22.43 27.93 -51.65
CA GLY E 110 -22.16 28.34 -50.27
C GLY E 110 -21.71 27.22 -49.35
N ARG E 111 -22.15 25.99 -49.64
CA ARG E 111 -21.78 24.83 -48.83
C ARG E 111 -20.57 24.12 -49.44
N VAL E 112 -19.86 23.38 -48.60
CA VAL E 112 -18.63 22.67 -49.01
C VAL E 112 -18.88 21.16 -49.09
N ASP E 113 -18.49 20.53 -50.20
CA ASP E 113 -18.71 19.08 -50.38
C ASP E 113 -17.46 18.22 -50.22
N VAL E 114 -16.29 18.80 -50.43
CA VAL E 114 -15.02 18.07 -50.27
C VAL E 114 -14.02 18.91 -49.47
N TRP E 115 -13.40 18.29 -48.48
CA TRP E 115 -12.42 18.93 -47.60
C TRP E 115 -11.04 18.32 -47.80
N GLY E 116 -10.01 19.15 -47.64
CA GLY E 116 -8.65 18.65 -47.48
C GLY E 116 -8.52 18.06 -46.08
N PRO E 117 -7.40 17.40 -45.79
CA PRO E 117 -7.21 16.83 -44.44
C PRO E 117 -7.08 17.90 -43.36
N GLY E 118 -6.60 19.09 -43.73
CA GLY E 118 -6.45 20.21 -42.81
C GLY E 118 -5.02 20.36 -42.33
N ILE E 119 -4.65 21.59 -41.97
CA ILE E 119 -3.28 21.89 -41.56
C ILE E 119 -3.26 22.74 -40.29
N LEU E 120 -2.55 22.27 -39.27
CA LEU E 120 -2.42 23.00 -38.01
C LEU E 120 -1.43 24.15 -38.20
N VAL E 121 -1.93 25.38 -38.08
CA VAL E 121 -1.09 26.56 -38.13
C VAL E 121 -1.07 27.19 -36.75
N THR E 122 0.12 27.33 -36.18
CA THR E 122 0.29 27.87 -34.83
C THR E 122 0.91 29.27 -34.93
N VAL E 123 0.24 30.24 -34.34
CA VAL E 123 0.71 31.62 -34.32
C VAL E 123 1.28 31.96 -32.95
N SER E 124 2.61 32.07 -32.88
CA SER E 124 3.29 32.29 -31.60
C SER E 124 4.73 32.76 -31.78
N SER E 125 5.25 33.44 -30.77
CA SER E 125 6.63 33.92 -30.77
C SER E 125 7.61 32.91 -30.18
N ALA E 126 7.12 31.74 -29.76
CA ALA E 126 7.94 30.73 -29.11
C ALA E 126 8.91 30.07 -30.09
N SER E 127 10.07 29.66 -29.59
CA SER E 127 11.05 28.92 -30.37
C SER E 127 10.73 27.43 -30.32
N THR E 128 10.93 26.74 -31.44
CA THR E 128 10.78 25.29 -31.50
C THR E 128 11.67 24.64 -30.44
N LYS E 129 11.04 23.92 -29.51
CA LYS E 129 11.75 23.32 -28.37
C LYS E 129 11.27 21.90 -28.12
N GLY E 130 12.21 20.99 -27.86
CA GLY E 130 11.88 19.60 -27.55
C GLY E 130 11.43 19.44 -26.11
N PRO E 131 10.75 18.33 -25.79
CA PRO E 131 10.21 18.13 -24.45
C PRO E 131 11.23 17.57 -23.46
N SER E 132 11.06 17.93 -22.19
CA SER E 132 11.68 17.20 -21.10
C SER E 132 10.67 16.13 -20.67
N VAL E 133 11.11 14.87 -20.66
CA VAL E 133 10.24 13.75 -20.31
C VAL E 133 10.53 13.32 -18.88
N PHE E 134 9.59 13.59 -17.97
CA PHE E 134 9.75 13.24 -16.56
C PHE E 134 8.88 12.04 -16.22
N PRO E 135 9.34 11.19 -15.27
CA PRO E 135 8.57 10.00 -14.94
C PRO E 135 7.42 10.30 -14.00
N LEU E 136 6.29 9.63 -14.22
CA LEU E 136 5.20 9.55 -13.26
C LEU E 136 5.29 8.16 -12.66
N ALA E 137 5.99 8.06 -11.53
CA ALA E 137 6.34 6.77 -10.95
C ALA E 137 5.11 6.07 -10.35
N PRO E 138 4.99 4.76 -10.55
CA PRO E 138 3.92 4.06 -9.86
C PRO E 138 4.18 4.09 -8.37
N SER E 139 3.15 4.39 -7.59
CA SER E 139 3.29 4.43 -6.14
C SER E 139 3.73 3.07 -5.61
N SER E 140 4.48 3.08 -4.52
CA SER E 140 4.93 1.85 -3.87
C SER E 140 3.87 1.31 -2.90
N LYS E 141 2.92 2.17 -2.52
CA LYS E 141 1.86 1.82 -1.58
C LYS E 141 0.49 2.01 -2.23
N THR E 143 -0.10 -3.39 -3.66
CA THR E 143 -0.14 -4.82 -3.39
C THR E 143 -0.67 -5.63 -4.57
N SER E 144 -0.12 -6.83 -4.77
CA SER E 144 -0.50 -7.70 -5.87
C SER E 144 -2.01 -7.94 -5.89
N GLY E 145 -2.58 -7.99 -7.08
CA GLY E 145 -4.03 -8.07 -7.26
C GLY E 145 -4.62 -6.72 -7.66
N GLY E 146 -3.96 -5.64 -7.22
CA GLY E 146 -4.42 -4.28 -7.51
C GLY E 146 -3.86 -3.74 -8.81
N THR E 147 -4.32 -2.54 -9.17
CA THR E 147 -3.91 -1.89 -10.40
C THR E 147 -3.04 -0.68 -10.08
N ALA E 148 -1.90 -0.57 -10.75
CA ALA E 148 -1.00 0.57 -10.61
C ALA E 148 -1.08 1.47 -11.83
N ALA E 149 -1.00 2.77 -11.60
CA ALA E 149 -0.92 3.74 -12.68
C ALA E 149 0.51 4.25 -12.77
N LEU E 150 1.03 4.34 -14.00
CA LEU E 150 2.33 4.97 -14.24
C LEU E 150 2.27 5.76 -15.54
N GLY E 151 3.26 6.61 -15.77
CA GLY E 151 3.21 7.51 -16.91
C GLY E 151 4.47 8.33 -17.13
N CYS E 152 4.41 9.18 -18.15
CA CYS E 152 5.45 10.15 -18.46
C CYS E 152 4.83 11.53 -18.60
N LEU E 153 5.47 12.52 -17.97
CA LEU E 153 5.10 13.92 -18.12
C LEU E 153 5.96 14.51 -19.22
N VAL E 154 5.36 14.72 -20.39
CA VAL E 154 6.04 15.34 -21.53
C VAL E 154 5.80 16.84 -21.43
N LYS E 155 6.78 17.56 -20.90
N LYS E 155 6.78 17.57 -20.91
CA LYS E 155 6.60 18.97 -20.50
CA LYS E 155 6.58 18.96 -20.53
C LYS E 155 7.44 19.93 -21.35
C LYS E 155 7.45 19.93 -21.34
N ASP E 156 6.94 21.15 -21.50
CA ASP E 156 7.69 22.27 -22.11
C ASP E 156 8.23 22.03 -23.53
N TYR E 157 7.34 21.64 -24.44
CA TYR E 157 7.70 21.51 -25.85
C TYR E 157 6.89 22.49 -26.69
N PHE E 158 7.34 22.71 -27.91
CA PHE E 158 6.67 23.64 -28.82
C PHE E 158 7.23 23.51 -30.25
N PRO E 159 6.34 23.45 -31.26
CA PRO E 159 4.89 23.43 -31.15
C PRO E 159 4.35 22.02 -31.00
N GLU E 160 3.03 21.89 -31.04
CA GLU E 160 2.39 20.61 -31.24
C GLU E 160 2.86 20.06 -32.59
N PRO E 161 2.74 18.73 -32.81
CA PRO E 161 2.30 17.71 -31.89
C PRO E 161 3.45 16.86 -31.36
N VAL E 162 3.18 16.06 -30.34
CA VAL E 162 4.09 15.02 -29.89
C VAL E 162 3.37 13.69 -29.96
N THR E 163 4.08 12.63 -30.30
CA THR E 163 3.53 11.28 -30.17
C THR E 163 4.16 10.61 -28.96
N VAL E 164 3.34 9.83 -28.25
CA VAL E 164 3.81 8.99 -27.17
C VAL E 164 3.30 7.57 -27.40
N SER E 165 4.19 6.60 -27.31
CA SER E 165 3.81 5.21 -27.26
C SER E 165 4.52 4.56 -26.08
N TRP E 166 4.10 3.35 -25.73
CA TRP E 166 4.68 2.61 -24.62
C TRP E 166 5.30 1.31 -25.09
N ASN E 167 6.56 1.08 -24.71
CA ASN E 167 7.31 -0.12 -25.08
C ASN E 167 7.31 -0.39 -26.60
N SER E 168 7.51 0.67 -27.37
CA SER E 168 7.61 0.61 -28.83
C SER E 168 6.35 0.08 -29.51
N GLY E 169 5.20 0.39 -28.93
CA GLY E 169 3.90 -0.05 -29.48
C GLY E 169 3.41 -1.39 -28.97
N ALA E 170 4.23 -2.10 -28.20
CA ALA E 170 3.84 -3.38 -27.62
C ALA E 170 2.81 -3.23 -26.49
N LEU E 171 2.83 -2.10 -25.79
CA LEU E 171 1.89 -1.83 -24.70
C LEU E 171 0.84 -0.81 -25.14
N THR E 172 -0.37 -1.30 -25.40
CA THR E 172 -1.47 -0.46 -25.90
C THR E 172 -2.66 -0.40 -24.94
N SER E 173 -2.99 -1.52 -24.31
CA SER E 173 -4.14 -1.61 -23.43
C SER E 173 -3.99 -0.72 -22.18
N GLY E 174 -5.06 -0.02 -21.84
CA GLY E 174 -5.07 0.84 -20.66
C GLY E 174 -4.22 2.10 -20.77
N VAL E 175 -3.74 2.40 -21.97
CA VAL E 175 -2.96 3.61 -22.21
C VAL E 175 -3.90 4.80 -22.42
N HIS E 176 -3.58 5.93 -21.79
CA HIS E 176 -4.28 7.19 -22.03
C HIS E 176 -3.27 8.32 -22.22
N THR E 177 -3.19 8.81 -23.45
CA THR E 177 -2.36 9.95 -23.80
C THR E 177 -3.26 11.17 -23.93
N PHE E 178 -3.11 12.12 -23.01
CA PHE E 178 -4.04 13.23 -22.91
C PHE E 178 -3.74 14.34 -23.90
N PRO E 179 -4.76 15.17 -24.22
CA PRO E 179 -4.49 16.34 -25.04
C PRO E 179 -3.52 17.29 -24.33
N ALA E 180 -2.59 17.86 -25.09
CA ALA E 180 -1.67 18.85 -24.55
C ALA E 180 -2.43 20.10 -24.11
N VAL E 181 -1.92 20.78 -23.09
CA VAL E 181 -2.41 22.09 -22.69
C VAL E 181 -1.34 23.14 -22.92
N LEU E 182 -1.75 24.35 -23.26
CA LEU E 182 -0.83 25.46 -23.45
C LEU E 182 -0.61 26.18 -22.13
N GLN E 183 0.61 26.04 -21.59
CA GLN E 183 0.97 26.71 -20.33
C GLN E 183 1.11 28.22 -20.55
N SER E 184 1.25 28.97 -19.45
CA SER E 184 1.34 30.43 -19.53
C SER E 184 2.63 30.93 -20.17
N SER E 185 3.63 30.04 -20.26
CA SER E 185 4.93 30.37 -20.86
C SER E 185 4.90 30.30 -22.39
N GLY E 186 3.83 29.76 -22.95
CA GLY E 186 3.72 29.56 -24.41
C GLY E 186 4.18 28.18 -24.85
N LEU E 187 4.58 27.35 -23.88
CA LEU E 187 5.04 25.99 -24.14
C LEU E 187 3.95 25.00 -23.80
N TYR E 188 3.99 23.84 -24.45
CA TYR E 188 3.00 22.79 -24.22
C TYR E 188 3.47 21.80 -23.16
N SER E 189 2.50 21.17 -22.51
CA SER E 189 2.77 20.07 -21.58
C SER E 189 1.65 19.05 -21.69
N LEU E 190 2.02 17.77 -21.74
CA LEU E 190 1.02 16.70 -21.67
C LEU E 190 1.55 15.53 -20.87
N SER E 191 0.64 14.78 -20.27
CA SER E 191 0.97 13.54 -19.61
C SER E 191 0.43 12.38 -20.44
N SER E 192 1.15 11.27 -20.42
CA SER E 192 0.66 10.02 -20.98
C SER E 192 0.75 9.00 -19.87
N VAL E 193 -0.34 8.29 -19.64
CA VAL E 193 -0.41 7.34 -18.54
C VAL E 193 -0.86 5.99 -19.05
N VAL E 194 -0.50 4.96 -18.28
CA VAL E 194 -0.93 3.61 -18.57
C VAL E 194 -1.24 2.96 -17.23
N THR E 195 -2.25 2.09 -17.22
CA THR E 195 -2.67 1.40 -16.02
C THR E 195 -2.33 -0.07 -16.21
N VAL E 196 -1.67 -0.67 -15.22
CA VAL E 196 -1.15 -2.05 -15.30
C VAL E 196 -1.27 -2.73 -13.94
N PRO E 197 -1.14 -4.07 -13.90
CA PRO E 197 -1.24 -4.75 -12.62
C PRO E 197 -0.03 -4.45 -11.73
N SER E 198 -0.29 -4.23 -10.44
CA SER E 198 0.76 -3.94 -9.48
C SER E 198 1.81 -5.06 -9.42
N SER E 199 1.38 -6.29 -9.66
CA SER E 199 2.28 -7.45 -9.65
C SER E 199 3.33 -7.41 -10.76
N SER E 200 3.04 -6.71 -11.85
CA SER E 200 3.93 -6.64 -13.01
C SER E 200 5.12 -5.70 -12.83
N LEU E 201 5.04 -4.79 -11.86
CA LEU E 201 6.06 -3.73 -11.67
C LEU E 201 7.46 -4.30 -11.44
N GLY E 202 7.56 -5.33 -10.60
CA GLY E 202 8.84 -6.00 -10.35
C GLY E 202 9.33 -6.83 -11.52
N THR E 203 8.43 -7.16 -12.44
CA THR E 203 8.71 -8.09 -13.54
C THR E 203 8.79 -7.43 -14.93
N GLN E 204 7.98 -6.39 -15.16
CA GLN E 204 7.87 -5.79 -16.50
C GLN E 204 8.53 -4.42 -16.55
N THR E 205 9.23 -4.16 -17.64
CA THR E 205 9.85 -2.85 -17.88
C THR E 205 8.87 -1.98 -18.65
N TYR E 206 8.73 -0.73 -18.23
CA TYR E 206 7.80 0.20 -18.85
C TYR E 206 8.54 1.44 -19.34
N ILE E 207 8.59 1.59 -20.65
CA ILE E 207 9.29 2.69 -21.29
C ILE E 207 8.29 3.47 -22.15
N CYS E 208 8.23 4.78 -21.97
CA CYS E 208 7.43 5.63 -22.85
C CYS E 208 8.32 6.16 -23.97
N ASN E 209 7.85 6.03 -25.20
CA ASN E 209 8.58 6.49 -26.38
C ASN E 209 8.00 7.83 -26.86
N VAL E 210 8.68 8.92 -26.53
CA VAL E 210 8.24 10.26 -26.89
C VAL E 210 8.93 10.70 -28.17
N ASN E 211 8.13 11.13 -29.14
CA ASN E 211 8.65 11.68 -30.40
C ASN E 211 8.05 13.07 -30.64
N HIS E 212 8.93 14.06 -30.76
CA HIS E 212 8.53 15.44 -31.11
C HIS E 212 9.26 15.82 -32.40
N LYS E 213 8.61 15.55 -33.54
CA LYS E 213 9.24 15.67 -34.86
C LYS E 213 9.75 17.08 -35.20
N PRO E 214 9.01 18.14 -34.81
CA PRO E 214 9.45 19.50 -35.15
C PRO E 214 10.81 19.90 -34.57
N SER E 215 11.13 19.40 -33.38
CA SER E 215 12.44 19.64 -32.77
C SER E 215 13.39 18.47 -33.04
N ASN E 216 12.88 17.42 -33.68
CA ASN E 216 13.66 16.22 -34.00
C ASN E 216 14.29 15.56 -32.77
N THR E 217 13.56 15.51 -31.66
CA THR E 217 14.02 14.81 -30.46
C THR E 217 13.12 13.62 -30.18
N LYS E 218 13.73 12.44 -30.10
CA LYS E 218 13.06 11.24 -29.62
C LYS E 218 13.61 10.96 -28.23
N VAL E 219 12.73 10.60 -27.29
CA VAL E 219 13.15 10.33 -25.92
C VAL E 219 12.47 9.07 -25.36
N ASP E 220 13.29 8.08 -25.00
CA ASP E 220 12.82 6.88 -24.31
C ASP E 220 13.03 7.04 -22.81
N LYS E 221 11.93 7.12 -22.06
CA LYS E 221 11.99 7.26 -20.60
C LYS E 221 11.53 5.98 -19.90
N ARG E 222 12.48 5.28 -19.28
CA ARG E 222 12.16 4.16 -18.40
C ARG E 222 11.50 4.71 -17.14
N VAL E 223 10.27 4.26 -16.88
CA VAL E 223 9.55 4.63 -15.66
C VAL E 223 9.53 3.44 -14.70
N GLU E 224 10.03 3.66 -13.49
CA GLU E 224 10.10 2.61 -12.47
C GLU E 224 9.59 3.11 -11.12
N PRO E 225 9.19 2.17 -10.23
CA PRO E 225 8.83 2.58 -8.87
C PRO E 225 10.05 3.05 -8.10
N LYS E 226 9.97 4.26 -7.54
CA LYS E 226 11.10 4.86 -6.82
C LYS E 226 11.35 4.13 -5.50
N SER E 227 12.61 4.14 -5.06
CA SER E 227 13.01 3.51 -3.79
C SER E 227 11.83 3.30 -2.84
N CYS E 228 11.16 4.40 -2.51
CA CYS E 228 9.83 4.35 -1.86
C CYS E 228 9.16 5.71 -1.91
N ASP F 1 -24.07 39.44 -40.02
CA ASP F 1 -23.62 38.02 -39.86
C ASP F 1 -24.73 37.19 -39.21
N ILE F 2 -25.20 36.17 -39.93
CA ILE F 2 -26.27 35.30 -39.45
C ILE F 2 -25.71 34.36 -38.39
N GLN F 3 -26.24 34.45 -37.17
CA GLN F 3 -25.77 33.61 -36.06
C GLN F 3 -26.53 32.29 -36.05
N MET F 4 -25.79 31.19 -35.89
CA MET F 4 -26.36 29.85 -35.92
C MET F 4 -26.21 29.18 -34.56
N SER F 5 -27.32 28.71 -34.00
CA SER F 5 -27.37 28.15 -32.66
C SER F 5 -27.89 26.72 -32.68
N GLN F 6 -27.04 25.78 -32.27
CA GLN F 6 -27.43 24.38 -32.19
C GLN F 6 -27.80 24.01 -30.77
N SER F 7 -28.83 23.19 -30.63
CA SER F 7 -29.15 22.58 -29.33
C SER F 7 -29.61 21.13 -29.53
N PRO F 8 -29.22 20.22 -28.62
CA PRO F 8 -28.34 20.47 -27.48
C PRO F 8 -26.88 20.50 -27.91
N SER F 9 -26.00 20.99 -27.06
CA SER F 9 -24.57 21.00 -27.36
C SER F 9 -23.98 19.61 -27.16
N SER F 10 -24.48 18.90 -26.15
CA SER F 10 -24.09 17.52 -25.87
C SER F 10 -25.34 16.63 -25.88
N LEU F 11 -25.12 15.32 -26.02
CA LEU F 11 -26.22 14.39 -26.19
C LEU F 11 -25.74 12.94 -26.06
N SER F 12 -26.31 12.21 -25.10
CA SER F 12 -25.99 10.80 -24.89
C SER F 12 -27.04 9.92 -25.56
N ALA F 13 -26.58 8.91 -26.29
CA ALA F 13 -27.47 8.01 -27.01
C ALA F 13 -26.85 6.63 -27.17
N SER F 14 -27.69 5.65 -27.51
CA SER F 14 -27.26 4.28 -27.71
C SER F 14 -27.49 3.88 -29.16
N VAL F 15 -26.78 2.86 -29.60
CA VAL F 15 -27.03 2.22 -30.89
C VAL F 15 -28.52 1.87 -31.00
N GLY F 16 -29.14 2.25 -32.12
CA GLY F 16 -30.56 1.97 -32.35
C GLY F 16 -31.50 3.11 -32.00
N ASP F 17 -31.01 4.12 -31.30
CA ASP F 17 -31.84 5.26 -30.90
C ASP F 17 -32.09 6.20 -32.07
N THR F 18 -33.18 6.94 -31.99
CA THR F 18 -33.45 8.03 -32.91
C THR F 18 -33.10 9.33 -32.21
N VAL F 19 -32.23 10.12 -32.84
CA VAL F 19 -31.75 11.35 -32.25
C VAL F 19 -31.96 12.50 -33.24
N THR F 20 -32.26 13.69 -32.70
CA THR F 20 -32.48 14.87 -33.53
C THR F 20 -31.73 16.09 -32.98
N ILE F 21 -31.15 16.88 -33.89
CA ILE F 21 -30.35 18.04 -33.52
C ILE F 21 -30.93 19.30 -34.14
N THR F 22 -31.29 20.27 -33.29
CA THR F 22 -31.90 21.50 -33.76
C THR F 22 -30.81 22.51 -34.11
N CYS F 23 -31.00 23.20 -35.23
CA CYS F 23 -30.17 24.33 -35.61
C CYS F 23 -31.06 25.53 -35.87
N ARG F 24 -30.80 26.61 -35.14
CA ARG F 24 -31.57 27.84 -35.28
C ARG F 24 -30.73 28.93 -35.95
N ALA F 25 -31.38 29.70 -36.82
CA ALA F 25 -30.75 30.85 -37.47
C ALA F 25 -31.34 32.12 -36.89
N SER F 26 -30.49 33.14 -36.69
CA SER F 26 -30.94 34.42 -36.14
C SER F 26 -31.92 35.13 -37.08
N GLN F 27 -31.82 34.83 -38.38
CA GLN F 27 -32.76 35.34 -39.38
C GLN F 27 -32.95 34.32 -40.50
N GLY F 28 -33.94 34.56 -41.36
CA GLY F 28 -34.27 33.68 -42.47
C GLY F 28 -33.09 33.42 -43.40
N ILE F 29 -33.06 32.23 -43.97
CA ILE F 29 -31.96 31.81 -44.85
C ILE F 29 -32.45 31.10 -46.12
N SER F 30 -33.71 31.36 -46.50
CA SER F 30 -34.34 30.66 -47.63
C SER F 30 -34.07 29.14 -47.65
N ASN F 31 -33.97 28.55 -46.45
CA ASN F 31 -33.79 27.10 -46.29
C ASN F 31 -32.46 26.54 -46.83
N TYR F 32 -31.45 27.41 -46.95
CA TYR F 32 -30.11 26.95 -47.34
C TYR F 32 -29.31 26.62 -46.08
N LEU F 33 -29.58 25.44 -45.52
CA LEU F 33 -28.90 24.96 -44.33
C LEU F 33 -28.25 23.62 -44.59
N ALA F 34 -26.94 23.55 -44.33
CA ALA F 34 -26.15 22.35 -44.56
C ALA F 34 -25.76 21.72 -43.23
N TRP F 35 -25.43 20.42 -43.26
CA TRP F 35 -24.99 19.69 -42.06
C TRP F 35 -23.67 18.96 -42.32
N TYR F 36 -22.81 18.94 -41.31
CA TYR F 36 -21.53 18.27 -41.40
C TYR F 36 -21.31 17.35 -40.21
N GLN F 37 -20.60 16.25 -40.45
CA GLN F 37 -20.18 15.33 -39.42
C GLN F 37 -18.66 15.47 -39.25
N GLN F 38 -18.20 15.49 -38.01
CA GLN F 38 -16.77 15.54 -37.72
C GLN F 38 -16.42 14.62 -36.56
N LYS F 39 -15.34 13.87 -36.74
CA LYS F 39 -14.80 13.01 -35.70
C LYS F 39 -13.45 13.60 -35.29
N PRO F 40 -12.99 13.29 -34.05
CA PRO F 40 -11.76 13.90 -33.52
C PRO F 40 -10.53 13.70 -34.39
N GLY F 41 -9.83 14.80 -34.68
CA GLY F 41 -8.60 14.77 -35.45
C GLY F 41 -8.80 14.64 -36.96
N LYS F 42 -10.04 14.73 -37.42
CA LYS F 42 -10.36 14.60 -38.83
C LYS F 42 -11.08 15.83 -39.37
N ALA F 43 -10.96 16.03 -40.68
CA ALA F 43 -11.71 17.07 -41.37
C ALA F 43 -13.20 16.71 -41.35
N PRO F 44 -14.08 17.72 -41.26
CA PRO F 44 -15.51 17.42 -41.30
C PRO F 44 -15.94 16.77 -42.63
N LYS F 45 -16.98 15.95 -42.59
CA LYS F 45 -17.57 15.36 -43.78
C LYS F 45 -18.95 15.96 -44.02
N SER F 46 -19.24 16.27 -45.28
CA SER F 46 -20.52 16.84 -45.66
C SER F 46 -21.61 15.78 -45.65
N LEU F 47 -22.71 16.07 -44.96
CA LEU F 47 -23.86 15.17 -44.89
C LEU F 47 -25.01 15.66 -45.76
N ILE F 48 -25.44 16.90 -45.52
CA ILE F 48 -26.66 17.42 -46.12
C ILE F 48 -26.49 18.87 -46.55
N TYR F 49 -27.17 19.25 -47.63
CA TYR F 49 -27.24 20.65 -48.06
C TYR F 49 -28.67 21.03 -48.46
N TYR F 50 -28.95 22.33 -48.47
CA TYR F 50 -30.26 22.86 -48.85
C TYR F 50 -31.38 22.21 -48.01
N THR F 51 -31.16 22.20 -46.69
CA THR F 51 -32.09 21.59 -45.72
C THR F 51 -32.12 20.05 -45.76
N SER F 52 -32.57 19.50 -46.89
CA SER F 52 -32.98 18.10 -46.96
C SER F 52 -32.16 17.23 -47.91
N HIS F 53 -31.18 17.80 -48.58
CA HIS F 53 -30.48 17.10 -49.65
C HIS F 53 -29.27 16.31 -49.15
N LEU F 54 -29.38 14.97 -49.12
CA LEU F 54 -28.26 14.13 -48.70
C LEU F 54 -27.11 14.22 -49.69
N GLU F 55 -25.89 14.37 -49.16
CA GLU F 55 -24.70 14.32 -49.99
C GLU F 55 -24.49 12.88 -50.41
N SER F 56 -23.82 12.68 -51.55
CA SER F 56 -23.61 11.35 -52.11
C SER F 56 -22.93 10.41 -51.11
N GLY F 57 -23.53 9.24 -50.90
CA GLY F 57 -22.96 8.19 -50.06
C GLY F 57 -23.44 8.21 -48.61
N VAL F 58 -24.15 9.25 -48.23
CA VAL F 58 -24.64 9.38 -46.85
C VAL F 58 -25.79 8.41 -46.64
N PRO F 59 -25.72 7.57 -45.58
CA PRO F 59 -26.79 6.63 -45.30
C PRO F 59 -28.15 7.31 -45.13
N SER F 60 -29.21 6.63 -45.56
CA SER F 60 -30.56 7.21 -45.56
C SER F 60 -31.11 7.44 -44.16
N ARG F 61 -30.44 6.89 -43.13
CA ARG F 61 -30.83 7.13 -41.74
C ARG F 61 -30.57 8.57 -41.27
N PHE F 62 -29.79 9.33 -42.04
CA PHE F 62 -29.63 10.77 -41.81
C PHE F 62 -30.64 11.49 -42.68
N SER F 63 -31.48 12.32 -42.07
CA SER F 63 -32.47 13.12 -42.81
C SER F 63 -32.52 14.54 -42.28
N GLY F 64 -32.71 15.49 -43.20
CA GLY F 64 -32.76 16.90 -42.84
C GLY F 64 -34.14 17.48 -43.07
N SER F 65 -34.63 18.22 -42.09
CA SER F 65 -35.88 18.96 -42.20
C SER F 65 -35.72 20.37 -41.62
N GLY F 66 -36.81 21.13 -41.62
CA GLY F 66 -36.83 22.45 -41.03
C GLY F 66 -37.22 23.51 -42.04
N SER F 67 -37.44 24.71 -41.54
CA SER F 67 -37.82 25.83 -42.38
C SER F 67 -37.66 27.12 -41.60
N GLY F 68 -37.72 28.25 -42.32
CA GLY F 68 -37.62 29.57 -41.71
C GLY F 68 -36.33 29.75 -40.92
N THR F 69 -36.44 29.71 -39.60
CA THR F 69 -35.30 29.90 -38.71
C THR F 69 -34.99 28.69 -37.82
N ASP F 70 -35.65 27.55 -38.08
CA ASP F 70 -35.50 26.35 -37.26
CA ASP F 70 -35.48 26.36 -37.25
C ASP F 70 -35.30 25.12 -38.14
N PHE F 71 -34.22 24.37 -37.90
CA PHE F 71 -33.90 23.19 -38.70
C PHE F 71 -33.46 22.01 -37.86
N SER F 72 -33.73 20.80 -38.35
CA SER F 72 -33.45 19.57 -37.61
C SER F 72 -32.60 18.59 -38.42
N LEU F 73 -31.57 18.04 -37.78
CA LEU F 73 -30.87 16.87 -38.29
C LEU F 73 -31.39 15.68 -37.52
N THR F 74 -32.01 14.73 -38.21
CA THR F 74 -32.53 13.53 -37.58
C THR F 74 -31.70 12.32 -38.00
N ILE F 75 -31.32 11.51 -37.01
CA ILE F 75 -30.61 10.26 -37.25
C ILE F 75 -31.44 9.14 -36.64
N SER F 76 -32.09 8.35 -37.50
CA SER F 76 -32.97 7.29 -37.05
C SER F 76 -32.22 5.97 -37.00
N SER F 77 -32.25 5.32 -35.83
CA SER F 77 -31.49 4.10 -35.56
C SER F 77 -29.99 4.39 -35.64
N LEU F 78 -29.45 4.90 -34.55
CA LEU F 78 -28.06 5.34 -34.45
C LEU F 78 -27.09 4.17 -34.57
N GLN F 79 -26.02 4.35 -35.34
CA GLN F 79 -25.00 3.34 -35.57
C GLN F 79 -23.68 3.71 -34.91
N PRO F 80 -22.88 2.74 -34.53
CA PRO F 80 -21.61 3.03 -33.85
C PRO F 80 -20.76 4.13 -34.52
N GLU F 81 -20.79 4.21 -35.83
CA GLU F 81 -20.02 5.20 -36.56
C GLU F 81 -20.62 6.60 -36.59
N ASP F 82 -21.79 6.75 -36.00
CA ASP F 82 -22.49 8.04 -35.98
C ASP F 82 -22.16 8.88 -34.75
N PHE F 83 -21.48 8.28 -33.77
CA PHE F 83 -21.04 9.03 -32.60
C PHE F 83 -19.93 9.98 -33.02
N ALA F 84 -20.23 11.26 -32.94
CA ALA F 84 -19.40 12.30 -33.53
C ALA F 84 -20.03 13.65 -33.24
N THR F 85 -19.35 14.73 -33.64
CA THR F 85 -19.88 16.07 -33.51
C THR F 85 -20.55 16.46 -34.81
N TYR F 86 -21.70 17.12 -34.72
CA TYR F 86 -22.46 17.52 -35.89
C TYR F 86 -22.63 19.03 -35.94
N TYR F 87 -22.34 19.62 -37.10
CA TYR F 87 -22.38 21.06 -37.29
C TYR F 87 -23.40 21.42 -38.36
N CYS F 88 -24.14 22.51 -38.12
CA CYS F 88 -25.00 23.07 -39.16
C CYS F 88 -24.30 24.31 -39.71
N GLN F 89 -24.66 24.67 -40.94
CA GLN F 89 -24.10 25.84 -41.59
C GLN F 89 -25.12 26.44 -42.54
N GLN F 90 -25.53 27.68 -42.24
CA GLN F 90 -26.27 28.49 -43.18
C GLN F 90 -25.38 28.76 -44.39
N HIS F 91 -25.91 28.56 -45.59
CA HIS F 91 -25.16 28.89 -46.81
C HIS F 91 -25.99 29.72 -47.79
N ASN F 92 -26.90 30.52 -47.25
CA ASN F 92 -27.63 31.49 -48.05
C ASN F 92 -26.79 32.75 -48.24
N SER F 93 -26.28 33.29 -47.14
CA SER F 93 -25.67 34.63 -47.10
C SER F 93 -24.14 34.67 -46.97
N TYR F 94 -23.59 35.86 -47.11
CA TYR F 94 -22.18 36.15 -46.86
C TYR F 94 -22.05 36.98 -45.59
N PRO F 95 -21.15 36.57 -44.66
CA PRO F 95 -20.26 35.42 -44.71
C PRO F 95 -21.01 34.14 -44.35
N ARG F 96 -20.50 33.01 -44.79
CA ARG F 96 -21.06 31.72 -44.36
C ARG F 96 -20.74 31.53 -42.89
N THR F 97 -21.71 30.99 -42.15
CA THR F 97 -21.59 30.89 -40.69
C THR F 97 -22.01 29.55 -40.13
N PHE F 98 -21.31 29.17 -39.07
CA PHE F 98 -21.58 27.96 -38.29
C PHE F 98 -21.97 28.50 -36.92
N GLY F 99 -22.62 27.74 -36.05
CA GLY F 99 -22.68 26.29 -36.08
C GLY F 99 -21.64 25.86 -35.06
N GLN F 100 -22.02 25.91 -33.78
CA GLN F 100 -21.09 25.62 -32.68
C GLN F 100 -20.97 24.12 -32.39
N GLY F 101 -21.81 23.32 -33.01
CA GLY F 101 -21.70 21.87 -32.96
C GLY F 101 -22.53 21.21 -31.88
N THR F 102 -22.90 19.96 -32.12
CA THR F 102 -23.62 19.13 -31.16
C THR F 102 -22.90 17.80 -31.07
N LYS F 103 -22.30 17.52 -29.91
CA LYS F 103 -21.54 16.28 -29.75
C LYS F 103 -22.45 15.13 -29.36
N VAL F 104 -22.54 14.14 -30.23
CA VAL F 104 -23.36 12.96 -30.00
C VAL F 104 -22.48 11.88 -29.37
N GLU F 105 -22.70 11.63 -28.08
CA GLU F 105 -21.86 10.74 -27.28
C GLU F 105 -22.56 9.43 -26.94
N ILE F 106 -21.79 8.48 -26.41
CA ILE F 106 -22.26 7.13 -26.14
C ILE F 106 -22.70 6.96 -24.68
N LYS F 107 -23.96 6.57 -24.48
CA LYS F 107 -24.49 6.34 -23.15
C LYS F 107 -23.98 5.02 -22.58
N ARG F 108 -23.78 5.00 -21.26
CA ARG F 108 -23.38 3.79 -20.55
C ARG F 108 -23.73 3.95 -19.07
N THR F 109 -23.51 2.89 -18.30
CA THR F 109 -23.76 2.91 -16.87
C THR F 109 -22.73 3.80 -16.19
N VAL F 110 -23.09 4.34 -15.02
CA VAL F 110 -22.18 5.17 -14.26
C VAL F 110 -20.99 4.33 -13.80
N ALA F 111 -19.79 4.87 -13.95
CA ALA F 111 -18.57 4.17 -13.54
C ALA F 111 -17.67 5.09 -12.73
N ALA F 112 -17.33 4.66 -11.52
CA ALA F 112 -16.45 5.43 -10.64
C ALA F 112 -15.05 5.53 -11.25
N PRO F 113 -14.38 6.68 -11.06
CA PRO F 113 -12.99 6.79 -11.47
C PRO F 113 -12.07 6.12 -10.46
N SER F 114 -10.97 5.55 -10.96
CA SER F 114 -9.85 5.17 -10.12
C SER F 114 -8.92 6.37 -10.08
N VAL F 115 -8.51 6.77 -8.89
CA VAL F 115 -7.74 8.00 -8.71
C VAL F 115 -6.31 7.69 -8.32
N PHE F 116 -5.36 8.30 -9.02
CA PHE F 116 -3.95 8.16 -8.73
C PHE F 116 -3.30 9.53 -8.63
N ILE F 117 -2.48 9.73 -7.61
CA ILE F 117 -1.74 10.97 -7.43
C ILE F 117 -0.25 10.71 -7.67
N PHE F 118 0.40 11.63 -8.38
CA PHE F 118 1.81 11.51 -8.69
C PHE F 118 2.55 12.74 -8.18
N PRO F 119 3.55 12.53 -7.31
CA PRO F 119 4.38 13.65 -6.89
C PRO F 119 5.34 14.07 -8.00
N PRO F 120 5.83 15.32 -7.96
CA PRO F 120 6.84 15.72 -8.93
C PRO F 120 8.06 14.83 -8.83
N SER F 121 8.65 14.48 -9.96
CA SER F 121 9.87 13.68 -9.95
C SER F 121 11.05 14.53 -9.47
N ASP F 122 12.06 13.87 -8.91
CA ASP F 122 13.30 14.54 -8.51
C ASP F 122 13.96 15.20 -9.72
N GLU F 123 13.86 14.54 -10.88
CA GLU F 123 14.44 15.04 -12.13
C GLU F 123 13.90 16.43 -12.48
N GLN F 124 12.58 16.58 -12.37
CA GLN F 124 11.94 17.87 -12.62
C GLN F 124 12.35 18.91 -11.58
N LEU F 125 12.50 18.50 -10.33
CA LEU F 125 12.80 19.42 -9.23
C LEU F 125 14.15 20.12 -9.39
N LYS F 126 15.07 19.53 -10.13
CA LYS F 126 16.34 20.19 -10.41
C LYS F 126 16.22 21.38 -11.35
N SER F 127 15.14 21.44 -12.12
CA SER F 127 14.90 22.54 -13.06
C SER F 127 14.30 23.79 -12.40
N GLY F 128 13.66 23.62 -11.25
CA GLY F 128 13.12 24.73 -10.48
C GLY F 128 11.61 24.86 -10.54
N THR F 129 10.95 23.91 -11.20
CA THR F 129 9.49 23.86 -11.27
C THR F 129 9.01 22.52 -10.74
N ALA F 130 7.78 22.50 -10.23
CA ALA F 130 7.16 21.31 -9.68
C ALA F 130 5.78 21.10 -10.28
N SER F 131 5.57 19.94 -10.87
CA SER F 131 4.26 19.53 -11.40
C SER F 131 3.78 18.37 -10.55
N VAL F 132 2.55 18.48 -10.05
CA VAL F 132 1.90 17.38 -9.33
C VAL F 132 0.67 16.95 -10.14
N VAL F 133 0.60 15.66 -10.46
CA VAL F 133 -0.43 15.15 -11.36
C VAL F 133 -1.45 14.25 -10.65
N CYS F 134 -2.72 14.47 -10.94
CA CYS F 134 -3.79 13.62 -10.45
C CYS F 134 -4.51 12.97 -11.62
N LEU F 135 -4.58 11.64 -11.62
CA LEU F 135 -5.23 10.89 -12.67
C LEU F 135 -6.58 10.38 -12.19
N LEU F 136 -7.63 10.67 -12.96
CA LEU F 136 -8.93 10.03 -12.80
C LEU F 136 -9.11 9.11 -14.01
N ASN F 137 -9.08 7.79 -13.76
CA ASN F 137 -9.05 6.80 -14.84
C ASN F 137 -10.38 6.05 -15.05
N ASN F 138 -10.79 5.93 -16.32
CA ASN F 138 -12.03 5.25 -16.74
C ASN F 138 -13.26 5.49 -15.88
N PHE F 139 -13.92 6.62 -16.11
CA PHE F 139 -15.15 6.98 -15.42
C PHE F 139 -16.24 7.43 -16.39
N TYR F 140 -17.47 7.47 -15.89
CA TYR F 140 -18.60 7.99 -16.64
C TYR F 140 -19.71 8.40 -15.66
N PRO F 141 -20.39 9.54 -15.93
CA PRO F 141 -20.24 10.46 -17.06
C PRO F 141 -18.99 11.35 -17.02
N ARG F 142 -18.83 12.20 -18.03
CA ARG F 142 -17.67 13.08 -18.16
C ARG F 142 -17.51 14.03 -16.98
N GLU F 143 -18.62 14.48 -16.42
CA GLU F 143 -18.59 15.52 -15.40
C GLU F 143 -17.84 15.02 -14.16
N ALA F 144 -16.79 15.74 -13.78
CA ALA F 144 -15.99 15.40 -12.61
C ALA F 144 -15.42 16.67 -11.98
N LYS F 145 -15.17 16.60 -10.67
CA LYS F 145 -14.63 17.72 -9.92
C LYS F 145 -13.29 17.31 -9.29
N VAL F 146 -12.25 18.08 -9.57
CA VAL F 146 -10.93 17.83 -8.98
C VAL F 146 -10.53 19.05 -8.16
N GLN F 147 -10.22 18.84 -6.89
CA GLN F 147 -9.80 19.93 -6.00
C GLN F 147 -8.44 19.61 -5.41
N TRP F 148 -7.50 20.53 -5.63
CA TRP F 148 -6.16 20.42 -5.10
C TRP F 148 -6.06 21.07 -3.72
N LYS F 149 -5.44 20.37 -2.78
CA LYS F 149 -5.17 20.91 -1.45
C LYS F 149 -3.70 20.76 -1.10
N VAL F 150 -3.04 21.86 -0.76
CA VAL F 150 -1.66 21.85 -0.28
C VAL F 150 -1.66 22.26 1.19
N ASP F 151 -1.31 21.33 2.08
CA ASP F 151 -1.49 21.50 3.53
C ASP F 151 -2.89 22.08 3.86
N ASN F 152 -3.93 21.41 3.39
CA ASN F 152 -5.33 21.81 3.60
C ASN F 152 -5.73 23.18 3.02
N ALA F 153 -4.82 23.81 2.28
CA ALA F 153 -5.13 25.05 1.58
C ALA F 153 -5.68 24.68 0.20
N LEU F 154 -6.89 25.11 -0.09
CA LEU F 154 -7.47 24.93 -1.39
C LEU F 154 -6.65 25.62 -2.45
N GLN F 155 -6.44 24.94 -3.55
CA GLN F 155 -5.71 25.53 -4.66
C GLN F 155 -6.68 25.83 -5.80
N SER F 156 -6.47 26.95 -6.48
CA SER F 156 -7.36 27.38 -7.55
C SER F 156 -6.59 28.25 -8.54
N GLY F 157 -6.83 28.07 -9.83
CA GLY F 157 -6.19 28.86 -10.88
C GLY F 157 -4.76 28.47 -11.21
N ASN F 158 -4.24 27.45 -10.52
CA ASN F 158 -2.87 26.97 -10.73
C ASN F 158 -2.85 25.49 -11.12
N SER F 159 -3.92 25.07 -11.79
CA SER F 159 -4.03 23.70 -12.29
C SER F 159 -4.64 23.75 -13.69
N GLN F 160 -4.42 22.69 -14.45
CA GLN F 160 -4.90 22.59 -15.83
C GLN F 160 -5.33 21.15 -16.11
N GLU F 161 -6.60 20.99 -16.45
CA GLU F 161 -7.17 19.68 -16.77
C GLU F 161 -7.22 19.45 -18.27
N SER F 162 -7.00 18.21 -18.68
CA SER F 162 -7.36 17.80 -20.02
C SER F 162 -8.04 16.43 -19.94
N VAL F 163 -8.90 16.15 -20.91
CA VAL F 163 -9.73 14.95 -20.90
C VAL F 163 -9.59 14.24 -22.24
N THR F 164 -9.59 12.91 -22.19
CA THR F 164 -9.53 12.08 -23.39
C THR F 164 -10.91 11.90 -23.97
N GLU F 165 -10.98 11.49 -25.23
CA GLU F 165 -12.24 11.13 -25.86
C GLU F 165 -12.69 9.79 -25.32
N GLN F 166 -13.95 9.45 -25.52
CA GLN F 166 -14.48 8.18 -25.01
C GLN F 166 -13.62 7.02 -25.47
N ASP F 167 -13.31 6.12 -24.55
CA ASP F 167 -12.56 4.92 -24.84
C ASP F 167 -13.36 4.09 -25.85
N SER F 168 -12.67 3.58 -26.87
CA SER F 168 -13.31 2.78 -27.91
C SER F 168 -13.90 1.47 -27.37
N LYS F 169 -13.29 0.94 -26.30
CA LYS F 169 -13.68 -0.36 -25.74
C LYS F 169 -14.79 -0.26 -24.69
N ASP F 170 -14.64 0.64 -23.71
CA ASP F 170 -15.60 0.74 -22.61
C ASP F 170 -16.33 2.09 -22.50
N SER F 171 -16.05 3.01 -23.44
CA SER F 171 -16.77 4.29 -23.54
C SER F 171 -16.65 5.21 -22.32
N THR F 172 -15.63 4.99 -21.50
CA THR F 172 -15.35 5.85 -20.36
C THR F 172 -14.46 7.03 -20.78
N TYR F 173 -14.37 8.01 -19.90
CA TYR F 173 -13.44 9.11 -20.02
C TYR F 173 -12.33 8.92 -19.02
N SER F 174 -11.21 9.60 -19.27
CA SER F 174 -10.15 9.75 -18.28
C SER F 174 -9.77 11.22 -18.22
N LEU F 175 -9.14 11.63 -17.12
CA LEU F 175 -8.83 13.03 -16.89
C LEU F 175 -7.53 13.18 -16.11
N SER F 176 -6.67 14.09 -16.58
CA SER F 176 -5.42 14.39 -15.89
C SER F 176 -5.46 15.82 -15.42
N SER F 177 -5.33 16.02 -14.12
CA SER F 177 -5.19 17.35 -13.54
C SER F 177 -3.74 17.56 -13.13
N THR F 178 -3.16 18.67 -13.59
CA THR F 178 -1.77 19.00 -13.26
C THR F 178 -1.67 20.30 -12.46
N LEU F 179 -1.27 20.18 -11.20
CA LEU F 179 -1.02 21.35 -10.35
C LEU F 179 0.38 21.87 -10.57
N THR F 180 0.51 23.13 -10.98
CA THR F 180 1.81 23.75 -11.16
C THR F 180 2.17 24.57 -9.93
N LEU F 181 3.39 24.40 -9.45
CA LEU F 181 3.93 25.26 -8.40
C LEU F 181 5.45 25.29 -8.47
N SER F 182 6.03 26.40 -8.02
CA SER F 182 7.48 26.55 -8.01
C SER F 182 8.12 25.55 -7.03
N LYS F 183 9.40 25.26 -7.25
CA LYS F 183 10.14 24.35 -6.36
C LYS F 183 10.15 24.86 -4.93
N ALA F 184 10.29 26.19 -4.78
CA ALA F 184 10.29 26.82 -3.46
C ALA F 184 8.98 26.52 -2.72
N ASP F 185 7.86 26.89 -3.34
CA ASP F 185 6.55 26.67 -2.74
C ASP F 185 6.35 25.20 -2.36
N TYR F 186 6.73 24.31 -3.27
CA TYR F 186 6.56 22.87 -3.07
C TYR F 186 7.39 22.34 -1.89
N GLU F 187 8.63 22.83 -1.78
CA GLU F 187 9.50 22.41 -0.68
C GLU F 187 9.05 22.95 0.68
N LYS F 188 8.18 23.94 0.68
CA LYS F 188 7.65 24.56 1.89
C LYS F 188 6.43 23.90 2.48
N HIS F 189 5.92 22.88 1.82
CA HIS F 189 4.65 22.25 2.21
C HIS F 189 4.71 20.73 2.14
N LYS F 190 3.90 20.08 2.99
CA LYS F 190 4.02 18.66 3.29
C LYS F 190 2.96 17.82 2.57
N VAL F 191 1.69 18.14 2.82
CA VAL F 191 0.58 17.32 2.32
C VAL F 191 0.06 17.85 0.99
N TYR F 192 0.06 16.99 -0.03
CA TYR F 192 -0.45 17.30 -1.35
C TYR F 192 -1.58 16.36 -1.69
N ALA F 193 -2.79 16.90 -1.79
CA ALA F 193 -3.99 16.08 -1.91
C ALA F 193 -4.83 16.48 -3.10
N CYS F 194 -5.41 15.47 -3.76
CA CYS F 194 -6.34 15.64 -4.87
C CYS F 194 -7.66 14.99 -4.50
N GLU F 195 -8.69 15.81 -4.24
CA GLU F 195 -10.02 15.31 -3.90
C GLU F 195 -10.90 15.23 -5.14
N VAL F 196 -11.44 14.06 -5.42
CA VAL F 196 -12.27 13.84 -6.60
C VAL F 196 -13.72 13.54 -6.24
N THR F 197 -14.63 14.38 -6.75
CA THR F 197 -16.07 14.19 -6.62
C THR F 197 -16.65 13.74 -7.96
N HIS F 198 -17.49 12.70 -7.92
CA HIS F 198 -18.08 12.12 -9.12
C HIS F 198 -19.35 11.33 -8.78
N GLN F 199 -20.26 11.23 -9.75
CA GLN F 199 -21.55 10.56 -9.55
CA GLN F 199 -21.54 10.55 -9.55
C GLN F 199 -21.38 9.10 -9.13
N GLY F 200 -20.32 8.45 -9.63
CA GLY F 200 -20.04 7.05 -9.30
C GLY F 200 -19.47 6.82 -7.91
N LEU F 201 -19.01 7.87 -7.25
CA LEU F 201 -18.49 7.78 -5.88
C LEU F 201 -19.52 8.36 -4.91
N SER F 202 -19.86 7.58 -3.88
CA SER F 202 -20.90 8.00 -2.92
C SER F 202 -20.48 9.26 -2.16
N SER F 203 -19.22 9.31 -1.73
CA SER F 203 -18.63 10.51 -1.17
C SER F 203 -17.27 10.74 -1.83
N PRO F 204 -16.76 11.98 -1.79
CA PRO F 204 -15.51 12.28 -2.51
C PRO F 204 -14.32 11.43 -2.07
N VAL F 205 -13.39 11.20 -3.00
CA VAL F 205 -12.22 10.37 -2.76
C VAL F 205 -10.96 11.25 -2.82
N THR F 206 -10.09 11.07 -1.82
CA THR F 206 -8.87 11.84 -1.71
C THR F 206 -7.64 10.95 -1.88
N LYS F 207 -6.75 11.35 -2.79
CA LYS F 207 -5.45 10.71 -2.92
C LYS F 207 -4.41 11.76 -2.59
N SER F 208 -3.50 11.40 -1.69
CA SER F 208 -2.49 12.34 -1.23
C SER F 208 -1.17 11.66 -0.96
N PHE F 209 -0.13 12.48 -0.86
CA PHE F 209 1.20 12.03 -0.46
C PHE F 209 1.83 13.09 0.44
N ASN F 210 2.84 12.67 1.19
CA ASN F 210 3.66 13.57 1.97
C ASN F 210 5.03 13.71 1.32
N ARG F 211 5.39 14.92 0.92
CA ARG F 211 6.69 15.17 0.33
C ARG F 211 7.83 14.62 1.18
N GLY F 212 8.78 13.96 0.53
CA GLY F 212 9.93 13.38 1.22
C GLY F 212 9.70 11.95 1.67
N GLU F 213 8.46 11.64 2.03
CA GLU F 213 8.10 10.32 2.54
C GLU F 213 7.69 9.41 1.39
N CYS F 214 7.58 8.12 1.71
CA CYS F 214 7.09 7.14 0.76
C CYS F 214 5.56 7.16 0.71
N GLN G 1 -32.34 -29.95 -20.83
CA GLN G 1 -33.61 -30.72 -20.98
C GLN G 1 -33.87 -31.60 -19.76
N VAL G 2 -32.97 -32.56 -19.53
CA VAL G 2 -33.08 -33.43 -18.36
C VAL G 2 -32.20 -32.93 -17.24
N GLN G 3 -32.76 -32.89 -16.03
CA GLN G 3 -32.06 -32.38 -14.85
C GLN G 3 -32.14 -33.37 -13.70
N LEU G 4 -30.99 -33.64 -13.08
CA LEU G 4 -30.90 -34.54 -11.94
C LEU G 4 -30.54 -33.76 -10.68
N GLN G 5 -31.19 -34.09 -9.57
CA GLN G 5 -30.89 -33.46 -8.28
C GLN G 5 -30.76 -34.52 -7.18
N GLU G 6 -29.57 -34.62 -6.59
CA GLU G 6 -29.35 -35.50 -5.44
C GLU G 6 -29.97 -34.89 -4.18
N SER G 7 -30.21 -35.75 -3.20
CA SER G 7 -30.59 -35.31 -1.85
C SER G 7 -30.30 -36.43 -0.86
N GLY G 8 -30.09 -36.04 0.40
CA GLY G 8 -29.79 -36.99 1.47
C GLY G 8 -28.93 -36.34 2.54
N PRO G 9 -28.73 -37.03 3.67
CA PRO G 9 -27.92 -36.47 4.75
C PRO G 9 -26.46 -36.27 4.36
N GLY G 10 -25.88 -35.15 4.80
CA GLY G 10 -24.46 -34.87 4.58
C GLY G 10 -23.57 -35.56 5.59
N LEU G 11 -24.13 -35.93 6.74
CA LEU G 11 -23.40 -36.58 7.81
C LEU G 11 -24.08 -37.90 8.19
N VAL G 12 -23.34 -39.00 8.08
CA VAL G 12 -23.86 -40.33 8.34
C VAL G 12 -22.88 -41.09 9.23
N LYS G 13 -23.41 -41.80 10.22
CA LYS G 13 -22.56 -42.56 11.13
C LYS G 13 -22.10 -43.85 10.47
N PRO G 14 -20.94 -44.41 10.90
CA PRO G 14 -20.48 -45.71 10.40
C PRO G 14 -21.48 -46.85 10.66
N SER G 15 -22.22 -46.75 11.75
CA SER G 15 -23.22 -47.75 12.11
C SER G 15 -24.46 -47.76 11.20
N GLU G 16 -24.70 -46.64 10.51
CA GLU G 16 -25.93 -46.42 9.76
C GLU G 16 -25.78 -46.71 8.26
N THR G 17 -26.90 -46.65 7.55
CA THR G 17 -26.94 -46.79 6.10
C THR G 17 -26.90 -45.42 5.43
N LEU G 18 -26.13 -45.33 4.35
CA LEU G 18 -26.03 -44.12 3.56
C LEU G 18 -27.12 -44.13 2.49
N SER G 19 -28.14 -43.29 2.68
CA SER G 19 -29.27 -43.20 1.76
C SER G 19 -29.19 -41.91 0.95
N LEU G 20 -29.17 -42.05 -0.37
CA LEU G 20 -29.30 -40.90 -1.27
C LEU G 20 -30.44 -41.15 -2.25
N THR G 21 -30.99 -40.06 -2.77
CA THR G 21 -32.10 -40.11 -3.72
C THR G 21 -31.79 -39.18 -4.88
N CYS G 22 -32.21 -39.56 -6.08
CA CYS G 22 -32.02 -38.75 -7.27
C CYS G 22 -33.35 -38.55 -7.97
N VAL G 23 -33.78 -37.29 -8.07
CA VAL G 23 -35.03 -36.93 -8.72
C VAL G 23 -34.76 -36.49 -10.17
N VAL G 24 -35.39 -37.18 -11.12
CA VAL G 24 -35.20 -36.93 -12.54
C VAL G 24 -36.38 -36.14 -13.13
N SER G 25 -36.08 -35.01 -13.76
CA SER G 25 -37.08 -34.20 -14.44
C SER G 25 -36.72 -34.02 -15.91
N GLY G 26 -37.71 -33.98 -16.79
CA GLY G 26 -37.48 -33.86 -18.22
C GLY G 26 -37.96 -35.06 -19.03
N GLY G 27 -38.36 -36.12 -18.32
CA GLY G 27 -39.13 -37.21 -18.93
C GLY G 27 -38.35 -38.45 -19.32
N SER G 28 -39.07 -39.57 -19.37
CA SER G 28 -38.56 -40.85 -19.88
C SER G 28 -37.49 -41.47 -18.97
N PHE G 29 -37.89 -41.73 -17.73
CA PHE G 29 -37.06 -42.45 -16.77
C PHE G 29 -36.89 -43.91 -17.19
N SER G 30 -37.97 -44.50 -17.70
CA SER G 30 -37.97 -45.90 -18.10
C SER G 30 -37.16 -46.20 -19.36
N SER G 31 -36.66 -45.17 -20.04
CA SER G 31 -35.92 -45.37 -21.29
C SER G 31 -34.41 -45.45 -21.12
N TYR G 32 -33.88 -45.17 -19.93
CA TYR G 32 -32.43 -45.09 -19.72
C TYR G 32 -31.92 -45.88 -18.52
N TYR G 33 -30.63 -46.18 -18.53
CA TYR G 33 -29.95 -46.70 -17.34
C TYR G 33 -29.54 -45.53 -16.47
N TRP G 34 -29.71 -45.68 -15.16
CA TRP G 34 -29.38 -44.64 -14.20
C TRP G 34 -28.31 -45.15 -13.25
N THR G 35 -27.33 -44.28 -12.98
CA THR G 35 -26.06 -44.68 -12.39
C THR G 35 -25.73 -43.82 -11.20
N TRP G 36 -24.97 -44.37 -10.27
CA TRP G 36 -24.37 -43.62 -9.17
C TRP G 36 -22.86 -43.65 -9.33
N ILE G 37 -22.22 -42.49 -9.18
CA ILE G 37 -20.78 -42.33 -9.22
C ILE G 37 -20.36 -41.52 -8.00
N ARG G 38 -19.21 -41.83 -7.40
CA ARG G 38 -18.66 -41.01 -6.31
C ARG G 38 -17.22 -40.56 -6.54
N GLN G 39 -16.85 -39.46 -5.88
CA GLN G 39 -15.54 -38.83 -6.04
C GLN G 39 -14.99 -38.49 -4.65
N SER G 40 -13.76 -38.92 -4.38
CA SER G 40 -13.06 -38.55 -3.16
C SER G 40 -11.57 -38.36 -3.44
N PRO G 41 -10.84 -37.70 -2.52
CA PRO G 41 -9.39 -37.59 -2.67
C PRO G 41 -8.69 -38.95 -2.60
N GLY G 42 -7.70 -39.16 -3.47
CA GLY G 42 -6.97 -40.42 -3.50
C GLY G 42 -7.69 -41.48 -4.33
N LYS G 43 -8.81 -41.97 -3.80
CA LYS G 43 -9.67 -42.92 -4.53
C LYS G 43 -10.09 -42.37 -5.91
N GLY G 44 -10.47 -41.10 -5.95
CA GLY G 44 -10.89 -40.46 -7.20
C GLY G 44 -12.30 -40.86 -7.59
N LEU G 45 -12.57 -40.83 -8.89
CA LEU G 45 -13.90 -41.18 -9.41
C LEU G 45 -14.11 -42.68 -9.39
N GLU G 46 -15.27 -43.11 -8.88
CA GLU G 46 -15.63 -44.52 -8.81
C GLU G 46 -17.07 -44.74 -9.26
N TRP G 47 -17.24 -45.69 -10.19
CA TRP G 47 -18.55 -46.09 -10.66
C TRP G 47 -19.14 -47.06 -9.66
N ILE G 48 -20.27 -46.70 -9.05
CA ILE G 48 -20.86 -47.50 -7.98
C ILE G 48 -21.73 -48.61 -8.56
N GLY G 49 -22.58 -48.27 -9.52
CA GLY G 49 -23.43 -49.25 -10.18
C GLY G 49 -24.39 -48.58 -11.14
N GLU G 50 -25.12 -49.39 -11.89
CA GLU G 50 -26.13 -48.90 -12.84
C GLU G 50 -27.45 -49.60 -12.59
N MET G 51 -28.56 -48.96 -12.97
CA MET G 51 -29.89 -49.54 -12.83
C MET G 51 -30.73 -49.28 -14.06
N ASN G 52 -31.41 -50.32 -14.52
CA ASN G 52 -32.36 -50.21 -15.62
C ASN G 52 -33.57 -49.41 -15.13
N GLY G 53 -33.83 -48.28 -15.80
CA GLY G 53 -34.93 -47.41 -15.41
C GLY G 53 -36.29 -48.05 -15.56
N ASN G 54 -36.41 -48.96 -16.52
CA ASN G 54 -37.66 -49.67 -16.76
C ASN G 54 -37.90 -50.76 -15.72
N SER G 55 -36.96 -51.70 -15.62
CA SER G 55 -37.13 -52.93 -14.84
C SER G 55 -36.60 -52.83 -13.42
N GLY G 56 -35.60 -51.99 -13.21
CA GLY G 56 -34.90 -51.92 -11.92
C GLY G 56 -33.76 -52.91 -11.81
N TYR G 57 -33.44 -53.60 -12.91
CA TYR G 57 -32.31 -54.53 -12.94
C TYR G 57 -31.00 -53.77 -12.68
N THR G 58 -30.08 -54.39 -11.96
CA THR G 58 -28.84 -53.73 -11.56
C THR G 58 -27.58 -54.48 -11.96
N ASN G 59 -26.52 -53.71 -12.20
CA ASN G 59 -25.15 -54.21 -12.24
C ASN G 59 -24.32 -53.33 -11.33
N TYR G 60 -23.72 -53.94 -10.31
CA TYR G 60 -22.96 -53.20 -9.32
C TYR G 60 -21.46 -53.39 -9.51
N ASN G 61 -20.69 -52.41 -9.06
CA ASN G 61 -19.26 -52.57 -8.91
C ASN G 61 -19.02 -53.77 -7.99
N PRO G 62 -18.25 -54.78 -8.46
CA PRO G 62 -17.95 -55.94 -7.62
C PRO G 62 -17.35 -55.61 -6.26
N SER G 63 -16.60 -54.50 -6.18
CA SER G 63 -15.98 -54.06 -4.92
C SER G 63 -16.99 -53.51 -3.91
N LEU G 64 -18.17 -53.10 -4.40
CA LEU G 64 -19.25 -52.62 -3.55
C LEU G 64 -20.42 -53.59 -3.48
N GLN G 65 -20.41 -54.60 -4.36
CA GLN G 65 -21.53 -55.53 -4.56
C GLN G 65 -22.33 -55.91 -3.30
N SER G 66 -21.62 -56.34 -2.26
CA SER G 66 -22.28 -56.95 -1.09
C SER G 66 -23.07 -55.99 -0.21
N ARG G 67 -22.77 -54.70 -0.28
CA ARG G 67 -23.35 -53.72 0.63
C ARG G 67 -23.98 -52.56 -0.12
N VAL G 68 -24.33 -52.76 -1.39
CA VAL G 68 -24.87 -51.70 -2.24
C VAL G 68 -26.21 -52.08 -2.83
N THR G 69 -27.12 -51.11 -2.87
CA THR G 69 -28.44 -51.27 -3.47
C THR G 69 -28.83 -50.01 -4.23
N ILE G 70 -29.27 -50.17 -5.47
CA ILE G 70 -29.83 -49.09 -6.28
C ILE G 70 -31.25 -49.48 -6.66
N SER G 71 -32.23 -48.70 -6.21
CA SER G 71 -33.65 -49.03 -6.37
C SER G 71 -34.47 -47.90 -6.99
N LYS G 72 -35.65 -48.26 -7.50
CA LYS G 72 -36.58 -47.32 -8.11
C LYS G 72 -37.52 -46.72 -7.07
N LYS G 76 -43.51 -41.63 -9.70
CA LYS G 76 -42.18 -41.28 -9.24
C LYS G 76 -41.13 -41.47 -10.33
N ASN G 77 -40.35 -40.42 -10.60
CA ASN G 77 -39.16 -40.52 -11.43
C ASN G 77 -37.92 -40.37 -10.53
N GLN G 78 -37.91 -41.19 -9.47
CA GLN G 78 -36.87 -41.15 -8.46
C GLN G 78 -36.18 -42.51 -8.37
N PHE G 79 -34.89 -42.48 -8.09
CA PHE G 79 -34.15 -43.70 -7.76
C PHE G 79 -33.14 -43.40 -6.67
N SER G 80 -32.81 -44.43 -5.88
CA SER G 80 -32.04 -44.24 -4.66
C SER G 80 -30.79 -45.10 -4.58
N LEU G 81 -29.88 -44.72 -3.68
CA LEU G 81 -28.69 -45.50 -3.38
C LEU G 81 -28.64 -45.78 -1.88
N LYS G 82 -28.56 -47.06 -1.53
CA LYS G 82 -28.30 -47.47 -0.15
C LYS G 82 -26.91 -48.06 -0.11
N LEU G 83 -26.04 -47.54 0.76
CA LEU G 83 -24.72 -48.11 0.99
C LEU G 83 -24.64 -48.61 2.43
N THR G 84 -24.28 -49.88 2.60
CA THR G 84 -24.30 -50.57 3.89
C THR G 84 -22.87 -50.74 4.45
N SER G 85 -22.75 -51.13 5.72
CA SER G 85 -21.45 -51.43 6.34
C SER G 85 -20.45 -50.30 6.06
N LEU G 86 -20.76 -49.11 6.54
CA LEU G 86 -20.01 -47.90 6.22
C LEU G 86 -18.69 -47.79 6.96
N THR G 87 -17.71 -47.17 6.31
CA THR G 87 -16.48 -46.73 6.97
C THR G 87 -16.14 -45.31 6.48
N ALA G 88 -15.10 -44.72 7.04
CA ALA G 88 -14.66 -43.38 6.64
C ALA G 88 -14.21 -43.32 5.17
N ALA G 89 -13.92 -44.48 4.58
CA ALA G 89 -13.60 -44.58 3.16
C ALA G 89 -14.78 -44.24 2.25
N ASP G 90 -16.01 -44.28 2.79
CA ASP G 90 -17.20 -43.96 2.01
C ASP G 90 -17.51 -42.46 2.00
N THR G 91 -16.71 -41.68 2.73
CA THR G 91 -16.79 -40.22 2.64
C THR G 91 -16.44 -39.77 1.22
N ALA G 92 -17.41 -39.18 0.54
CA ALA G 92 -17.17 -38.69 -0.82
C ALA G 92 -18.30 -37.77 -1.28
N VAL G 93 -18.08 -37.15 -2.43
CA VAL G 93 -19.17 -36.51 -3.17
C VAL G 93 -19.84 -37.59 -4.02
N TYR G 94 -21.14 -37.79 -3.83
CA TYR G 94 -21.89 -38.77 -4.59
C TYR G 94 -22.73 -38.10 -5.68
N TYR G 95 -22.61 -38.58 -6.91
CA TYR G 95 -23.42 -38.11 -8.02
C TYR G 95 -24.34 -39.22 -8.52
N CYS G 96 -25.55 -38.84 -8.92
CA CYS G 96 -26.36 -39.69 -9.79
C CYS G 96 -26.15 -39.24 -11.22
N ALA G 97 -26.23 -40.16 -12.17
CA ALA G 97 -25.96 -39.84 -13.57
C ALA G 97 -26.71 -40.75 -14.53
N ARG G 98 -26.87 -40.25 -15.76
CA ARG G 98 -27.69 -40.86 -16.78
C ARG G 98 -26.78 -41.57 -17.79
N ASP G 99 -26.94 -42.90 -17.89
CA ASP G 99 -26.20 -43.70 -18.87
C ASP G 99 -27.01 -43.73 -20.18
N ALA G 100 -26.74 -44.68 -21.06
CA ALA G 100 -27.40 -44.77 -22.36
C ALA G 100 -28.78 -45.41 -22.21
N ILE G 101 -29.49 -45.54 -23.33
CA ILE G 101 -30.83 -46.14 -23.33
C ILE G 101 -30.78 -47.62 -22.96
N VAL G 102 -31.89 -48.11 -22.38
CA VAL G 102 -31.98 -49.51 -21.97
C VAL G 102 -32.46 -50.45 -23.07
N MET G 103 -33.33 -49.94 -23.96
CA MET G 103 -34.12 -50.78 -24.85
C MET G 103 -33.28 -51.60 -25.84
N VAL G 104 -32.15 -51.04 -26.24
CA VAL G 104 -31.28 -51.68 -27.21
C VAL G 104 -29.88 -51.09 -27.09
N PHE G 105 -28.86 -51.90 -27.36
CA PHE G 105 -27.48 -51.46 -27.18
C PHE G 105 -27.11 -50.27 -28.07
N THR G 106 -26.39 -49.33 -27.49
CA THR G 106 -25.76 -48.24 -28.21
C THR G 106 -24.34 -48.06 -27.68
N ASP G 107 -23.46 -47.50 -28.51
CA ASP G 107 -22.06 -47.31 -28.14
C ASP G 107 -21.90 -46.38 -26.94
N MET G 108 -22.98 -45.69 -26.56
CA MET G 108 -23.00 -44.83 -25.39
C MET G 108 -23.03 -45.61 -24.07
N ARG G 109 -23.30 -46.93 -24.11
CA ARG G 109 -23.38 -47.72 -22.88
C ARG G 109 -22.12 -47.59 -22.02
N GLY G 110 -22.32 -47.40 -20.72
CA GLY G 110 -21.23 -47.32 -19.75
C GLY G 110 -20.67 -45.94 -19.48
N ARG G 111 -21.01 -44.98 -20.34
CA ARG G 111 -20.64 -43.58 -20.12
C ARG G 111 -21.91 -42.85 -19.73
N VAL G 112 -21.75 -41.75 -19.00
CA VAL G 112 -22.88 -40.91 -18.60
C VAL G 112 -22.85 -39.58 -19.37
N ASP G 113 -24.02 -39.08 -19.74
CA ASP G 113 -24.12 -37.79 -20.47
C ASP G 113 -24.65 -36.63 -19.64
N VAL G 114 -25.30 -36.94 -18.52
CA VAL G 114 -25.81 -35.93 -17.61
C VAL G 114 -25.50 -36.32 -16.17
N TRP G 115 -24.93 -35.39 -15.43
CA TRP G 115 -24.62 -35.57 -14.02
C TRP G 115 -25.52 -34.72 -13.16
N GLY G 116 -25.83 -35.20 -11.96
CA GLY G 116 -26.43 -34.38 -10.93
C GLY G 116 -25.33 -33.54 -10.29
N PRO G 117 -25.71 -32.46 -9.57
CA PRO G 117 -24.71 -31.52 -9.04
C PRO G 117 -23.74 -32.15 -8.05
N GLY G 118 -24.22 -33.12 -7.29
CA GLY G 118 -23.40 -33.86 -6.34
C GLY G 118 -23.77 -33.52 -4.91
N ILE G 119 -23.56 -34.47 -4.01
CA ILE G 119 -23.83 -34.29 -2.59
C ILE G 119 -22.66 -34.85 -1.79
N LEU G 120 -22.09 -34.04 -0.91
CA LEU G 120 -21.00 -34.47 -0.04
C LEU G 120 -21.55 -35.25 1.15
N VAL G 121 -21.27 -36.54 1.20
CA VAL G 121 -21.59 -37.36 2.35
C VAL G 121 -20.32 -37.64 3.14
N THR G 122 -20.34 -37.29 4.42
CA THR G 122 -19.20 -37.52 5.32
C THR G 122 -19.55 -38.65 6.29
N VAL G 123 -18.73 -39.69 6.28
CA VAL G 123 -18.93 -40.82 7.18
C VAL G 123 -18.00 -40.71 8.38
N SER G 124 -18.59 -40.47 9.55
CA SER G 124 -17.84 -40.18 10.75
C SER G 124 -18.75 -40.34 11.97
N SER G 125 -18.13 -40.63 13.11
CA SER G 125 -18.86 -40.74 14.38
C SER G 125 -18.88 -39.41 15.12
N ALA G 126 -18.13 -38.43 14.62
CA ALA G 126 -18.05 -37.12 15.26
C ALA G 126 -19.36 -36.36 15.09
N SER G 127 -19.76 -35.66 16.14
CA SER G 127 -20.99 -34.87 16.11
C SER G 127 -20.74 -33.56 15.40
N THR G 128 -21.83 -32.94 14.91
CA THR G 128 -21.74 -31.64 14.28
C THR G 128 -21.22 -30.61 15.29
N LYS G 129 -20.39 -29.69 14.82
CA LYS G 129 -19.90 -28.60 15.67
C LYS G 129 -19.72 -27.34 14.83
N GLY G 130 -20.33 -26.25 15.27
CA GLY G 130 -20.19 -24.96 14.59
C GLY G 130 -18.84 -24.32 14.86
N PRO G 131 -18.45 -23.36 14.01
CA PRO G 131 -17.13 -22.77 14.15
C PRO G 131 -17.06 -21.69 15.23
N SER G 132 -15.84 -21.46 15.72
CA SER G 132 -15.49 -20.19 16.34
C SER G 132 -14.94 -19.36 15.20
N VAL G 133 -15.28 -18.07 15.17
CA VAL G 133 -14.78 -17.17 14.14
C VAL G 133 -13.91 -16.12 14.81
N PHE G 134 -12.65 -16.02 14.40
CA PHE G 134 -11.72 -15.09 15.01
C PHE G 134 -11.26 -14.05 13.99
N PRO G 135 -11.00 -12.81 14.45
CA PRO G 135 -10.58 -11.77 13.53
C PRO G 135 -9.13 -11.94 13.10
N LEU G 136 -8.89 -11.76 11.80
CA LEU G 136 -7.55 -11.53 11.28
C LEU G 136 -7.49 -10.02 11.07
N ALA G 137 -6.97 -9.32 12.06
CA ALA G 137 -7.04 -7.87 12.09
C ALA G 137 -5.94 -7.23 11.24
N PRO G 138 -6.27 -6.16 10.50
CA PRO G 138 -5.27 -5.47 9.70
C PRO G 138 -4.26 -4.75 10.60
N SER G 139 -3.00 -4.74 10.18
CA SER G 139 -1.93 -4.16 11.00
C SER G 139 -2.01 -2.63 11.01
N SER G 144 -0.64 3.74 5.11
CA SER G 144 -1.78 4.62 4.92
C SER G 144 -1.83 5.16 3.49
N GLY G 145 -3.03 5.12 2.89
CA GLY G 145 -3.22 5.50 1.49
C GLY G 145 -3.03 4.33 0.52
N GLY G 146 -2.76 3.14 1.08
CA GLY G 146 -2.47 1.95 0.28
C GLY G 146 -3.49 0.84 0.53
N THR G 147 -3.02 -0.40 0.61
CA THR G 147 -3.90 -1.55 0.74
C THR G 147 -3.75 -2.22 2.10
N ALA G 148 -4.87 -2.62 2.68
CA ALA G 148 -4.89 -3.35 3.94
C ALA G 148 -5.59 -4.71 3.75
N ALA G 149 -4.95 -5.77 4.27
CA ALA G 149 -5.56 -7.10 4.28
C ALA G 149 -6.23 -7.35 5.63
N LEU G 150 -7.44 -7.90 5.58
CA LEU G 150 -8.15 -8.34 6.78
C LEU G 150 -8.91 -9.62 6.48
N GLY G 151 -9.36 -10.31 7.52
CA GLY G 151 -10.02 -11.60 7.32
C GLY G 151 -10.70 -12.17 8.54
N CYS G 152 -11.24 -13.38 8.36
CA CYS G 152 -11.82 -14.13 9.46
C CYS G 152 -11.25 -15.54 9.48
N LEU G 153 -10.84 -15.99 10.67
CA LEU G 153 -10.35 -17.34 10.87
C LEU G 153 -11.51 -18.20 11.35
N VAL G 154 -12.08 -19.00 10.46
CA VAL G 154 -13.21 -19.87 10.78
C VAL G 154 -12.69 -21.21 11.25
N LYS G 155 -12.63 -21.41 12.56
CA LYS G 155 -11.87 -22.52 13.15
C LYS G 155 -12.72 -23.54 13.92
N ASP G 156 -12.30 -24.81 13.83
CA ASP G 156 -12.83 -25.91 14.65
C ASP G 156 -14.30 -26.22 14.39
N TYR G 157 -14.62 -26.53 13.14
CA TYR G 157 -15.97 -26.92 12.79
C TYR G 157 -15.98 -28.28 12.12
N PHE G 158 -17.16 -28.88 12.09
CA PHE G 158 -17.34 -30.20 11.50
C PHE G 158 -18.82 -30.48 11.28
N PRO G 159 -19.17 -31.10 10.15
CA PRO G 159 -18.34 -31.42 9.00
C PRO G 159 -18.26 -30.22 8.05
N GLU G 160 -17.68 -30.42 6.88
CA GLU G 160 -17.78 -29.46 5.79
C GLU G 160 -19.23 -29.40 5.28
N PRO G 161 -19.60 -28.32 4.59
CA PRO G 161 -18.84 -27.11 4.32
C PRO G 161 -19.26 -25.94 5.21
N VAL G 162 -18.46 -24.87 5.19
CA VAL G 162 -18.87 -23.55 5.68
C VAL G 162 -18.83 -22.60 4.48
N THR G 163 -19.72 -21.62 4.44
CA THR G 163 -19.63 -20.54 3.45
C THR G 163 -19.29 -19.24 4.14
N VAL G 164 -18.51 -18.41 3.47
CA VAL G 164 -18.12 -17.10 3.97
C VAL G 164 -18.44 -16.05 2.93
N SER G 165 -19.19 -15.03 3.33
CA SER G 165 -19.40 -13.84 2.50
C SER G 165 -18.89 -12.64 3.27
N TRP G 166 -18.75 -11.51 2.57
CA TRP G 166 -18.31 -10.26 3.19
C TRP G 166 -19.34 -9.16 2.94
N ASN G 167 -19.66 -8.42 4.00
CA ASN G 167 -20.70 -7.39 3.95
C ASN G 167 -21.98 -7.90 3.27
N SER G 168 -22.39 -9.10 3.69
CA SER G 168 -23.59 -9.77 3.19
C SER G 168 -23.60 -9.94 1.67
N GLY G 169 -22.42 -10.22 1.10
CA GLY G 169 -22.28 -10.44 -0.34
C GLY G 169 -21.90 -9.21 -1.16
N ALA G 170 -21.92 -8.03 -0.56
CA ALA G 170 -21.64 -6.79 -1.28
C ALA G 170 -20.16 -6.58 -1.58
N LEU G 171 -19.29 -7.24 -0.82
CA LEU G 171 -17.84 -7.16 -1.02
C LEU G 171 -17.32 -8.48 -1.61
N THR G 172 -16.96 -8.45 -2.89
CA THR G 172 -16.50 -9.63 -3.62
C THR G 172 -15.08 -9.43 -4.17
N SER G 173 -14.78 -8.22 -4.63
CA SER G 173 -13.45 -7.90 -5.15
C SER G 173 -12.41 -8.04 -4.05
N GLY G 174 -11.35 -8.78 -4.34
CA GLY G 174 -10.25 -8.97 -3.40
C GLY G 174 -10.47 -10.06 -2.37
N VAL G 175 -11.63 -10.71 -2.41
CA VAL G 175 -11.93 -11.78 -1.46
C VAL G 175 -11.25 -13.08 -1.88
N HIS G 176 -10.48 -13.66 -0.96
CA HIS G 176 -9.98 -15.03 -1.09
C HIS G 176 -10.46 -15.82 0.12
N THR G 177 -11.27 -16.83 -0.13
CA THR G 177 -11.72 -17.76 0.90
C THR G 177 -11.09 -19.11 0.60
N PHE G 178 -10.25 -19.57 1.53
CA PHE G 178 -9.35 -20.69 1.29
C PHE G 178 -10.00 -22.04 1.55
N PRO G 179 -9.54 -23.07 0.84
CA PRO G 179 -10.00 -24.41 1.22
C PRO G 179 -9.71 -24.68 2.68
N ALA G 180 -10.60 -25.41 3.34
CA ALA G 180 -10.37 -25.82 4.73
C ALA G 180 -9.27 -26.87 4.81
N VAL G 181 -8.56 -26.87 5.92
CA VAL G 181 -7.64 -27.95 6.28
C VAL G 181 -8.28 -28.77 7.38
N LEU G 182 -8.08 -30.08 7.34
CA LEU G 182 -8.51 -30.97 8.42
C LEU G 182 -7.39 -31.05 9.45
N GLN G 183 -7.67 -30.54 10.64
CA GLN G 183 -6.69 -30.54 11.74
C GLN G 183 -6.66 -31.90 12.41
N SER G 184 -5.66 -32.09 13.27
CA SER G 184 -5.45 -33.37 13.95
C SER G 184 -6.58 -33.70 14.91
N SER G 185 -7.25 -32.66 15.42
CA SER G 185 -8.41 -32.83 16.30
C SER G 185 -9.61 -33.48 15.62
N GLY G 186 -9.61 -33.50 14.29
CA GLY G 186 -10.75 -33.98 13.51
C GLY G 186 -11.72 -32.86 13.15
N LEU G 187 -11.39 -31.63 13.55
CA LEU G 187 -12.21 -30.46 13.19
C LEU G 187 -11.52 -29.70 12.07
N TYR G 188 -12.33 -29.02 11.26
CA TYR G 188 -11.83 -28.25 10.12
C TYR G 188 -11.51 -26.82 10.49
N SER G 189 -10.69 -26.18 9.68
CA SER G 189 -10.35 -24.76 9.85
C SER G 189 -10.14 -24.10 8.49
N LEU G 190 -10.56 -22.85 8.36
CA LEU G 190 -10.22 -22.07 7.17
C LEU G 190 -10.18 -20.57 7.44
N SER G 191 -9.55 -19.86 6.53
CA SER G 191 -9.49 -18.41 6.57
C SER G 191 -10.15 -17.84 5.34
N SER G 192 -10.83 -16.70 5.53
CA SER G 192 -11.27 -15.86 4.43
C SER G 192 -10.66 -14.49 4.61
N VAL G 193 -9.92 -14.02 3.60
CA VAL G 193 -9.30 -12.71 3.68
C VAL G 193 -9.82 -11.82 2.56
N VAL G 194 -9.67 -10.51 2.76
CA VAL G 194 -10.00 -9.53 1.76
C VAL G 194 -8.98 -8.41 1.84
N THR G 195 -8.59 -7.88 0.68
CA THR G 195 -7.79 -6.67 0.62
C THR G 195 -8.70 -5.48 0.39
N VAL G 196 -8.49 -4.41 1.16
CA VAL G 196 -9.27 -3.19 1.05
C VAL G 196 -8.36 -1.97 1.13
N PRO G 197 -8.84 -0.80 0.67
CA PRO G 197 -8.05 0.41 0.84
C PRO G 197 -7.80 0.74 2.31
N SER G 198 -6.56 1.06 2.66
CA SER G 198 -6.19 1.38 4.04
C SER G 198 -6.94 2.60 4.59
N SER G 199 -7.32 3.53 3.70
CA SER G 199 -8.06 4.73 4.10
C SER G 199 -9.50 4.43 4.53
N SER G 200 -10.05 3.30 4.08
CA SER G 200 -11.39 2.86 4.49
C SER G 200 -11.44 2.36 5.92
N LEU G 201 -10.31 1.85 6.43
CA LEU G 201 -10.25 1.19 7.74
C LEU G 201 -10.91 1.98 8.87
N GLY G 202 -10.83 3.31 8.80
CA GLY G 202 -11.49 4.19 9.77
C GLY G 202 -12.75 4.84 9.23
N THR G 203 -13.57 4.05 8.52
CA THR G 203 -14.83 4.54 7.96
C THR G 203 -15.78 3.37 7.65
N GLN G 204 -15.37 2.51 6.72
CA GLN G 204 -16.20 1.42 6.24
C GLN G 204 -16.13 0.24 7.19
N THR G 205 -17.27 -0.39 7.42
CA THR G 205 -17.34 -1.60 8.25
C THR G 205 -17.07 -2.83 7.41
N TYR G 206 -16.32 -3.78 7.97
CA TYR G 206 -15.96 -5.01 7.28
C TYR G 206 -16.39 -6.22 8.10
N ILE G 207 -17.39 -6.92 7.62
CA ILE G 207 -18.04 -8.01 8.34
C ILE G 207 -18.05 -9.28 7.51
N CYS G 208 -17.43 -10.33 8.01
CA CYS G 208 -17.53 -11.64 7.39
C CYS G 208 -18.78 -12.31 7.93
N ASN G 209 -19.56 -12.92 7.04
CA ASN G 209 -20.76 -13.63 7.43
C ASN G 209 -20.53 -15.12 7.21
N VAL G 210 -20.39 -15.87 8.31
CA VAL G 210 -20.09 -17.30 8.25
C VAL G 210 -21.34 -18.13 8.50
N ASN G 211 -21.68 -19.00 7.54
CA ASN G 211 -22.78 -19.95 7.73
C ASN G 211 -22.28 -21.39 7.72
N HIS G 212 -22.42 -22.07 8.85
CA HIS G 212 -22.20 -23.51 8.94
C HIS G 212 -23.56 -24.19 9.05
N LYS G 213 -24.13 -24.55 7.91
CA LYS G 213 -25.46 -25.15 7.84
C LYS G 213 -25.60 -26.48 8.60
N PRO G 214 -24.59 -27.37 8.51
CA PRO G 214 -24.69 -28.65 9.24
C PRO G 214 -25.03 -28.49 10.72
N SER G 215 -24.50 -27.46 11.37
CA SER G 215 -24.77 -27.17 12.79
C SER G 215 -25.80 -26.04 12.97
N ASN G 216 -26.30 -25.51 11.86
CA ASN G 216 -27.24 -24.37 11.87
CA ASN G 216 -27.24 -24.37 11.87
C ASN G 216 -26.70 -23.18 12.68
N THR G 217 -25.42 -22.88 12.49
CA THR G 217 -24.79 -21.75 13.15
C THR G 217 -24.46 -20.66 12.12
N LYS G 218 -24.80 -19.43 12.46
CA LYS G 218 -24.53 -18.26 11.64
C LYS G 218 -23.78 -17.23 12.49
N VAL G 219 -22.65 -16.73 11.97
CA VAL G 219 -21.81 -15.76 12.69
C VAL G 219 -21.48 -14.56 11.83
N ASP G 220 -21.92 -13.38 12.28
CA ASP G 220 -21.50 -12.12 11.68
C ASP G 220 -20.40 -11.51 12.55
N LYS G 221 -19.18 -11.43 12.00
CA LYS G 221 -18.06 -10.85 12.74
C LYS G 221 -17.48 -9.63 12.03
N ARG G 222 -17.60 -8.47 12.68
CA ARG G 222 -16.92 -7.27 12.22
C ARG G 222 -15.44 -7.33 12.61
N VAL G 223 -14.57 -7.01 11.67
CA VAL G 223 -13.13 -7.08 11.90
C VAL G 223 -12.52 -5.67 11.81
N GLU G 224 -12.00 -5.19 12.95
CA GLU G 224 -11.42 -3.86 13.06
C GLU G 224 -9.91 -3.95 13.23
N PRO G 225 -9.19 -2.85 12.94
CA PRO G 225 -7.77 -2.81 13.32
C PRO G 225 -7.63 -2.82 14.85
N LYS G 226 -6.70 -3.63 15.34
CA LYS G 226 -6.51 -3.79 16.79
C LYS G 226 -6.22 -2.45 17.45
N SER G 227 -6.92 -2.18 18.56
CA SER G 227 -6.75 -0.93 19.29
C SER G 227 -5.49 -0.98 20.14
N CYS G 228 -4.53 -0.12 19.81
CA CYS G 228 -3.24 -0.06 20.50
C CYS G 228 -2.91 1.38 20.88
N ASP H 1 -10.06 -55.08 -12.69
CA ASP H 1 -10.38 -53.65 -12.93
C ASP H 1 -9.34 -53.03 -13.86
N ILE H 2 -9.80 -52.55 -15.01
CA ILE H 2 -8.93 -51.91 -15.99
C ILE H 2 -8.47 -50.57 -15.43
N GLN H 3 -7.14 -50.40 -15.31
CA GLN H 3 -6.56 -49.19 -14.73
C GLN H 3 -6.35 -48.14 -15.82
N MET H 4 -6.96 -46.97 -15.62
CA MET H 4 -6.83 -45.85 -16.55
C MET H 4 -5.78 -44.89 -16.00
N SER H 5 -4.80 -44.56 -16.82
CA SER H 5 -3.68 -43.71 -16.41
C SER H 5 -3.58 -42.49 -17.32
N GLN H 6 -3.58 -41.31 -16.72
CA GLN H 6 -3.62 -40.06 -17.48
C GLN H 6 -2.31 -39.31 -17.39
N SER H 7 -1.89 -38.76 -18.52
CA SER H 7 -0.69 -37.91 -18.56
CA SER H 7 -0.68 -37.93 -18.59
C SER H 7 -0.94 -36.68 -19.44
N PRO H 8 -0.36 -35.53 -19.04
CA PRO H 8 0.40 -35.29 -17.81
C PRO H 8 -0.59 -35.07 -16.68
N SER H 9 -0.11 -35.00 -15.44
CA SER H 9 -0.98 -34.69 -14.30
C SER H 9 -1.35 -33.21 -14.32
N SER H 10 -0.36 -32.36 -14.60
CA SER H 10 -0.55 -30.91 -14.63
C SER H 10 -0.13 -30.37 -16.00
N LEU H 11 -0.70 -29.23 -16.37
CA LEU H 11 -0.36 -28.59 -17.64
C LEU H 11 -0.74 -27.11 -17.59
N SER H 12 0.17 -26.24 -18.04
CA SER H 12 -0.10 -24.81 -18.15
C SER H 12 -0.04 -24.39 -19.62
N ALA H 13 -1.08 -23.70 -20.07
CA ALA H 13 -1.15 -23.20 -21.43
C ALA H 13 -1.94 -21.90 -21.48
N SER H 14 -1.81 -21.19 -22.59
CA SER H 14 -2.44 -19.89 -22.78
C SER H 14 -3.70 -20.00 -23.63
N VAL H 15 -4.55 -18.98 -23.53
CA VAL H 15 -5.75 -18.89 -24.37
C VAL H 15 -5.30 -18.82 -25.83
N GLY H 16 -5.86 -19.70 -26.65
CA GLY H 16 -5.47 -19.82 -28.06
C GLY H 16 -4.57 -21.01 -28.36
N ASP H 17 -4.02 -21.64 -27.31
CA ASP H 17 -3.14 -22.80 -27.49
C ASP H 17 -3.91 -24.05 -27.87
N THR H 18 -3.27 -24.88 -28.69
CA THR H 18 -3.74 -26.24 -28.90
C THR H 18 -3.05 -27.15 -27.88
N VAL H 19 -3.85 -27.92 -27.15
CA VAL H 19 -3.35 -28.76 -26.07
C VAL H 19 -3.93 -30.16 -26.23
N THR H 20 -3.07 -31.17 -26.11
CA THR H 20 -3.48 -32.56 -26.22
C THR H 20 -3.05 -33.31 -24.97
N ILE H 21 -4.01 -33.99 -24.35
CA ILE H 21 -3.77 -34.78 -23.15
C ILE H 21 -4.03 -36.24 -23.46
N THR H 22 -3.29 -37.13 -22.82
CA THR H 22 -3.31 -38.55 -23.15
C THR H 22 -3.90 -39.39 -22.03
N CYS H 23 -4.60 -40.45 -22.41
CA CYS H 23 -5.17 -41.41 -21.48
C CYS H 23 -4.73 -42.80 -21.89
N ARG H 24 -4.18 -43.55 -20.92
CA ARG H 24 -3.67 -44.89 -21.17
C ARG H 24 -4.52 -45.92 -20.44
N ALA H 25 -4.80 -47.04 -21.10
CA ALA H 25 -5.57 -48.13 -20.52
C ALA H 25 -4.67 -49.34 -20.35
N SER H 26 -4.76 -50.01 -19.21
CA SER H 26 -3.93 -51.19 -18.92
C SER H 26 -4.33 -52.43 -19.73
N GLN H 27 -5.39 -52.31 -20.53
CA GLN H 27 -5.96 -53.45 -21.24
C GLN H 27 -6.88 -52.92 -22.34
N GLY H 28 -7.03 -53.70 -23.41
CA GLY H 28 -7.94 -53.33 -24.50
C GLY H 28 -9.34 -53.01 -23.99
N ILE H 29 -9.93 -51.94 -24.52
CA ILE H 29 -11.27 -51.51 -24.13
C ILE H 29 -12.19 -51.32 -25.35
N SER H 30 -11.82 -51.94 -26.48
CA SER H 30 -12.57 -51.84 -27.74
C SER H 30 -12.96 -50.41 -28.11
N ASN H 31 -12.04 -49.48 -27.90
CA ASN H 31 -12.24 -48.04 -28.18
C ASN H 31 -13.36 -47.37 -27.38
N TYR H 32 -13.88 -48.04 -26.36
CA TYR H 32 -14.95 -47.45 -25.56
C TYR H 32 -14.33 -46.58 -24.47
N LEU H 33 -13.97 -45.36 -24.88
CA LEU H 33 -13.39 -44.39 -23.97
C LEU H 33 -14.17 -43.08 -23.98
N ALA H 34 -14.56 -42.64 -22.79
CA ALA H 34 -15.25 -41.38 -22.62
C ALA H 34 -14.29 -40.38 -21.97
N TRP H 35 -14.51 -39.10 -22.25
CA TRP H 35 -13.79 -38.03 -21.58
C TRP H 35 -14.79 -37.13 -20.86
N TYR H 36 -14.37 -36.58 -19.72
CA TYR H 36 -15.21 -35.66 -18.94
C TYR H 36 -14.40 -34.44 -18.53
N GLN H 37 -15.09 -33.32 -18.34
CA GLN H 37 -14.50 -32.09 -17.87
C GLN H 37 -15.11 -31.76 -16.50
N GLN H 38 -14.29 -31.27 -15.57
CA GLN H 38 -14.78 -30.92 -14.25
C GLN H 38 -14.08 -29.68 -13.71
N LYS H 39 -14.87 -28.73 -13.23
CA LYS H 39 -14.36 -27.53 -12.61
C LYS H 39 -14.51 -27.66 -11.10
N PRO H 40 -13.56 -27.11 -10.32
CA PRO H 40 -13.56 -27.36 -8.87
C PRO H 40 -14.91 -27.10 -8.20
N GLY H 41 -15.38 -28.06 -7.42
CA GLY H 41 -16.66 -27.94 -6.73
C GLY H 41 -17.91 -28.23 -7.55
N LYS H 42 -17.73 -28.53 -8.84
CA LYS H 42 -18.89 -28.73 -9.74
C LYS H 42 -18.95 -30.16 -10.29
N ALA H 43 -20.14 -30.55 -10.74
CA ALA H 43 -20.33 -31.85 -11.37
C ALA H 43 -19.59 -31.89 -12.70
N PRO H 44 -19.09 -33.07 -13.11
CA PRO H 44 -18.43 -33.13 -14.40
C PRO H 44 -19.38 -32.85 -15.58
N LYS H 45 -18.80 -32.45 -16.70
CA LYS H 45 -19.52 -32.29 -17.96
C LYS H 45 -19.03 -33.36 -18.94
N SER H 46 -19.96 -34.04 -19.58
CA SER H 46 -19.63 -35.09 -20.53
C SER H 46 -19.23 -34.48 -21.88
N LEU H 47 -18.07 -34.88 -22.39
CA LEU H 47 -17.52 -34.33 -23.64
C LEU H 47 -17.51 -35.35 -24.78
N ILE H 48 -16.92 -36.51 -24.53
CA ILE H 48 -16.68 -37.50 -25.58
C ILE H 48 -17.10 -38.89 -25.10
N TYR H 49 -17.52 -39.72 -26.06
CA TYR H 49 -17.72 -41.15 -25.82
C TYR H 49 -17.16 -41.94 -27.00
N TYR H 50 -16.93 -43.23 -26.76
CA TYR H 50 -16.43 -44.14 -27.78
C TYR H 50 -15.25 -43.51 -28.54
N THR H 51 -14.25 -43.06 -27.78
CA THR H 51 -13.02 -42.47 -28.30
C THR H 51 -13.19 -41.13 -29.04
N SER H 52 -13.95 -41.15 -30.13
CA SER H 52 -13.97 -40.03 -31.07
C SER H 52 -15.32 -39.31 -31.21
N HIS H 53 -16.35 -39.79 -30.51
CA HIS H 53 -17.70 -39.26 -30.68
C HIS H 53 -18.01 -38.11 -29.73
N LEU H 54 -18.26 -36.94 -30.31
CA LEU H 54 -18.53 -35.73 -29.52
C LEU H 54 -19.95 -35.76 -28.97
N GLU H 55 -20.09 -35.38 -27.71
CA GLU H 55 -21.40 -35.32 -27.05
C GLU H 55 -22.18 -34.12 -27.56
N SER H 56 -23.51 -34.22 -27.58
CA SER H 56 -24.37 -33.13 -28.09
C SER H 56 -24.09 -31.79 -27.43
N GLY H 57 -23.84 -30.77 -28.24
CA GLY H 57 -23.66 -29.41 -27.76
C GLY H 57 -22.24 -29.06 -27.32
N VAL H 58 -21.32 -30.01 -27.43
CA VAL H 58 -19.93 -29.77 -27.08
C VAL H 58 -19.28 -29.03 -28.26
N PRO H 59 -18.54 -27.94 -27.98
CA PRO H 59 -17.92 -27.15 -29.06
C PRO H 59 -16.99 -27.95 -29.97
N SER H 60 -16.82 -27.47 -31.20
CA SER H 60 -16.04 -28.18 -32.22
C SER H 60 -14.56 -28.33 -31.87
N ARG H 61 -14.04 -27.43 -31.02
CA ARG H 61 -12.63 -27.45 -30.67
C ARG H 61 -12.21 -28.68 -29.85
N PHE H 62 -13.15 -29.36 -29.22
CA PHE H 62 -12.88 -30.61 -28.51
C PHE H 62 -12.98 -31.80 -29.45
N SER H 63 -11.95 -32.64 -29.46
CA SER H 63 -11.98 -33.90 -30.20
C SER H 63 -11.12 -34.94 -29.50
N GLY H 64 -11.34 -36.20 -29.87
CA GLY H 64 -10.61 -37.32 -29.29
C GLY H 64 -10.16 -38.29 -30.36
N SER H 65 -9.07 -39.00 -30.08
CA SER H 65 -8.51 -39.95 -31.03
C SER H 65 -7.83 -41.09 -30.29
N GLY H 66 -7.18 -41.97 -31.04
CA GLY H 66 -6.45 -43.09 -30.48
C GLY H 66 -7.21 -44.39 -30.65
N SER H 67 -6.63 -45.47 -30.14
CA SER H 67 -7.14 -46.81 -30.33
C SER H 67 -6.36 -47.75 -29.41
N GLY H 68 -6.76 -49.02 -29.37
CA GLY H 68 -6.10 -50.01 -28.52
C GLY H 68 -6.08 -49.61 -27.05
N THR H 69 -4.88 -49.29 -26.54
CA THR H 69 -4.69 -48.88 -25.15
C THR H 69 -4.34 -47.40 -24.97
N ASP H 70 -3.95 -46.72 -26.04
CA ASP H 70 -3.52 -45.32 -25.96
C ASP H 70 -4.53 -44.36 -26.60
N PHE H 71 -5.00 -43.38 -25.84
CA PHE H 71 -6.02 -42.44 -26.31
C PHE H 71 -5.64 -41.01 -25.97
N SER H 72 -6.22 -40.06 -26.71
CA SER H 72 -5.93 -38.64 -26.50
C SER H 72 -7.19 -37.79 -26.58
N LEU H 73 -7.10 -36.60 -25.98
CA LEU H 73 -8.09 -35.55 -26.14
C LEU H 73 -7.35 -34.32 -26.58
N THR H 74 -7.93 -33.57 -27.51
CA THR H 74 -7.32 -32.34 -28.00
C THR H 74 -8.31 -31.20 -27.96
N ILE H 75 -7.83 -30.04 -27.53
CA ILE H 75 -8.58 -28.79 -27.61
C ILE H 75 -7.86 -27.91 -28.61
N SER H 76 -8.47 -27.70 -29.77
CA SER H 76 -7.80 -27.03 -30.88
C SER H 76 -7.38 -25.61 -30.54
N SER H 77 -8.25 -24.87 -29.87
CA SER H 77 -7.95 -23.50 -29.45
C SER H 77 -8.49 -23.28 -28.03
N LEU H 78 -7.59 -23.21 -27.06
CA LEU H 78 -7.95 -23.15 -25.64
C LEU H 78 -8.71 -21.86 -25.30
N GLN H 79 -9.87 -22.00 -24.67
CA GLN H 79 -10.69 -20.87 -24.26
C GLN H 79 -10.67 -20.69 -22.76
N PRO H 80 -11.04 -19.50 -22.29
CA PRO H 80 -10.99 -19.26 -20.83
C PRO H 80 -11.81 -20.23 -20.00
N GLU H 81 -12.91 -20.73 -20.57
CA GLU H 81 -13.81 -21.63 -19.91
C GLU H 81 -13.37 -23.10 -19.97
N ASP H 82 -12.29 -23.38 -20.67
CA ASP H 82 -11.79 -24.74 -20.86
C ASP H 82 -10.77 -25.15 -19.80
N PHE H 83 -10.32 -24.19 -19.00
CA PHE H 83 -9.40 -24.50 -17.91
C PHE H 83 -10.18 -25.26 -16.83
N ALA H 84 -9.79 -26.51 -16.63
CA ALA H 84 -10.53 -27.44 -15.80
C ALA H 84 -9.72 -28.72 -15.70
N THR H 85 -10.24 -29.68 -14.94
CA THR H 85 -9.66 -31.01 -14.90
C THR H 85 -10.38 -31.89 -15.90
N TYR H 86 -9.61 -32.70 -16.64
CA TYR H 86 -10.17 -33.56 -17.68
C TYR H 86 -9.95 -35.03 -17.33
N TYR H 87 -11.05 -35.78 -17.24
CA TYR H 87 -11.01 -37.18 -16.83
C TYR H 87 -11.39 -38.10 -17.99
N CYS H 88 -10.67 -39.20 -18.13
CA CYS H 88 -11.03 -40.25 -19.09
C CYS H 88 -11.64 -41.43 -18.34
N GLN H 89 -12.43 -42.21 -19.05
CA GLN H 89 -13.10 -43.37 -18.47
C GLN H 89 -13.35 -44.41 -19.55
N GLN H 90 -12.90 -45.64 -19.32
CA GLN H 90 -13.29 -46.76 -20.17
C GLN H 90 -14.70 -47.16 -19.80
N HIS H 91 -15.52 -47.40 -20.82
CA HIS H 91 -16.90 -47.85 -20.63
C HIS H 91 -17.20 -49.11 -21.46
N ASN H 92 -16.21 -50.00 -21.51
CA ASN H 92 -16.40 -51.31 -22.13
C ASN H 92 -16.82 -52.36 -21.12
N SER H 93 -16.09 -52.43 -20.00
CA SER H 93 -16.24 -53.54 -19.05
C SER H 93 -16.76 -53.06 -17.69
N TYR H 94 -17.07 -54.04 -16.83
CA TYR H 94 -17.50 -53.77 -15.47
C TYR H 94 -16.37 -54.14 -14.51
N PRO H 95 -16.06 -53.26 -13.54
CA PRO H 95 -16.66 -51.95 -13.30
C PRO H 95 -16.18 -50.92 -14.31
N ARG H 96 -16.92 -49.83 -14.47
CA ARG H 96 -16.46 -48.73 -15.30
C ARG H 96 -15.38 -48.05 -14.47
N THR H 97 -14.28 -47.66 -15.11
CA THR H 97 -13.13 -47.13 -14.37
C THR H 97 -12.64 -45.82 -14.95
N PHE H 98 -12.21 -44.94 -14.06
CA PHE H 98 -11.81 -43.59 -14.39
C PHE H 98 -10.32 -43.39 -14.17
N GLY H 99 -9.74 -42.46 -14.93
CA GLY H 99 -8.38 -42.01 -14.69
C GLY H 99 -8.38 -40.97 -13.59
N GLN H 100 -7.18 -40.60 -13.14
CA GLN H 100 -7.02 -39.66 -12.03
C GLN H 100 -6.91 -38.20 -12.49
N GLY H 101 -7.02 -37.98 -13.80
CA GLY H 101 -7.23 -36.63 -14.35
C GLY H 101 -5.99 -35.90 -14.84
N THR H 102 -6.24 -34.86 -15.65
CA THR H 102 -5.21 -33.94 -16.10
C THR H 102 -5.73 -32.53 -15.93
N LYS H 103 -5.20 -31.81 -14.95
CA LYS H 103 -5.62 -30.44 -14.71
C LYS H 103 -4.92 -29.52 -15.71
N VAL H 104 -5.71 -28.73 -16.44
CA VAL H 104 -5.19 -27.82 -17.45
C VAL H 104 -5.34 -26.39 -16.95
N GLU H 105 -4.20 -25.77 -16.65
CA GLU H 105 -4.15 -24.50 -15.91
C GLU H 105 -3.72 -23.35 -16.81
N ILE H 106 -3.85 -22.13 -16.30
CA ILE H 106 -3.62 -20.91 -17.08
C ILE H 106 -2.17 -20.44 -16.93
N LYS H 107 -1.45 -20.40 -18.05
CA LYS H 107 -0.09 -19.89 -18.09
C LYS H 107 -0.12 -18.37 -18.06
N ARG H 108 0.72 -17.78 -17.22
CA ARG H 108 0.86 -16.33 -17.16
C ARG H 108 2.27 -15.94 -16.72
N THR H 109 2.54 -14.64 -16.66
CA THR H 109 3.84 -14.14 -16.24
C THR H 109 4.00 -14.25 -14.73
N VAL H 110 5.22 -14.03 -14.25
CA VAL H 110 5.53 -14.12 -12.83
C VAL H 110 4.91 -12.94 -12.10
N ALA H 111 4.34 -13.22 -10.93
CA ALA H 111 3.78 -12.20 -10.06
C ALA H 111 4.23 -12.48 -8.63
N ALA H 112 4.81 -11.47 -7.99
CA ALA H 112 5.30 -11.62 -6.63
C ALA H 112 4.13 -11.53 -5.66
N PRO H 113 4.16 -12.34 -4.59
CA PRO H 113 3.10 -12.21 -3.59
C PRO H 113 3.26 -10.95 -2.74
N SER H 114 2.13 -10.35 -2.36
CA SER H 114 2.11 -9.40 -1.27
C SER H 114 1.82 -10.19 -0.01
N VAL H 115 2.65 -10.00 1.01
CA VAL H 115 2.65 -10.84 2.20
C VAL H 115 2.07 -10.08 3.40
N PHE H 116 1.25 -10.78 4.17
CA PHE H 116 0.62 -10.22 5.36
C PHE H 116 0.66 -11.25 6.48
N ILE H 117 0.95 -10.79 7.70
CA ILE H 117 0.95 -11.65 8.88
C ILE H 117 -0.17 -11.19 9.81
N PHE H 118 -0.74 -12.14 10.55
CA PHE H 118 -1.85 -11.85 11.45
C PHE H 118 -1.63 -12.55 12.77
N PRO H 119 -1.50 -11.78 13.86
CA PRO H 119 -1.34 -12.38 15.18
C PRO H 119 -2.64 -13.03 15.66
N PRO H 120 -2.54 -13.94 16.63
CA PRO H 120 -3.76 -14.48 17.22
C PRO H 120 -4.57 -13.38 17.89
N SER H 121 -5.88 -13.43 17.75
CA SER H 121 -6.76 -12.50 18.43
C SER H 121 -6.78 -12.82 19.92
N ASP H 122 -7.00 -11.80 20.74
CA ASP H 122 -7.16 -11.99 22.19
C ASP H 122 -8.29 -12.96 22.51
N GLU H 123 -9.33 -12.96 21.67
CA GLU H 123 -10.50 -13.83 21.85
C GLU H 123 -10.13 -15.31 21.78
N GLN H 124 -9.24 -15.67 20.85
CA GLN H 124 -8.82 -17.08 20.68
C GLN H 124 -7.92 -17.53 21.82
N LEU H 125 -7.05 -16.64 22.28
CA LEU H 125 -6.11 -16.94 23.35
C LEU H 125 -6.80 -17.39 24.65
N LYS H 126 -8.05 -16.96 24.85
CA LYS H 126 -8.85 -17.42 25.98
C LYS H 126 -9.14 -18.92 25.94
N SER H 127 -9.10 -19.50 24.74
CA SER H 127 -9.35 -20.94 24.55
C SER H 127 -8.11 -21.81 24.83
N GLY H 128 -6.95 -21.17 25.00
CA GLY H 128 -5.71 -21.90 25.28
C GLY H 128 -4.97 -22.36 24.04
N THR H 129 -5.29 -21.75 22.89
CA THR H 129 -4.63 -22.08 21.62
C THR H 129 -4.37 -20.79 20.83
N ALA H 130 -3.26 -20.77 20.10
CA ALA H 130 -2.88 -19.61 19.30
C ALA H 130 -2.69 -20.03 17.84
N SER H 131 -3.43 -19.38 16.95
CA SER H 131 -3.26 -19.60 15.52
C SER H 131 -2.68 -18.32 14.92
N VAL H 132 -1.47 -18.42 14.36
CA VAL H 132 -0.82 -17.32 13.68
C VAL H 132 -0.93 -17.56 12.18
N VAL H 133 -1.38 -16.55 11.45
CA VAL H 133 -1.68 -16.71 10.03
C VAL H 133 -0.78 -15.83 9.18
N CYS H 134 -0.27 -16.41 8.09
CA CYS H 134 0.50 -15.67 7.10
C CYS H 134 -0.16 -15.85 5.75
N LEU H 135 -0.37 -14.74 5.06
CA LEU H 135 -1.07 -14.70 3.78
C LEU H 135 -0.11 -14.29 2.67
N LEU H 136 -0.04 -15.10 1.62
CA LEU H 136 0.67 -14.74 0.39
C LEU H 136 -0.40 -14.41 -0.65
N ASN H 137 -0.49 -13.13 -1.01
CA ASN H 137 -1.56 -12.64 -1.85
C ASN H 137 -1.17 -12.52 -3.33
N ASN H 138 -1.93 -13.20 -4.19
CA ASN H 138 -1.84 -13.04 -5.64
C ASN H 138 -0.46 -13.21 -6.27
N PHE H 139 0.01 -14.45 -6.33
CA PHE H 139 1.32 -14.74 -6.91
C PHE H 139 1.25 -15.81 -8.02
N TYR H 140 2.32 -15.88 -8.80
CA TYR H 140 2.48 -16.91 -9.83
C TYR H 140 3.96 -17.14 -10.12
N PRO H 141 4.40 -18.40 -10.22
CA PRO H 141 3.64 -19.66 -10.14
C PRO H 141 3.30 -20.09 -8.71
N ARG H 142 2.53 -21.17 -8.58
CA ARG H 142 2.07 -21.70 -7.29
C ARG H 142 3.22 -21.97 -6.31
N GLU H 143 4.38 -22.37 -6.82
CA GLU H 143 5.51 -22.73 -5.97
C GLU H 143 5.93 -21.56 -5.06
N ALA H 144 6.01 -21.83 -3.76
CA ALA H 144 6.35 -20.80 -2.76
C ALA H 144 6.76 -21.45 -1.45
N LYS H 145 7.84 -20.97 -0.86
CA LYS H 145 8.32 -21.48 0.42
C LYS H 145 7.96 -20.51 1.54
N VAL H 146 7.05 -20.95 2.41
CA VAL H 146 6.69 -20.18 3.61
C VAL H 146 7.40 -20.77 4.82
N GLN H 147 8.14 -19.93 5.53
CA GLN H 147 8.87 -20.34 6.73
C GLN H 147 8.43 -19.54 7.94
N TRP H 148 7.98 -20.24 8.97
CA TRP H 148 7.62 -19.64 10.25
C TRP H 148 8.82 -19.67 11.19
N LYS H 149 9.11 -18.53 11.80
CA LYS H 149 10.15 -18.43 12.83
C LYS H 149 9.59 -17.79 14.10
N VAL H 150 9.84 -18.45 15.23
CA VAL H 150 9.48 -17.90 16.54
C VAL H 150 10.80 -17.63 17.28
N ASP H 151 11.03 -16.36 17.61
CA ASP H 151 12.32 -15.92 18.16
C ASP H 151 13.48 -16.53 17.37
N ASN H 152 13.39 -16.47 16.04
CA ASN H 152 14.41 -17.00 15.12
C ASN H 152 14.56 -18.53 15.10
N ALA H 153 13.61 -19.25 15.70
CA ALA H 153 13.60 -20.71 15.68
C ALA H 153 12.61 -21.15 14.62
N LEU H 154 13.11 -21.80 13.57
CA LEU H 154 12.24 -22.27 12.51
C LEU H 154 11.24 -23.28 13.01
N GLN H 155 10.00 -23.12 12.59
CA GLN H 155 8.93 -24.01 13.02
C GLN H 155 8.63 -25.08 11.96
N SER H 156 8.64 -26.34 12.37
CA SER H 156 8.37 -27.44 11.45
C SER H 156 7.39 -28.44 12.05
N GLY H 157 6.38 -28.82 11.27
CA GLY H 157 5.37 -29.80 11.69
C GLY H 157 4.22 -29.23 12.51
N ASN H 158 4.16 -27.90 12.64
CA ASN H 158 3.07 -27.24 13.37
C ASN H 158 2.39 -26.14 12.55
N SER H 159 2.40 -26.29 11.23
CA SER H 159 1.69 -25.38 10.34
C SER H 159 1.00 -26.16 9.23
N GLN H 160 -0.12 -25.62 8.75
CA GLN H 160 -0.84 -26.21 7.64
C GLN H 160 -1.11 -25.15 6.58
N GLU H 161 -0.89 -25.51 5.31
CA GLU H 161 -1.06 -24.61 4.18
C GLU H 161 -2.32 -24.93 3.39
N SER H 162 -2.97 -23.88 2.89
CA SER H 162 -4.08 -23.99 1.96
C SER H 162 -3.90 -22.99 0.82
N VAL H 163 -4.31 -23.37 -0.38
CA VAL H 163 -4.11 -22.55 -1.58
C VAL H 163 -5.41 -22.45 -2.37
N THR H 164 -5.74 -21.24 -2.82
CA THR H 164 -6.93 -21.02 -3.64
C THR H 164 -6.66 -21.48 -5.07
N GLU H 165 -7.73 -21.59 -5.85
CA GLU H 165 -7.60 -21.84 -7.28
C GLU H 165 -7.24 -20.53 -7.97
N GLN H 166 -6.84 -20.63 -9.23
CA GLN H 166 -6.43 -19.44 -9.97
C GLN H 166 -7.56 -18.41 -10.01
N ASP H 167 -7.20 -17.16 -9.75
CA ASP H 167 -8.15 -16.06 -9.67
C ASP H 167 -8.78 -15.80 -11.03
N SER H 168 -10.06 -15.48 -11.03
CA SER H 168 -10.80 -15.24 -12.28
C SER H 168 -10.32 -13.97 -13.03
N LYS H 169 -9.76 -13.01 -12.29
CA LYS H 169 -9.28 -11.77 -12.90
C LYS H 169 -7.84 -11.88 -13.43
N ASP H 170 -6.91 -12.33 -12.60
CA ASP H 170 -5.49 -12.36 -12.98
C ASP H 170 -4.82 -13.75 -12.93
N SER H 171 -5.63 -14.81 -12.83
CA SER H 171 -5.15 -16.19 -12.99
C SER H 171 -4.03 -16.55 -12.00
N THR H 172 -4.10 -15.95 -10.83
CA THR H 172 -3.01 -15.96 -9.88
C THR H 172 -3.39 -16.80 -8.66
N TYR H 173 -2.39 -17.28 -7.92
CA TYR H 173 -2.64 -18.04 -6.70
C TYR H 173 -2.54 -17.16 -5.45
N SER H 174 -3.35 -17.49 -4.44
CA SER H 174 -3.16 -16.96 -3.10
C SER H 174 -3.03 -18.13 -2.11
N LEU H 175 -2.41 -17.86 -0.96
CA LEU H 175 -1.99 -18.93 -0.04
C LEU H 175 -2.05 -18.49 1.41
N SER H 176 -2.68 -19.30 2.25
CA SER H 176 -2.70 -19.09 3.68
C SER H 176 -1.86 -20.16 4.35
N SER H 177 -1.03 -19.74 5.31
CA SER H 177 -0.29 -20.65 6.18
C SER H 177 -0.68 -20.33 7.62
N THR H 178 -1.09 -21.35 8.36
CA THR H 178 -1.51 -21.18 9.73
C THR H 178 -0.60 -21.95 10.67
N LEU H 179 0.06 -21.21 11.57
CA LEU H 179 0.94 -21.77 12.57
C LEU H 179 0.12 -21.99 13.83
N THR H 180 0.12 -23.22 14.34
CA THR H 180 -0.62 -23.53 15.55
C THR H 180 0.36 -23.66 16.71
N LEU H 181 0.11 -22.90 17.77
CA LEU H 181 0.86 -22.97 19.02
C LEU H 181 -0.12 -22.97 20.18
N SER H 182 0.28 -23.59 21.29
CA SER H 182 -0.47 -23.47 22.54
C SER H 182 -0.30 -22.04 23.04
N LYS H 183 -1.26 -21.58 23.85
CA LYS H 183 -1.18 -20.23 24.44
C LYS H 183 0.11 -20.07 25.25
N ALA H 184 0.45 -21.09 26.05
CA ALA H 184 1.64 -21.04 26.90
C ALA H 184 2.91 -20.81 26.10
N ASP H 185 3.10 -21.59 25.03
CA ASP H 185 4.26 -21.44 24.16
C ASP H 185 4.23 -20.08 23.42
N TYR H 186 3.03 -19.57 23.16
CA TYR H 186 2.88 -18.25 22.53
C TYR H 186 3.27 -17.12 23.48
N GLU H 187 2.90 -17.25 24.76
CA GLU H 187 3.28 -16.25 25.79
C GLU H 187 4.79 -16.19 26.02
N LYS H 188 5.48 -17.27 25.73
CA LYS H 188 6.90 -17.41 26.02
C LYS H 188 7.81 -16.68 25.05
N HIS H 189 7.27 -16.34 23.90
CA HIS H 189 8.11 -15.77 22.84
C HIS H 189 7.59 -14.43 22.33
N LYS H 190 8.49 -13.69 21.67
CA LYS H 190 8.26 -12.30 21.31
C LYS H 190 8.10 -12.12 19.81
N VAL H 191 9.13 -12.46 19.05
CA VAL H 191 9.16 -12.16 17.61
C VAL H 191 8.56 -13.32 16.82
N TYR H 192 7.44 -13.04 16.14
CA TYR H 192 6.80 -14.02 15.26
C TYR H 192 6.95 -13.55 13.82
N ALA H 193 7.47 -14.44 12.96
CA ALA H 193 7.89 -14.05 11.62
C ALA H 193 7.47 -15.07 10.57
N CYS H 194 6.97 -14.56 9.45
CA CYS H 194 6.68 -15.35 8.27
C CYS H 194 7.60 -14.91 7.14
N GLU H 195 8.54 -15.76 6.76
CA GLU H 195 9.49 -15.48 5.69
C GLU H 195 9.06 -16.18 4.42
N VAL H 196 8.95 -15.41 3.33
CA VAL H 196 8.42 -15.92 2.06
C VAL H 196 9.44 -15.81 0.93
N THR H 197 9.75 -16.96 0.33
CA THR H 197 10.64 -17.04 -0.83
C THR H 197 9.80 -17.32 -2.08
N HIS H 198 10.03 -16.52 -3.13
CA HIS H 198 9.28 -16.66 -4.38
C HIS H 198 10.11 -16.14 -5.56
N GLN H 199 9.86 -16.70 -6.74
CA GLN H 199 10.59 -16.35 -7.96
C GLN H 199 10.43 -14.87 -8.34
N GLY H 200 9.28 -14.29 -8.00
CA GLY H 200 9.01 -12.87 -8.25
C GLY H 200 9.67 -11.92 -7.27
N LEU H 201 10.18 -12.45 -6.15
CA LEU H 201 10.90 -11.66 -5.15
C LEU H 201 12.41 -11.82 -5.37
N SER H 202 13.13 -10.70 -5.47
CA SER H 202 14.57 -10.71 -5.69
C SER H 202 15.30 -11.36 -4.51
N SER H 203 14.75 -11.16 -3.32
CA SER H 203 15.19 -11.86 -2.11
C SER H 203 13.97 -12.06 -1.20
N PRO H 204 14.02 -13.07 -0.31
CA PRO H 204 12.87 -13.38 0.54
C PRO H 204 12.29 -12.18 1.31
N VAL H 205 10.96 -12.14 1.41
CA VAL H 205 10.27 -11.10 2.17
C VAL H 205 9.83 -11.64 3.53
N THR H 206 10.09 -10.87 4.57
CA THR H 206 9.71 -11.24 5.93
C THR H 206 8.71 -10.23 6.49
N LYS H 207 7.56 -10.73 6.94
CA LYS H 207 6.61 -9.92 7.68
C LYS H 207 6.55 -10.49 9.08
N SER H 208 6.64 -9.61 10.07
CA SER H 208 6.70 -10.05 11.45
C SER H 208 6.04 -9.07 12.41
N PHE H 209 5.73 -9.55 13.59
CA PHE H 209 5.19 -8.73 14.66
C PHE H 209 5.77 -9.18 15.99
N ASN H 210 5.75 -8.27 16.96
CA ASN H 210 6.13 -8.60 18.33
C ASN H 210 4.86 -8.74 19.18
N ARG H 211 4.77 -9.82 19.93
CA ARG H 211 3.65 -10.04 20.86
C ARG H 211 3.66 -8.96 21.95
N GLY H 212 2.48 -8.42 22.24
CA GLY H 212 2.33 -7.38 23.25
C GLY H 212 2.70 -5.99 22.75
N GLU H 213 2.70 -5.82 21.43
CA GLU H 213 2.95 -4.53 20.80
C GLU H 213 1.89 -4.30 19.72
N CYS H 214 1.93 -3.14 19.07
CA CYS H 214 0.95 -2.84 18.02
C CYS H 214 1.42 -3.36 16.66
N GLN I 1 51.34 2.62 18.83
CA GLN I 1 51.24 2.00 20.19
C GLN I 1 49.91 1.27 20.37
N VAL I 2 48.81 2.02 20.34
CA VAL I 2 47.48 1.44 20.49
C VAL I 2 46.89 1.08 19.14
N GLN I 3 46.48 -0.17 18.98
CA GLN I 3 45.93 -0.67 17.71
C GLN I 3 44.65 -1.47 17.95
N LEU I 4 43.60 -1.12 17.20
CA LEU I 4 42.31 -1.81 17.28
C LEU I 4 42.05 -2.58 16.00
N GLN I 5 41.34 -3.70 16.12
CA GLN I 5 40.92 -4.48 14.96
C GLN I 5 39.52 -5.04 15.14
N GLU I 6 38.59 -4.61 14.27
CA GLU I 6 37.22 -5.15 14.27
C GLU I 6 37.23 -6.55 13.68
N SER I 7 36.15 -7.29 13.94
CA SER I 7 36.01 -8.65 13.46
C SER I 7 34.55 -9.08 13.60
N GLY I 8 34.07 -9.87 12.63
CA GLY I 8 32.69 -10.34 12.62
C GLY I 8 32.17 -10.59 11.21
N PRO I 9 31.00 -11.23 11.09
CA PRO I 9 30.44 -11.53 9.77
C PRO I 9 30.08 -10.27 8.96
N GLY I 10 30.41 -10.28 7.68
CA GLY I 10 30.15 -9.15 6.79
C GLY I 10 28.70 -9.05 6.35
N LEU I 11 27.99 -10.17 6.39
CA LEU I 11 26.59 -10.24 5.97
C LEU I 11 25.75 -10.88 7.06
N VAL I 12 24.65 -10.20 7.41
CA VAL I 12 23.79 -10.63 8.51
C VAL I 12 22.32 -10.52 8.10
N LYS I 13 21.52 -11.51 8.48
CA LYS I 13 20.09 -11.49 8.16
C LYS I 13 19.35 -10.59 9.15
N PRO I 14 18.18 -10.06 8.75
CA PRO I 14 17.40 -9.20 9.65
C PRO I 14 16.93 -9.92 10.91
N SER I 15 16.70 -11.22 10.80
CA SER I 15 16.28 -12.04 11.94
C SER I 15 17.41 -12.33 12.94
N GLU I 16 18.64 -12.08 12.55
CA GLU I 16 19.82 -12.42 13.36
C GLU I 16 20.33 -11.24 14.17
N THR I 17 21.25 -11.52 15.09
CA THR I 17 21.94 -10.49 15.86
C THR I 17 23.25 -10.14 15.16
N LEU I 18 23.56 -8.84 15.13
CA LEU I 18 24.81 -8.36 14.55
C LEU I 18 25.87 -8.36 15.63
N SER I 19 26.87 -9.22 15.48
CA SER I 19 27.94 -9.36 16.48
C SER I 19 29.28 -8.92 15.90
N LEU I 20 29.88 -7.92 16.55
CA LEU I 20 31.24 -7.51 16.21
C LEU I 20 32.14 -7.57 17.44
N THR I 21 33.41 -7.84 17.21
CA THR I 21 34.42 -7.90 18.27
C THR I 21 35.55 -6.93 17.93
N CYS I 22 36.10 -6.30 18.96
CA CYS I 22 37.24 -5.40 18.80
C CYS I 22 38.37 -5.84 19.72
N VAL I 23 39.47 -6.28 19.11
CA VAL I 23 40.67 -6.70 19.84
C VAL I 23 41.60 -5.50 20.00
N VAL I 24 42.07 -5.26 21.22
CA VAL I 24 42.99 -4.14 21.51
C VAL I 24 44.39 -4.67 21.81
N SER I 25 45.40 -3.95 21.34
CA SER I 25 46.80 -4.33 21.53
C SER I 25 47.65 -3.16 22.00
N GLY I 26 48.58 -3.44 22.92
CA GLY I 26 49.64 -2.51 23.27
C GLY I 26 49.31 -1.42 24.29
N GLY I 27 48.28 -1.64 25.10
CA GLY I 27 47.89 -0.65 26.10
C GLY I 27 46.94 -1.14 27.17
N SER I 28 46.68 -0.27 28.15
CA SER I 28 45.80 -0.58 29.28
C SER I 28 44.34 -0.51 28.87
N PHE I 29 43.71 -1.67 28.72
CA PHE I 29 42.30 -1.74 28.36
C PHE I 29 41.40 -1.18 29.47
N SER I 30 41.72 -1.53 30.72
CA SER I 30 40.93 -1.11 31.87
C SER I 30 41.08 0.38 32.24
N SER I 31 41.98 1.09 31.58
CA SER I 31 42.19 2.50 31.87
C SER I 31 41.32 3.44 31.04
N TYR I 32 40.67 2.93 30.00
CA TYR I 32 39.97 3.78 29.03
C TYR I 32 38.52 3.36 28.79
N TYR I 33 37.71 4.32 28.34
CA TYR I 33 36.39 4.02 27.80
C TYR I 33 36.54 3.55 26.36
N TRP I 34 35.77 2.54 25.98
CA TRP I 34 35.81 1.97 24.64
C TRP I 34 34.45 2.13 23.99
N THR I 35 34.45 2.49 22.71
CA THR I 35 33.28 3.00 22.03
C THR I 35 33.07 2.29 20.71
N TRP I 36 31.81 2.23 20.27
CA TRP I 36 31.46 1.79 18.92
C TRP I 36 30.82 2.97 18.18
N ILE I 37 31.23 3.16 16.94
CA ILE I 37 30.71 4.19 16.04
C ILE I 37 30.44 3.54 14.69
N ARG I 38 29.35 3.94 14.03
CA ARG I 38 29.08 3.44 12.68
C ARG I 38 28.91 4.56 11.64
N GLN I 39 29.04 4.20 10.37
CA GLN I 39 28.98 5.17 9.27
C GLN I 39 28.25 4.58 8.07
N SER I 40 27.17 5.25 7.66
CA SER I 40 26.45 4.87 6.45
C SER I 40 26.20 6.12 5.61
N PRO I 41 25.89 5.93 4.31
CA PRO I 41 25.59 7.06 3.43
C PRO I 41 24.45 7.98 3.92
N GLY I 42 23.35 7.39 4.34
CA GLY I 42 22.19 8.17 4.77
C GLY I 42 22.36 8.88 6.10
N LYS I 43 22.55 8.09 7.15
CA LYS I 43 22.59 8.61 8.51
C LYS I 43 23.93 9.26 8.90
N GLY I 44 24.99 8.90 8.18
CA GLY I 44 26.31 9.45 8.45
C GLY I 44 26.96 8.78 9.64
N LEU I 45 27.80 9.53 10.36
CA LEU I 45 28.48 9.02 11.55
C LEU I 45 27.55 9.03 12.76
N GLU I 46 27.42 7.87 13.41
CA GLU I 46 26.58 7.71 14.60
C GLU I 46 27.34 7.06 15.75
N TRP I 47 27.34 7.73 16.90
CA TRP I 47 27.89 7.17 18.13
C TRP I 47 26.91 6.13 18.66
N ILE I 48 27.34 4.87 18.71
CA ILE I 48 26.47 3.77 19.17
C ILE I 48 26.42 3.73 20.69
N GLY I 49 27.58 3.78 21.33
CA GLY I 49 27.66 3.77 22.78
C GLY I 49 29.09 3.71 23.26
N GLU I 50 29.27 3.80 24.57
CA GLU I 50 30.58 3.70 25.20
C GLU I 50 30.53 2.62 26.29
N MET I 51 31.70 2.11 26.66
CA MET I 51 31.81 1.12 27.73
C MET I 51 33.03 1.42 28.58
N ASN I 52 32.87 1.35 29.89
CA ASN I 52 33.99 1.48 30.82
C ASN I 52 34.85 0.22 30.71
N GLY I 53 36.12 0.41 30.34
CA GLY I 53 37.05 -0.70 30.19
C GLY I 53 37.27 -1.49 31.46
N ASN I 54 37.22 -0.81 32.60
CA ASN I 54 37.40 -1.45 33.90
C ASN I 54 36.15 -2.21 34.35
N SER I 55 35.03 -1.54 34.44
CA SER I 55 33.83 -2.12 35.02
C SER I 55 32.87 -2.78 34.03
N GLY I 56 32.92 -2.36 32.79
CA GLY I 56 31.95 -2.82 31.80
C GLY I 56 30.66 -2.01 31.86
N TYR I 57 30.67 -0.91 32.61
CA TYR I 57 29.53 0.00 32.65
C TYR I 57 29.36 0.64 31.27
N THR I 58 28.11 0.82 30.85
CA THR I 58 27.81 1.31 29.52
C THR I 58 26.93 2.56 29.53
N ASN I 59 27.14 3.41 28.53
CA ASN I 59 26.17 4.44 28.15
C ASN I 59 25.89 4.27 26.67
N TYR I 60 24.62 4.05 26.34
CA TYR I 60 24.21 3.78 24.97
C TYR I 60 23.52 4.99 24.37
N ASN I 61 23.54 5.09 23.04
CA ASN I 61 22.71 6.03 22.32
C ASN I 61 21.25 5.69 22.62
N PRO I 62 20.47 6.65 23.16
CA PRO I 62 19.05 6.43 23.47
C PRO I 62 18.23 5.86 22.33
N SER I 63 18.58 6.21 21.09
CA SER I 63 17.84 5.72 19.92
C SER I 63 18.09 4.24 19.65
N LEU I 64 19.18 3.70 20.18
CA LEU I 64 19.54 2.30 20.01
C LEU I 64 19.48 1.50 21.32
N GLN I 65 19.18 2.18 22.43
CA GLN I 65 19.29 1.60 23.78
C GLN I 65 18.66 0.23 23.94
N SER I 66 17.48 0.04 23.36
CA SER I 66 16.72 -1.19 23.54
C SER I 66 17.24 -2.40 22.74
N ARG I 67 18.09 -2.15 21.75
CA ARG I 67 18.62 -3.23 20.89
C ARG I 67 20.14 -3.38 21.00
N VAL I 68 20.75 -2.69 21.97
CA VAL I 68 22.21 -2.54 22.01
C VAL I 68 22.86 -3.15 23.24
N THR I 69 24.01 -3.77 23.04
CA THR I 69 24.82 -4.30 24.13
C THR I 69 26.30 -4.23 23.77
N ILE I 70 27.08 -3.54 24.60
CA ILE I 70 28.54 -3.54 24.51
C ILE I 70 29.08 -4.20 25.77
N SER I 71 29.87 -5.25 25.59
CA SER I 71 30.29 -6.11 26.71
C SER I 71 31.79 -6.37 26.75
N LYS I 72 32.30 -6.64 27.95
CA LYS I 72 33.66 -7.13 28.15
C LYS I 72 33.66 -8.65 27.96
N ASP I 73 34.42 -9.13 26.99
CA ASP I 73 34.51 -10.56 26.74
C ASP I 73 35.44 -11.23 27.75
N ALA I 74 35.43 -12.56 27.74
CA ALA I 74 36.32 -13.35 28.60
C ALA I 74 37.76 -13.30 28.09
N SER I 75 37.92 -13.39 26.77
CA SER I 75 39.23 -13.56 26.16
C SER I 75 40.02 -12.25 26.06
N LYS I 76 40.64 -11.85 27.17
CA LYS I 76 41.66 -10.80 27.17
C LYS I 76 41.10 -9.42 26.78
N ASN I 77 41.96 -8.56 26.26
CA ASN I 77 41.59 -7.17 25.95
C ASN I 77 40.66 -7.06 24.73
N GLN I 78 39.46 -7.62 24.87
CA GLN I 78 38.47 -7.65 23.81
C GLN I 78 37.14 -7.12 24.32
N PHE I 79 36.44 -6.39 23.46
CA PHE I 79 35.06 -6.00 23.73
C PHE I 79 34.23 -6.14 22.47
N SER I 80 32.92 -6.27 22.64
CA SER I 80 32.04 -6.64 21.53
C SER I 80 30.81 -5.76 21.43
N LEU I 81 30.19 -5.78 20.24
CA LEU I 81 28.90 -5.13 20.01
C LEU I 81 27.89 -6.17 19.53
N LYS I 82 26.77 -6.27 20.25
CA LYS I 82 25.62 -7.05 19.79
C LYS I 82 24.45 -6.11 19.49
N LEU I 83 23.99 -6.13 18.23
CA LEU I 83 22.86 -5.31 17.80
C LEU I 83 21.65 -6.20 17.48
N THR I 84 20.52 -5.88 18.10
CA THR I 84 19.29 -6.69 18.04
C THR I 84 18.26 -6.05 17.10
N SER I 85 17.20 -6.80 16.75
CA SER I 85 16.07 -6.30 15.97
C SER I 85 16.53 -5.52 14.73
N LEU I 86 17.19 -6.23 13.82
CA LEU I 86 17.85 -5.61 12.68
C LEU I 86 16.90 -5.22 11.55
N THR I 87 17.27 -4.16 10.83
CA THR I 87 16.65 -3.82 9.55
C THR I 87 17.75 -3.45 8.56
N ALA I 88 17.37 -3.10 7.33
CA ALA I 88 18.33 -2.67 6.32
C ALA I 88 19.07 -1.38 6.71
N ALA I 89 18.46 -0.57 7.58
CA ALA I 89 19.09 0.67 8.05
C ALA I 89 20.35 0.45 8.91
N ASP I 90 20.51 -0.74 9.48
CA ASP I 90 21.70 -1.04 10.28
C ASP I 90 22.92 -1.34 9.42
N THR I 91 22.73 -1.53 8.12
CA THR I 91 23.84 -1.63 7.18
C THR I 91 24.75 -0.41 7.32
N ALA I 92 26.00 -0.64 7.69
CA ALA I 92 26.97 0.44 7.86
C ALA I 92 28.37 -0.11 8.01
N VAL I 93 29.35 0.77 7.98
CA VAL I 93 30.70 0.42 8.39
C VAL I 93 30.77 0.65 9.90
N TYR I 94 31.17 -0.38 10.64
CA TYR I 94 31.23 -0.30 12.09
C TYR I 94 32.67 -0.19 12.55
N TYR I 95 32.96 0.85 13.33
CA TYR I 95 34.28 1.05 13.92
C TYR I 95 34.21 0.87 15.44
N CYS I 96 35.28 0.33 16.01
CA CYS I 96 35.51 0.50 17.44
C CYS I 96 36.53 1.61 17.63
N ALA I 97 36.48 2.28 18.79
CA ALA I 97 37.31 3.44 19.02
C ALA I 97 37.59 3.64 20.52
N ARG I 98 38.73 4.25 20.82
CA ARG I 98 39.14 4.51 22.19
C ARG I 98 38.76 5.94 22.60
N ASP I 99 37.83 6.05 23.54
CA ASP I 99 37.47 7.34 24.14
C ASP I 99 38.54 7.68 25.20
N ALA I 100 38.24 8.56 26.15
CA ALA I 100 39.22 9.01 27.14
C ALA I 100 39.33 8.03 28.32
N ILE I 101 40.17 8.38 29.29
CA ILE I 101 40.38 7.53 30.47
C ILE I 101 39.13 7.45 31.36
N VAL I 102 39.00 6.36 32.10
CA VAL I 102 37.86 6.15 32.99
C VAL I 102 38.09 6.70 34.40
N MET I 103 39.33 6.64 34.87
CA MET I 103 39.62 6.86 36.29
C MET I 103 39.18 8.22 36.82
N VAL I 104 39.16 9.23 35.96
CA VAL I 104 38.79 10.58 36.35
C VAL I 104 38.47 11.40 35.10
N PHE I 105 37.57 12.37 35.23
CA PHE I 105 37.16 13.17 34.09
C PHE I 105 38.36 13.87 33.45
N THR I 106 38.27 14.06 32.15
CA THR I 106 39.29 14.76 31.39
C THR I 106 38.58 15.34 30.16
N ASP I 107 39.04 16.49 29.67
CA ASP I 107 38.34 17.18 28.58
C ASP I 107 38.27 16.36 27.28
N MET I 108 39.12 15.35 27.17
CA MET I 108 39.08 14.40 26.04
C MET I 108 37.83 13.52 26.07
N ARG I 109 37.22 13.40 27.24
CA ARG I 109 36.00 12.60 27.42
C ARG I 109 34.98 12.86 26.29
N GLY I 110 34.48 11.80 25.69
CA GLY I 110 33.48 11.87 24.63
C GLY I 110 33.99 11.88 23.19
N ARG I 111 35.27 12.15 23.00
CA ARG I 111 35.89 12.07 21.68
C ARG I 111 36.79 10.85 21.67
N VAL I 112 37.04 10.30 20.48
CA VAL I 112 37.93 9.15 20.35
C VAL I 112 39.26 9.55 19.71
N ASP I 113 40.36 8.98 20.20
CA ASP I 113 41.70 9.30 19.68
C ASP I 113 42.26 8.23 18.75
N VAL I 114 41.76 7.00 18.87
CA VAL I 114 42.21 5.89 18.04
C VAL I 114 40.99 5.13 17.49
N TRP I 115 40.95 4.98 16.17
CA TRP I 115 39.90 4.20 15.50
C TRP I 115 40.45 2.88 15.01
N GLY I 116 39.59 1.88 14.97
CA GLY I 116 39.89 0.64 14.26
C GLY I 116 39.60 0.84 12.78
N PRO I 117 40.10 -0.06 11.92
CA PRO I 117 39.96 0.12 10.47
C PRO I 117 38.51 0.10 9.97
N GLY I 118 37.68 -0.74 10.59
CA GLY I 118 36.25 -0.77 10.33
C GLY I 118 35.85 -2.00 9.53
N ILE I 119 34.62 -2.46 9.74
CA ILE I 119 34.06 -3.58 8.98
C ILE I 119 32.71 -3.21 8.38
N LEU I 120 32.55 -3.51 7.09
CA LEU I 120 31.28 -3.32 6.40
C LEU I 120 30.32 -4.44 6.80
N VAL I 121 29.26 -4.06 7.51
CA VAL I 121 28.19 -4.98 7.82
C VAL I 121 26.97 -4.63 6.96
N THR I 122 26.53 -5.60 6.17
CA THR I 122 25.33 -5.45 5.33
C THR I 122 24.22 -6.27 5.95
N VAL I 123 23.09 -5.62 6.23
CA VAL I 123 21.92 -6.30 6.76
C VAL I 123 20.94 -6.53 5.62
N SER I 124 20.69 -7.80 5.30
CA SER I 124 19.89 -8.17 4.13
C SER I 124 19.54 -9.64 4.18
N SER I 125 18.39 -10.00 3.62
CA SER I 125 17.97 -11.39 3.50
C SER I 125 18.46 -12.03 2.21
N ALA I 126 19.09 -11.23 1.34
CA ALA I 126 19.61 -11.72 0.07
C ALA I 126 20.80 -12.63 0.29
N SER I 127 20.87 -13.70 -0.50
CA SER I 127 21.95 -14.66 -0.42
C SER I 127 23.18 -14.10 -1.14
N THR I 128 24.36 -14.58 -0.75
CA THR I 128 25.60 -14.20 -1.44
C THR I 128 25.58 -14.74 -2.86
N LYS I 129 26.17 -13.98 -3.78
CA LYS I 129 26.24 -14.38 -5.18
C LYS I 129 27.48 -13.78 -5.83
N GLY I 130 28.31 -14.62 -6.42
CA GLY I 130 29.51 -14.16 -7.12
C GLY I 130 29.15 -13.43 -8.39
N PRO I 131 30.10 -12.64 -8.92
CA PRO I 131 29.81 -11.86 -10.11
C PRO I 131 29.99 -12.66 -11.40
N SER I 132 29.37 -12.18 -12.47
CA SER I 132 29.75 -12.54 -13.83
C SER I 132 30.68 -11.43 -14.31
N VAL I 133 31.79 -11.79 -14.95
CA VAL I 133 32.77 -10.81 -15.41
C VAL I 133 32.78 -10.79 -16.94
N PHE I 134 32.46 -9.63 -17.52
CA PHE I 134 32.35 -9.51 -18.96
C PHE I 134 33.44 -8.59 -19.50
N PRO I 135 33.94 -8.88 -20.72
CA PRO I 135 34.99 -8.04 -21.27
C PRO I 135 34.45 -6.70 -21.74
N LEU I 136 35.18 -5.62 -21.44
CA LEU I 136 34.95 -4.33 -22.09
C LEU I 136 36.06 -4.24 -23.11
N ALA I 137 35.77 -4.70 -24.32
CA ALA I 137 36.80 -4.95 -25.31
C ALA I 137 37.32 -3.66 -25.95
N PRO I 138 38.64 -3.60 -26.20
CA PRO I 138 39.18 -2.44 -26.90
C PRO I 138 38.75 -2.44 -28.35
N SER I 139 38.37 -1.27 -28.87
CA SER I 139 37.92 -1.14 -30.25
C SER I 139 39.11 -1.14 -31.21
N GLY I 145 48.87 3.71 -33.41
CA GLY I 145 49.95 3.80 -32.42
C GLY I 145 49.64 4.78 -31.30
N GLY I 146 48.41 4.74 -30.81
CA GLY I 146 47.94 5.62 -29.75
C GLY I 146 47.56 4.86 -28.50
N THR I 147 46.47 5.30 -27.85
CA THR I 147 46.03 4.71 -26.59
C THR I 147 44.72 3.93 -26.75
N ALA I 148 44.68 2.74 -26.14
CA ALA I 148 43.50 1.88 -26.16
C ALA I 148 42.98 1.65 -24.74
N ALA I 149 41.69 1.89 -24.53
CA ALA I 149 41.02 1.59 -23.28
C ALA I 149 40.39 0.21 -23.32
N LEU I 150 40.52 -0.53 -22.22
CA LEU I 150 39.85 -1.82 -22.06
C LEU I 150 39.50 -2.03 -20.61
N GLY I 151 38.68 -3.03 -20.32
CA GLY I 151 38.22 -3.24 -18.96
C GLY I 151 37.45 -4.52 -18.72
N CYS I 152 36.87 -4.60 -17.53
CA CYS I 152 36.05 -5.73 -17.12
C CYS I 152 34.80 -5.23 -16.42
N LEU I 153 33.65 -5.74 -16.85
CA LEU I 153 32.37 -5.44 -16.23
C LEU I 153 32.08 -6.53 -15.20
N VAL I 154 32.20 -6.18 -13.92
CA VAL I 154 31.92 -7.10 -12.83
C VAL I 154 30.47 -6.90 -12.41
N LYS I 155 29.59 -7.75 -12.93
CA LYS I 155 28.14 -7.52 -12.83
C LYS I 155 27.42 -8.56 -11.96
N ASP I 156 26.38 -8.09 -11.26
CA ASP I 156 25.43 -8.93 -10.54
C ASP I 156 26.05 -9.75 -9.42
N TYR I 157 26.64 -9.06 -8.46
CA TYR I 157 27.18 -9.73 -7.27
C TYR I 157 26.59 -9.13 -6.00
N PHE I 158 26.67 -9.91 -4.92
CA PHE I 158 26.20 -9.46 -3.64
C PHE I 158 26.84 -10.32 -2.53
N PRO I 159 27.24 -9.68 -1.41
CA PRO I 159 27.29 -8.25 -1.13
C PRO I 159 28.60 -7.65 -1.59
N GLU I 160 28.83 -6.39 -1.26
CA GLU I 160 30.14 -5.75 -1.42
C GLU I 160 31.10 -6.36 -0.39
N PRO I 161 32.41 -6.25 -0.63
CA PRO I 161 33.07 -5.64 -1.77
C PRO I 161 33.54 -6.65 -2.81
N VAL I 162 33.99 -6.14 -3.95
CA VAL I 162 34.79 -6.90 -4.89
C VAL I 162 36.12 -6.17 -5.03
N THR I 163 37.22 -6.90 -5.24
CA THR I 163 38.50 -6.30 -5.59
C THR I 163 38.88 -6.67 -7.02
N VAL I 164 39.47 -5.72 -7.73
CA VAL I 164 39.88 -5.91 -9.12
C VAL I 164 41.33 -5.49 -9.27
N SER I 165 42.17 -6.42 -9.73
CA SER I 165 43.55 -6.11 -10.09
C SER I 165 43.75 -6.44 -11.57
N TRP I 166 44.86 -5.97 -12.12
CA TRP I 166 45.19 -6.25 -13.52
C TRP I 166 46.55 -6.92 -13.63
N ASN I 167 46.61 -7.99 -14.41
CA ASN I 167 47.82 -8.82 -14.52
C ASN I 167 48.40 -9.13 -13.15
N SER I 168 47.53 -9.52 -12.24
CA SER I 168 47.91 -9.94 -10.89
C SER I 168 48.70 -8.86 -10.15
N GLY I 169 48.23 -7.62 -10.25
CA GLY I 169 48.83 -6.49 -9.54
C GLY I 169 50.05 -5.86 -10.19
N ALA I 170 50.47 -6.37 -11.35
CA ALA I 170 51.65 -5.84 -12.04
C ALA I 170 51.30 -4.59 -12.85
N LEU I 171 50.07 -4.52 -13.36
CA LEU I 171 49.58 -3.38 -14.13
C LEU I 171 48.72 -2.49 -13.24
N THR I 172 49.22 -1.28 -12.96
CA THR I 172 48.55 -0.34 -12.06
C THR I 172 48.36 1.05 -12.69
N SER I 173 49.30 1.47 -13.54
CA SER I 173 49.20 2.74 -14.24
C SER I 173 48.01 2.74 -15.21
N GLY I 174 47.21 3.80 -15.15
CA GLY I 174 46.03 3.92 -16.01
C GLY I 174 44.82 3.12 -15.57
N VAL I 175 44.88 2.51 -14.38
CA VAL I 175 43.76 1.72 -13.89
C VAL I 175 42.79 2.60 -13.12
N HIS I 176 41.52 2.54 -13.53
CA HIS I 176 40.41 3.15 -12.78
C HIS I 176 39.40 2.05 -12.45
N THR I 177 39.26 1.74 -11.18
CA THR I 177 38.25 0.79 -10.72
C THR I 177 37.14 1.57 -10.05
N PHE I 178 35.97 1.56 -10.67
CA PHE I 178 34.87 2.43 -10.30
C PHE I 178 34.11 1.92 -9.09
N PRO I 179 33.54 2.82 -8.27
CA PRO I 179 32.62 2.39 -7.23
C PRO I 179 31.43 1.64 -7.82
N ALA I 180 30.95 0.62 -7.12
CA ALA I 180 29.81 -0.16 -7.57
C ALA I 180 28.51 0.62 -7.45
N VAL I 181 27.61 0.42 -8.41
CA VAL I 181 26.23 0.89 -8.30
C VAL I 181 25.35 -0.28 -7.89
N LEU I 182 24.37 -0.01 -7.02
CA LEU I 182 23.37 -1.00 -6.65
C LEU I 182 22.24 -0.95 -7.68
N GLN I 183 22.05 -2.06 -8.40
CA GLN I 183 21.02 -2.13 -9.42
C GLN I 183 19.67 -2.41 -8.77
N SER I 184 18.60 -2.24 -9.54
CA SER I 184 17.24 -2.44 -9.03
C SER I 184 16.99 -3.90 -8.63
N SER I 185 17.76 -4.83 -9.22
CA SER I 185 17.69 -6.25 -8.87
C SER I 185 18.17 -6.55 -7.45
N GLY I 186 18.89 -5.60 -6.84
CA GLY I 186 19.45 -5.77 -5.51
C GLY I 186 20.90 -6.26 -5.56
N LEU I 187 21.40 -6.49 -6.77
CA LEU I 187 22.77 -6.96 -6.98
C LEU I 187 23.63 -5.80 -7.44
N TYR I 188 24.92 -5.86 -7.11
CA TYR I 188 25.86 -4.78 -7.43
C TYR I 188 26.53 -4.97 -8.78
N SER I 189 27.04 -3.87 -9.33
CA SER I 189 27.78 -3.88 -10.59
C SER I 189 28.82 -2.76 -10.63
N LEU I 190 30.04 -3.09 -11.06
CA LEU I 190 31.07 -2.09 -11.34
C LEU I 190 31.91 -2.47 -12.53
N SER I 191 32.65 -1.48 -13.04
CA SER I 191 33.61 -1.70 -14.09
C SER I 191 34.99 -1.31 -13.61
N SER I 192 36.00 -2.03 -14.08
CA SER I 192 37.40 -1.64 -13.95
C SER I 192 37.93 -1.43 -15.36
N VAL I 193 38.58 -0.29 -15.59
CA VAL I 193 39.14 -0.01 -16.90
C VAL I 193 40.62 0.37 -16.82
N VAL I 194 41.33 0.15 -17.92
CA VAL I 194 42.72 0.52 -18.02
C VAL I 194 42.98 1.04 -19.41
N THR I 195 43.81 2.08 -19.50
CA THR I 195 44.31 2.55 -20.78
C THR I 195 45.71 2.00 -20.99
N VAL I 196 45.97 1.54 -22.21
CA VAL I 196 47.25 0.95 -22.57
C VAL I 196 47.62 1.40 -23.98
N PRO I 197 48.88 1.20 -24.39
CA PRO I 197 49.27 1.53 -25.76
C PRO I 197 48.55 0.64 -26.78
N SER I 198 48.03 1.24 -27.85
CA SER I 198 47.32 0.49 -28.88
C SER I 198 48.21 -0.56 -29.56
N SER I 199 49.51 -0.28 -29.63
CA SER I 199 50.49 -1.21 -30.21
C SER I 199 50.59 -2.54 -29.45
N SER I 200 50.38 -2.49 -28.13
CA SER I 200 50.50 -3.69 -27.29
C SER I 200 49.35 -4.70 -27.46
N LEU I 201 48.22 -4.25 -27.99
CA LEU I 201 47.02 -5.09 -28.08
C LEU I 201 47.25 -6.42 -28.82
N GLY I 202 48.21 -6.45 -29.74
CA GLY I 202 48.60 -7.68 -30.43
C GLY I 202 49.85 -8.33 -29.85
N THR I 203 50.16 -8.02 -28.60
CA THR I 203 51.36 -8.54 -27.94
C THR I 203 51.11 -8.85 -26.46
N GLN I 204 50.80 -7.80 -25.69
CA GLN I 204 50.66 -7.93 -24.24
C GLN I 204 49.27 -8.42 -23.86
N THR I 205 49.22 -9.46 -23.03
CA THR I 205 47.96 -9.97 -22.52
C THR I 205 47.47 -9.07 -21.37
N TYR I 206 46.16 -8.89 -21.31
CA TYR I 206 45.54 -8.09 -20.25
C TYR I 206 44.45 -8.90 -19.59
N ILE I 207 44.61 -9.14 -18.29
CA ILE I 207 43.72 -9.96 -17.52
C ILE I 207 43.31 -9.22 -16.26
N CYS I 208 42.00 -9.14 -16.01
CA CYS I 208 41.51 -8.61 -14.74
C CYS I 208 41.25 -9.78 -13.80
N ASN I 209 41.77 -9.67 -12.58
CA ASN I 209 41.60 -10.71 -11.58
C ASN I 209 40.56 -10.23 -10.58
N VAL I 210 39.36 -10.80 -10.65
CA VAL I 210 38.25 -10.40 -9.80
C VAL I 210 38.06 -11.36 -8.63
N ASN I 211 38.14 -10.84 -7.41
CA ASN I 211 37.91 -11.65 -6.23
C ASN I 211 36.73 -11.15 -5.41
N HIS I 212 35.66 -11.95 -5.38
CA HIS I 212 34.53 -11.69 -4.50
C HIS I 212 34.63 -12.63 -3.29
N LYS I 213 35.27 -12.14 -2.23
CA LYS I 213 35.53 -12.92 -1.02
C LYS I 213 34.27 -13.48 -0.35
N PRO I 214 33.20 -12.67 -0.25
CA PRO I 214 31.96 -13.13 0.39
C PRO I 214 31.41 -14.46 -0.13
N SER I 215 31.45 -14.65 -1.45
CA SER I 215 30.99 -15.89 -2.08
C SER I 215 32.15 -16.81 -2.49
N ASN I 216 33.37 -16.42 -2.15
CA ASN I 216 34.58 -17.19 -2.47
CA ASN I 216 34.58 -17.19 -2.47
C ASN I 216 34.72 -17.50 -3.97
N THR I 217 34.51 -16.48 -4.80
CA THR I 217 34.66 -16.63 -6.24
C THR I 217 35.84 -15.80 -6.73
N LYS I 218 36.76 -16.44 -7.44
CA LYS I 218 37.86 -15.75 -8.11
C LYS I 218 37.71 -15.94 -9.62
N VAL I 219 37.86 -14.85 -10.36
CA VAL I 219 37.70 -14.86 -11.82
C VAL I 219 38.85 -14.14 -12.50
N ASP I 220 39.56 -14.86 -13.37
CA ASP I 220 40.60 -14.27 -14.21
C ASP I 220 40.06 -14.18 -15.63
N LYS I 221 39.84 -12.96 -16.11
CA LYS I 221 39.23 -12.73 -17.42
C LYS I 221 40.21 -11.97 -18.33
N ARG I 222 40.69 -12.63 -19.37
CA ARG I 222 41.51 -11.95 -20.36
C ARG I 222 40.62 -11.15 -21.30
N VAL I 223 41.01 -9.90 -21.55
CA VAL I 223 40.27 -9.02 -22.44
C VAL I 223 41.11 -8.74 -23.68
N GLU I 224 40.60 -9.14 -24.84
CA GLU I 224 41.31 -8.97 -26.10
C GLU I 224 40.42 -8.22 -27.10
N PRO I 225 41.02 -7.68 -28.18
CA PRO I 225 40.19 -6.95 -29.14
C PRO I 225 39.13 -7.85 -29.76
N LYS I 226 37.90 -7.36 -29.81
CA LYS I 226 36.80 -8.13 -30.40
C LYS I 226 37.15 -8.54 -31.82
N SER I 227 36.93 -9.82 -32.12
CA SER I 227 37.26 -10.38 -33.43
C SER I 227 36.15 -10.06 -34.42
N CYS I 228 36.53 -9.46 -35.55
CA CYS I 228 35.58 -9.05 -36.56
C CYS I 228 36.18 -9.18 -37.97
N ASP J 1 18.64 15.43 20.35
CA ASP J 1 20.03 15.28 19.86
C ASP J 1 20.52 16.59 19.26
N ILE J 2 21.75 16.98 19.62
CA ILE J 2 22.34 18.22 19.13
C ILE J 2 22.78 18.01 17.68
N GLN J 3 22.27 18.86 16.78
CA GLN J 3 22.54 18.74 15.35
C GLN J 3 23.79 19.52 14.97
N MET J 4 24.80 18.80 14.49
CA MET J 4 26.04 19.41 14.02
C MET J 4 25.92 19.63 12.53
N SER J 5 26.21 20.86 12.10
CA SER J 5 26.01 21.26 10.71
C SER J 5 27.27 21.92 10.16
N GLN J 6 27.82 21.33 9.10
CA GLN J 6 29.11 21.76 8.57
C GLN J 6 28.94 22.52 7.26
N SER J 7 29.79 23.53 7.07
CA SER J 7 29.85 24.25 5.82
C SER J 7 31.30 24.61 5.49
N PRO J 8 31.64 24.64 4.19
CA PRO J 8 30.78 24.25 3.08
C PRO J 8 30.78 22.74 2.92
N SER J 9 29.85 22.20 2.12
CA SER J 9 29.85 20.77 1.82
C SER J 9 31.10 20.39 1.07
N SER J 10 31.41 21.18 0.04
CA SER J 10 32.55 20.93 -0.85
C SER J 10 33.47 22.16 -0.87
N LEU J 11 34.74 21.91 -1.12
CA LEU J 11 35.73 22.97 -1.22
C LEU J 11 36.89 22.51 -2.10
N SER J 12 37.32 23.38 -3.01
CA SER J 12 38.46 23.11 -3.88
C SER J 12 39.56 24.11 -3.58
N ALA J 13 40.76 23.60 -3.29
CA ALA J 13 41.89 24.46 -2.97
C ALA J 13 43.21 23.84 -3.42
N SER J 14 44.23 24.68 -3.53
CA SER J 14 45.54 24.26 -4.02
C SER J 14 46.48 23.91 -2.88
N VAL J 15 47.59 23.25 -3.21
CA VAL J 15 48.64 22.94 -2.24
C VAL J 15 49.32 24.24 -1.84
N GLY J 16 49.40 24.49 -0.53
CA GLY J 16 49.94 25.73 -0.01
C GLY J 16 48.88 26.75 0.36
N ASP J 17 47.60 26.40 0.17
CA ASP J 17 46.49 27.29 0.51
C ASP J 17 46.14 27.23 1.99
N THR J 18 45.62 28.36 2.49
CA THR J 18 45.02 28.41 3.82
C THR J 18 43.52 28.17 3.65
N VAL J 19 43.02 27.16 4.35
CA VAL J 19 41.62 26.77 4.24
C VAL J 19 41.01 26.67 5.63
N THR J 20 39.86 27.32 5.80
CA THR J 20 39.11 27.25 7.04
C THR J 20 37.72 26.73 6.75
N ILE J 21 37.29 25.75 7.54
CA ILE J 21 35.95 25.18 7.42
C ILE J 21 35.22 25.37 8.75
N THR J 22 33.90 25.57 8.66
CA THR J 22 33.10 25.92 9.82
C THR J 22 32.22 24.75 10.26
N CYS J 23 31.92 24.72 11.55
CA CYS J 23 31.02 23.73 12.12
C CYS J 23 30.07 24.46 13.07
N ARG J 24 28.77 24.25 12.88
CA ARG J 24 27.75 24.91 13.68
C ARG J 24 27.02 23.90 14.55
N ALA J 25 26.82 24.24 15.81
CA ALA J 25 26.07 23.40 16.75
C ALA J 25 24.68 23.98 16.95
N SER J 26 23.67 23.11 17.06
CA SER J 26 22.28 23.56 17.24
C SER J 26 22.03 24.16 18.64
N GLN J 27 22.93 23.87 19.58
CA GLN J 27 22.88 24.48 20.91
C GLN J 27 24.27 24.43 21.54
N GLY J 28 24.43 25.15 22.65
CA GLY J 28 25.70 25.21 23.36
C GLY J 28 26.26 23.83 23.68
N ILE J 29 27.58 23.69 23.56
CA ILE J 29 28.27 22.43 23.84
C ILE J 29 29.48 22.63 24.75
N SER J 30 29.51 23.75 25.48
CA SER J 30 30.62 24.09 26.38
C SER J 30 31.98 23.85 25.70
N ASN J 31 32.08 24.27 24.44
CA ASN J 31 33.32 24.18 23.66
C ASN J 31 33.85 22.77 23.41
N TYR J 32 33.07 21.74 23.74
CA TYR J 32 33.52 20.37 23.50
C TYR J 32 33.20 19.95 22.06
N LEU J 33 34.10 20.33 21.16
CA LEU J 33 33.95 20.05 19.74
C LEU J 33 35.23 19.45 19.17
N ALA J 34 35.18 18.18 18.80
CA ALA J 34 36.32 17.49 18.22
C ALA J 34 36.24 17.57 16.70
N TRP J 35 37.37 17.36 16.05
CA TRP J 35 37.44 17.27 14.59
C TRP J 35 38.13 15.96 14.18
N TYR J 36 37.72 15.42 13.03
CA TYR J 36 38.33 14.21 12.48
C TYR J 36 38.55 14.37 10.99
N GLN J 37 39.57 13.70 10.44
CA GLN J 37 39.76 13.63 8.99
C GLN J 37 39.61 12.18 8.51
N GLN J 38 38.97 12.01 7.36
CA GLN J 38 38.74 10.68 6.81
C GLN J 38 39.01 10.68 5.31
N LYS J 39 39.78 9.69 4.88
CA LYS J 39 40.04 9.46 3.46
C LYS J 39 39.18 8.29 3.02
N PRO J 40 38.72 8.30 1.75
CA PRO J 40 37.78 7.29 1.30
C PRO J 40 38.25 5.87 1.59
N GLY J 41 37.34 5.01 2.06
CA GLY J 41 37.65 3.62 2.35
C GLY J 41 38.54 3.39 3.58
N LYS J 42 38.74 4.42 4.39
CA LYS J 42 39.61 4.33 5.56
C LYS J 42 38.92 4.86 6.82
N ALA J 43 39.45 4.47 7.97
CA ALA J 43 38.96 4.96 9.25
C ALA J 43 39.34 6.43 9.45
N PRO J 44 38.53 7.17 10.23
CA PRO J 44 38.91 8.55 10.50
C PRO J 44 40.18 8.68 11.34
N LYS J 45 40.86 9.80 11.23
CA LYS J 45 41.96 10.14 12.10
C LYS J 45 41.52 11.23 13.03
N SER J 46 41.90 11.12 14.28
CA SER J 46 41.54 12.13 15.28
C SER J 46 42.51 13.32 15.23
N LEU J 47 41.95 14.53 15.14
CA LEU J 47 42.73 15.76 14.92
C LEU J 47 42.72 16.68 16.14
N ILE J 48 41.53 17.07 16.57
CA ILE J 48 41.36 18.05 17.62
C ILE J 48 40.30 17.58 18.62
N TYR J 49 40.42 18.03 19.87
CA TYR J 49 39.39 17.83 20.89
C TYR J 49 39.19 19.11 21.69
N TYR J 50 38.15 19.12 22.54
CA TYR J 50 37.66 20.36 23.11
C TYR J 50 37.47 21.20 21.84
N THR J 51 37.68 22.51 21.86
CA THR J 51 37.60 23.28 20.61
C THR J 51 38.99 23.50 19.99
N SER J 52 40.00 23.63 20.84
CA SER J 52 41.29 24.18 20.45
C SER J 52 42.48 23.22 20.58
N HIS J 53 42.26 22.05 21.16
CA HIS J 53 43.35 21.15 21.55
C HIS J 53 43.74 20.16 20.46
N LEU J 54 44.94 20.36 19.92
CA LEU J 54 45.50 19.52 18.86
C LEU J 54 45.89 18.15 19.42
N GLU J 55 45.41 17.08 18.80
CA GLU J 55 45.71 15.71 19.26
C GLU J 55 47.19 15.39 19.09
N SER J 56 47.74 14.56 19.97
CA SER J 56 49.17 14.22 19.93
C SER J 56 49.61 13.70 18.55
N GLY J 57 50.64 14.32 17.99
CA GLY J 57 51.21 13.91 16.70
C GLY J 57 50.63 14.63 15.50
N VAL J 58 49.53 15.35 15.68
CA VAL J 58 48.91 16.08 14.60
C VAL J 58 49.81 17.26 14.23
N PRO J 59 50.14 17.41 12.92
CA PRO J 59 51.00 18.50 12.45
C PRO J 59 50.52 19.89 12.89
N SER J 60 51.48 20.81 13.02
CA SER J 60 51.20 22.16 13.53
C SER J 60 50.27 22.99 12.65
N ARG J 61 50.20 22.66 11.36
CA ARG J 61 49.37 23.43 10.42
C ARG J 61 47.85 23.31 10.67
N PHE J 62 47.43 22.28 11.41
CA PHE J 62 46.02 22.13 11.82
C PHE J 62 45.76 22.86 13.13
N SER J 63 44.72 23.69 13.15
CA SER J 63 44.29 24.37 14.36
C SER J 63 42.78 24.55 14.35
N GLY J 64 42.21 24.75 15.54
CA GLY J 64 40.78 24.93 15.69
C GLY J 64 40.44 26.09 16.61
N SER J 65 39.25 26.65 16.43
CA SER J 65 38.83 27.80 17.23
C SER J 65 37.31 27.88 17.24
N GLY J 66 36.79 28.94 17.88
CA GLY J 66 35.37 29.19 17.96
C GLY J 66 34.89 29.00 19.39
N SER J 67 33.61 29.27 19.61
CA SER J 67 33.00 29.10 20.92
C SER J 67 31.48 29.15 20.78
N GLY J 68 30.77 28.84 21.86
CA GLY J 68 29.31 28.83 21.82
C GLY J 68 28.77 27.81 20.82
N THR J 69 28.15 28.30 19.76
CA THR J 69 27.55 27.44 18.73
C THR J 69 28.32 27.39 17.41
N ASP J 70 29.26 28.31 17.20
CA ASP J 70 30.02 28.38 15.95
C ASP J 70 31.49 28.04 16.15
N PHE J 71 31.99 27.08 15.37
CA PHE J 71 33.38 26.61 15.48
C PHE J 71 34.02 26.49 14.11
N SER J 72 35.34 26.45 14.08
CA SER J 72 36.08 26.38 12.83
C SER J 72 37.33 25.53 12.94
N LEU J 73 37.72 24.92 11.81
CA LEU J 73 39.01 24.27 11.67
C LEU J 73 39.78 25.00 10.58
N THR J 74 41.07 25.23 10.82
CA THR J 74 41.92 25.87 9.84
C THR J 74 43.14 25.00 9.54
N ILE J 75 43.50 24.93 8.27
CA ILE J 75 44.73 24.30 7.82
C ILE J 75 45.58 25.41 7.22
N SER J 76 46.65 25.79 7.91
CA SER J 76 47.42 26.97 7.55
C SER J 76 48.03 26.88 6.15
N SER J 77 48.64 25.74 5.84
CA SER J 77 49.24 25.52 4.52
C SER J 77 48.85 24.12 4.04
N LEU J 78 47.96 24.06 3.06
CA LEU J 78 47.38 22.80 2.61
C LEU J 78 48.46 21.91 1.99
N GLN J 79 48.49 20.64 2.41
CA GLN J 79 49.46 19.67 1.89
C GLN J 79 48.72 18.59 1.09
N PRO J 80 49.46 17.84 0.25
CA PRO J 80 48.82 16.78 -0.56
C PRO J 80 48.08 15.72 0.26
N GLU J 81 48.59 15.44 1.46
CA GLU J 81 47.99 14.48 2.37
C GLU J 81 46.76 15.00 3.15
N ASP J 82 46.47 16.27 3.02
CA ASP J 82 45.34 16.89 3.74
C ASP J 82 44.04 16.89 2.95
N PHE J 83 44.08 16.44 1.70
CA PHE J 83 42.87 16.33 0.90
C PHE J 83 42.06 15.12 1.37
N ALA J 84 40.92 15.40 1.98
CA ALA J 84 40.11 14.42 2.66
C ALA J 84 38.82 15.09 3.07
N THR J 85 37.93 14.33 3.71
CA THR J 85 36.72 14.88 4.32
C THR J 85 37.02 15.18 5.78
N TYR J 86 36.53 16.31 6.27
CA TYR J 86 36.73 16.71 7.66
C TYR J 86 35.41 16.75 8.40
N TYR J 87 35.33 16.06 9.53
CA TYR J 87 34.10 15.96 10.33
C TYR J 87 34.28 16.61 11.68
N CYS J 88 33.28 17.36 12.14
CA CYS J 88 33.26 17.86 13.50
C CYS J 88 32.34 16.99 14.33
N GLN J 89 32.59 16.98 15.64
CA GLN J 89 31.79 16.18 16.55
C GLN J 89 31.70 16.86 17.91
N GLN J 90 30.47 17.07 18.36
CA GLN J 90 30.18 17.53 19.70
C GLN J 90 30.40 16.34 20.64
N HIS J 91 31.11 16.58 21.75
CA HIS J 91 31.35 15.54 22.75
C HIS J 91 31.08 16.03 24.18
N ASN J 92 30.07 16.88 24.31
CA ASN J 92 29.61 17.34 25.61
C ASN J 92 28.51 16.43 26.13
N SER J 93 27.55 16.11 25.26
CA SER J 93 26.30 15.47 25.65
C SER J 93 26.15 14.05 25.09
N TYR J 94 25.13 13.36 25.59
CA TYR J 94 24.72 12.08 25.06
C TYR J 94 23.42 12.28 24.29
N PRO J 95 23.31 11.71 23.07
CA PRO J 95 24.35 10.96 22.36
C PRO J 95 25.41 11.88 21.78
N ARG J 96 26.61 11.36 21.54
CA ARG J 96 27.67 12.11 20.87
C ARG J 96 27.28 12.22 19.41
N THR J 97 27.31 13.43 18.85
CA THR J 97 26.78 13.64 17.51
C THR J 97 27.79 14.29 16.57
N PHE J 98 27.73 13.88 15.31
CA PHE J 98 28.69 14.28 14.28
C PHE J 98 28.03 15.15 13.21
N GLY J 99 28.83 15.97 12.55
CA GLY J 99 28.40 16.70 11.37
C GLY J 99 28.57 15.82 10.15
N GLN J 100 28.04 16.26 9.01
CA GLN J 100 28.07 15.47 7.78
C GLN J 100 29.27 15.75 6.88
N GLY J 101 30.17 16.60 7.36
CA GLY J 101 31.50 16.72 6.79
C GLY J 101 31.67 17.81 5.75
N THR J 102 32.93 18.17 5.54
CA THR J 102 33.34 19.08 4.49
C THR J 102 34.44 18.41 3.68
N LYS J 103 34.16 18.06 2.43
CA LYS J 103 35.16 17.42 1.57
C LYS J 103 36.06 18.49 0.97
N VAL J 104 37.35 18.43 1.30
CA VAL J 104 38.31 19.40 0.79
C VAL J 104 39.07 18.77 -0.38
N GLU J 105 38.86 19.33 -1.57
CA GLU J 105 39.30 18.75 -2.83
C GLU J 105 40.42 19.55 -3.48
N ILE J 106 41.07 18.94 -4.47
CA ILE J 106 42.22 19.53 -5.16
C ILE J 106 41.75 20.36 -6.35
N LYS J 107 42.10 21.64 -6.33
CA LYS J 107 41.84 22.54 -7.44
C LYS J 107 42.93 22.38 -8.50
N ARG J 108 42.51 22.23 -9.76
CA ARG J 108 43.44 22.14 -10.88
C ARG J 108 42.80 22.80 -12.10
N THR J 109 43.54 22.84 -13.21
CA THR J 109 43.02 23.45 -14.44
C THR J 109 42.03 22.51 -15.13
N VAL J 110 41.34 23.04 -16.14
CA VAL J 110 40.38 22.24 -16.89
C VAL J 110 41.11 21.14 -17.66
N ALA J 111 40.47 19.97 -17.75
CA ALA J 111 41.01 18.85 -18.49
C ALA J 111 39.86 18.11 -19.16
N ALA J 112 39.91 18.02 -20.49
CA ALA J 112 38.85 17.37 -21.26
C ALA J 112 38.92 15.87 -21.09
N PRO J 113 37.76 15.19 -21.04
CA PRO J 113 37.78 13.74 -20.96
C PRO J 113 38.12 13.10 -22.31
N SER J 114 38.80 11.96 -22.24
CA SER J 114 38.88 11.07 -23.39
C SER J 114 37.75 10.06 -23.25
N VAL J 115 36.95 9.91 -24.31
CA VAL J 115 35.73 9.12 -24.29
C VAL J 115 35.89 7.80 -25.01
N PHE J 116 35.38 6.73 -24.41
CA PHE J 116 35.41 5.41 -25.01
C PHE J 116 34.07 4.74 -24.77
N ILE J 117 33.54 4.07 -25.79
CA ILE J 117 32.29 3.34 -25.68
C ILE J 117 32.57 1.85 -25.83
N PHE J 118 31.82 1.04 -25.09
CA PHE J 118 32.00 -0.42 -25.10
C PHE J 118 30.65 -1.11 -25.32
N PRO J 119 30.53 -1.89 -26.40
CA PRO J 119 29.29 -2.62 -26.64
C PRO J 119 29.15 -3.79 -25.67
N PRO J 120 27.93 -4.34 -25.55
CA PRO J 120 27.79 -5.55 -24.75
C PRO J 120 28.58 -6.69 -25.37
N SER J 121 29.25 -7.48 -24.52
CA SER J 121 29.94 -8.67 -24.98
C SER J 121 28.91 -9.72 -25.38
N ASP J 122 29.25 -10.57 -26.35
CA ASP J 122 28.39 -11.68 -26.74
C ASP J 122 28.06 -12.59 -25.56
N GLU J 123 29.01 -12.73 -24.63
CA GLU J 123 28.84 -13.57 -23.44
C GLU J 123 27.65 -13.11 -22.57
N GLN J 124 27.54 -11.81 -22.35
CA GLN J 124 26.46 -11.26 -21.52
C GLN J 124 25.10 -11.42 -22.18
N LEU J 125 25.05 -11.21 -23.49
CA LEU J 125 23.80 -11.27 -24.25
C LEU J 125 23.07 -12.61 -24.11
N LYS J 126 23.82 -13.68 -23.82
CA LYS J 126 23.23 -14.99 -23.53
C LYS J 126 22.36 -15.00 -22.26
N SER J 127 22.62 -14.05 -21.35
CA SER J 127 21.83 -13.93 -20.11
C SER J 127 20.51 -13.17 -20.30
N GLY J 128 20.33 -12.55 -21.48
CA GLY J 128 19.08 -11.84 -21.78
C GLY J 128 19.13 -10.36 -21.44
N THR J 129 20.30 -9.88 -21.03
CA THR J 129 20.49 -8.47 -20.69
C THR J 129 21.69 -7.90 -21.43
N ALA J 130 21.66 -6.61 -21.73
CA ALA J 130 22.72 -5.95 -22.46
C ALA J 130 23.18 -4.70 -21.69
N SER J 131 24.47 -4.67 -21.34
CA SER J 131 25.06 -3.50 -20.69
C SER J 131 26.00 -2.83 -21.68
N VAL J 132 25.68 -1.59 -22.05
CA VAL J 132 26.55 -0.77 -22.89
C VAL J 132 27.25 0.21 -21.98
N VAL J 133 28.57 0.29 -22.09
CA VAL J 133 29.35 1.10 -21.15
C VAL J 133 30.04 2.25 -21.87
N CYS J 134 29.99 3.42 -21.25
CA CYS J 134 30.69 4.60 -21.75
C CYS J 134 31.64 5.09 -20.68
N LEU J 135 32.84 5.43 -21.10
CA LEU J 135 33.91 5.83 -20.19
C LEU J 135 34.34 7.26 -20.48
N LEU J 136 34.33 8.10 -19.44
CA LEU J 136 34.96 9.42 -19.49
C LEU J 136 36.25 9.35 -18.66
N ASN J 137 37.38 9.53 -19.32
CA ASN J 137 38.69 9.29 -18.72
C ASN J 137 39.46 10.58 -18.39
N ASN J 138 39.79 10.74 -17.11
CA ASN J 138 40.67 11.82 -16.65
C ASN J 138 40.25 13.22 -17.08
N PHE J 139 39.20 13.74 -16.44
CA PHE J 139 38.69 15.08 -16.72
C PHE J 139 38.56 15.93 -15.47
N TYR J 140 38.40 17.24 -15.67
CA TYR J 140 38.20 18.18 -14.56
C TYR J 140 37.56 19.48 -15.08
N PRO J 141 36.56 20.02 -14.35
CA PRO J 141 35.98 19.58 -13.08
C PRO J 141 35.02 18.39 -13.22
N ARG J 142 34.50 17.93 -12.07
CA ARG J 142 33.61 16.76 -11.99
C ARG J 142 32.37 16.87 -12.89
N GLU J 143 31.81 18.06 -12.99
CA GLU J 143 30.56 18.26 -13.73
C GLU J 143 30.69 17.75 -15.16
N ALA J 144 29.72 16.93 -15.59
CA ALA J 144 29.77 16.31 -16.92
C ALA J 144 28.42 15.68 -17.29
N LYS J 145 27.92 16.04 -18.47
CA LYS J 145 26.65 15.50 -18.96
C LYS J 145 26.90 14.34 -19.95
N VAL J 146 26.60 13.13 -19.52
CA VAL J 146 26.68 11.96 -20.41
C VAL J 146 25.28 11.64 -20.91
N GLN J 147 25.16 11.52 -22.23
CA GLN J 147 23.90 11.23 -22.90
C GLN J 147 23.96 9.98 -23.75
N TRP J 148 23.06 9.07 -23.49
CA TRP J 148 22.96 7.87 -24.30
C TRP J 148 21.91 8.08 -25.37
N LYS J 149 22.19 7.60 -26.59
CA LYS J 149 21.22 7.63 -27.68
C LYS J 149 21.20 6.28 -28.40
N VAL J 150 20.00 5.73 -28.57
CA VAL J 150 19.80 4.50 -29.34
C VAL J 150 18.98 4.87 -30.57
N ASP J 151 19.55 4.65 -31.75
CA ASP J 151 18.96 5.15 -33.00
C ASP J 151 18.41 6.57 -32.82
N ASN J 152 19.26 7.47 -32.33
CA ASN J 152 18.90 8.88 -32.11
C ASN J 152 17.78 9.14 -31.06
N ALA J 153 17.37 8.11 -30.32
CA ALA J 153 16.38 8.26 -29.25
C ALA J 153 17.10 8.39 -27.92
N LEU J 154 16.99 9.54 -27.29
CA LEU J 154 17.63 9.76 -26.02
C LEU J 154 17.12 8.78 -24.99
N GLN J 155 18.04 8.21 -24.22
CA GLN J 155 17.70 7.22 -23.20
C GLN J 155 17.71 7.85 -21.82
N SER J 156 16.58 7.75 -21.12
CA SER J 156 16.44 8.34 -19.79
C SER J 156 15.87 7.33 -18.78
N GLY J 157 16.53 7.22 -17.63
CA GLY J 157 16.09 6.33 -16.54
C GLY J 157 16.62 4.91 -16.60
N ASN J 158 17.36 4.57 -17.66
CA ASN J 158 17.92 3.22 -17.81
C ASN J 158 19.46 3.21 -17.84
N SER J 159 20.07 4.15 -17.13
CA SER J 159 21.52 4.22 -17.02
C SER J 159 21.92 4.59 -15.60
N GLN J 160 23.08 4.10 -15.17
CA GLN J 160 23.63 4.45 -13.86
C GLN J 160 25.08 4.89 -14.01
N GLU J 161 25.46 5.91 -13.25
CA GLU J 161 26.80 6.49 -13.31
C GLU J 161 27.54 6.25 -12.02
N SER J 162 28.84 6.09 -12.12
CA SER J 162 29.71 6.14 -10.94
C SER J 162 31.01 6.87 -11.31
N VAL J 163 31.57 7.59 -10.34
CA VAL J 163 32.78 8.39 -10.55
C VAL J 163 33.85 8.00 -9.55
N THR J 164 35.10 7.94 -10.01
CA THR J 164 36.25 7.67 -9.15
C THR J 164 36.62 8.91 -8.35
N GLU J 165 37.47 8.71 -7.34
CA GLU J 165 38.02 9.83 -6.58
C GLU J 165 39.19 10.43 -7.35
N GLN J 166 39.62 11.62 -6.97
CA GLN J 166 40.67 12.32 -7.70
C GLN J 166 41.91 11.45 -7.85
N ASP J 167 42.41 11.37 -9.08
CA ASP J 167 43.55 10.52 -9.41
C ASP J 167 44.79 11.00 -8.67
N SER J 168 45.60 10.06 -8.19
CA SER J 168 46.77 10.41 -7.39
C SER J 168 47.83 11.19 -8.18
N LYS J 169 47.88 10.98 -9.49
CA LYS J 169 48.87 11.64 -10.35
C LYS J 169 48.41 13.03 -10.81
N ASP J 170 47.28 13.09 -11.52
CA ASP J 170 46.84 14.36 -12.12
C ASP J 170 45.56 14.96 -11.48
N SER J 171 45.08 14.32 -10.41
CA SER J 171 43.97 14.86 -9.61
C SER J 171 42.65 15.03 -10.38
N THR J 172 42.48 14.23 -11.43
CA THR J 172 41.28 14.32 -12.27
C THR J 172 40.26 13.26 -11.87
N TYR J 173 39.05 13.41 -12.40
CA TYR J 173 37.99 12.45 -12.20
C TYR J 173 37.87 11.56 -13.41
N SER J 174 37.47 10.32 -13.17
CA SER J 174 37.10 9.41 -14.24
C SER J 174 35.65 8.95 -13.97
N LEU J 175 34.91 8.66 -15.04
CA LEU J 175 33.46 8.39 -14.93
C LEU J 175 33.03 7.29 -15.87
N SER J 176 32.21 6.39 -15.38
CA SER J 176 31.63 5.31 -16.18
C SER J 176 30.11 5.45 -16.18
N SER J 177 29.51 5.33 -17.35
CA SER J 177 28.06 5.30 -17.49
C SER J 177 27.66 3.97 -18.12
N THR J 178 26.76 3.25 -17.46
CA THR J 178 26.32 1.95 -17.96
C THR J 178 24.84 2.03 -18.34
N LEU J 179 24.55 1.74 -19.62
CA LEU J 179 23.18 1.73 -20.12
C LEU J 179 22.66 0.31 -20.12
N THR J 180 21.56 0.07 -19.41
CA THR J 180 20.98 -1.26 -19.31
C THR J 180 19.81 -1.39 -20.27
N LEU J 181 19.90 -2.36 -21.19
CA LEU J 181 18.83 -2.70 -22.09
C LEU J 181 18.62 -4.21 -22.06
N SER J 182 17.41 -4.65 -22.39
CA SER J 182 17.14 -6.07 -22.58
C SER J 182 17.82 -6.51 -23.87
N LYS J 183 18.05 -7.82 -24.00
CA LYS J 183 18.63 -8.36 -25.22
C LYS J 183 17.73 -8.08 -26.42
N ALA J 184 16.42 -8.21 -26.23
CA ALA J 184 15.45 -8.03 -27.32
C ALA J 184 15.43 -6.59 -27.84
N ASP J 185 15.43 -5.62 -26.92
CA ASP J 185 15.50 -4.20 -27.31
C ASP J 185 16.87 -3.84 -27.91
N TYR J 186 17.93 -4.52 -27.46
CA TYR J 186 19.27 -4.28 -28.00
C TYR J 186 19.39 -4.74 -29.46
N GLU J 187 18.85 -5.92 -29.75
CA GLU J 187 18.88 -6.48 -31.11
C GLU J 187 17.97 -5.74 -32.08
N LYS J 188 17.09 -4.90 -31.56
CA LYS J 188 16.16 -4.15 -32.37
C LYS J 188 16.72 -2.87 -32.92
N HIS J 189 17.87 -2.47 -32.45
CA HIS J 189 18.45 -1.17 -32.84
C HIS J 189 19.90 -1.30 -33.32
N LYS J 190 20.36 -0.28 -34.04
CA LYS J 190 21.65 -0.33 -34.71
C LYS J 190 22.67 0.60 -34.07
N VAL J 191 22.38 1.91 -34.09
CA VAL J 191 23.34 2.92 -33.66
C VAL J 191 23.28 3.10 -32.15
N TYR J 192 24.41 2.88 -31.48
CA TYR J 192 24.53 3.12 -30.05
C TYR J 192 25.57 4.21 -29.81
N ALA J 193 25.16 5.27 -29.11
CA ALA J 193 25.99 6.47 -28.99
C ALA J 193 26.05 6.99 -27.57
N CYS J 194 27.22 7.48 -27.18
CA CYS J 194 27.43 8.15 -25.92
C CYS J 194 27.94 9.56 -26.19
N GLU J 195 27.10 10.56 -26.01
CA GLU J 195 27.44 11.95 -26.26
C GLU J 195 27.81 12.67 -24.97
N VAL J 196 29.02 13.24 -24.95
CA VAL J 196 29.59 13.83 -23.74
C VAL J 196 29.85 15.31 -23.90
N THR J 197 29.26 16.10 -23.01
CA THR J 197 29.48 17.55 -22.95
C THR J 197 30.35 17.86 -21.74
N HIS J 198 31.39 18.67 -21.94
CA HIS J 198 32.32 19.02 -20.88
C HIS J 198 33.02 20.35 -21.19
N GLN J 199 33.42 21.05 -20.13
CA GLN J 199 34.01 22.39 -20.24
C GLN J 199 35.33 22.40 -21.02
N GLY J 200 36.05 21.29 -20.99
CA GLY J 200 37.30 21.12 -21.75
C GLY J 200 37.11 20.77 -23.22
N LEU J 201 35.87 20.40 -23.59
CA LEU J 201 35.53 20.12 -24.98
C LEU J 201 34.83 21.33 -25.61
N SER J 202 35.38 21.82 -26.72
CA SER J 202 34.83 22.99 -27.42
C SER J 202 33.41 22.74 -27.91
N SER J 203 33.16 21.49 -28.32
CA SER J 203 31.81 21.01 -28.60
C SER J 203 31.71 19.56 -28.16
N PRO J 204 30.48 19.07 -27.88
CA PRO J 204 30.28 17.70 -27.41
C PRO J 204 30.96 16.63 -28.27
N VAL J 205 31.54 15.64 -27.60
CA VAL J 205 32.16 14.49 -28.28
C VAL J 205 31.20 13.31 -28.27
N THR J 206 31.05 12.65 -29.42
CA THR J 206 30.21 11.46 -29.53
C THR J 206 31.07 10.27 -29.96
N LYS J 207 31.05 9.23 -29.15
CA LYS J 207 31.63 7.95 -29.54
C LYS J 207 30.48 6.98 -29.72
N SER J 208 30.45 6.32 -30.87
CA SER J 208 29.34 5.44 -31.19
C SER J 208 29.80 4.14 -31.85
N PHE J 209 28.91 3.16 -31.88
CA PHE J 209 29.15 1.94 -32.64
C PHE J 209 27.84 1.43 -33.22
N ASN J 210 27.96 0.64 -34.28
CA ASN J 210 26.82 -0.04 -34.87
C ASN J 210 26.86 -1.50 -34.44
N ARG J 211 25.79 -1.94 -33.80
CA ARG J 211 25.62 -3.33 -33.43
C ARG J 211 25.83 -4.31 -34.63
N GLY J 212 26.67 -5.33 -34.44
CA GLY J 212 26.93 -6.32 -35.48
C GLY J 212 27.91 -5.86 -36.54
N GLU J 213 28.77 -4.90 -36.20
CA GLU J 213 29.79 -4.38 -37.12
C GLU J 213 31.15 -4.22 -36.46
N CYS J 214 32.18 -4.09 -37.30
CA CYS J 214 33.55 -3.76 -36.89
C CYS J 214 34.45 -3.90 -38.11
N ASN K 62 -41.95 -57.48 -28.35
CA ASN K 62 -42.14 -58.59 -27.36
C ASN K 62 -40.96 -59.56 -27.38
N ARG K 63 -40.76 -60.23 -28.52
CA ARG K 63 -39.65 -61.19 -28.65
C ARG K 63 -38.33 -60.46 -28.83
N LEU K 64 -38.21 -59.69 -29.90
CA LEU K 64 -36.98 -58.93 -30.18
C LEU K 64 -36.65 -57.94 -29.07
N SER K 65 -37.67 -57.29 -28.52
CA SER K 65 -37.50 -56.31 -27.44
C SER K 65 -36.87 -56.93 -26.19
N GLU K 66 -37.37 -58.10 -25.78
CA GLU K 66 -36.81 -58.81 -24.63
C GLU K 66 -35.37 -59.25 -24.88
N LEU K 67 -35.11 -59.73 -26.10
CA LEU K 67 -33.78 -60.22 -26.47
C LEU K 67 -32.77 -59.09 -26.44
N LEU K 68 -33.13 -57.96 -27.05
CA LEU K 68 -32.29 -56.77 -27.06
C LEU K 68 -32.15 -56.19 -25.65
N SER K 69 -33.23 -56.25 -24.88
CA SER K 69 -33.24 -55.74 -23.51
C SER K 69 -32.26 -56.53 -22.64
N LYS K 70 -32.44 -57.85 -22.60
CA LYS K 70 -31.66 -58.71 -21.72
C LYS K 70 -30.15 -58.62 -22.00
N ILE K 71 -29.78 -58.61 -23.27
CA ILE K 71 -28.38 -58.46 -23.68
C ILE K 71 -27.77 -57.16 -23.17
N ASN K 72 -28.53 -56.09 -23.28
CA ASN K 72 -28.08 -54.77 -22.81
C ASN K 72 -27.89 -54.77 -21.28
N ASP K 73 -28.69 -55.57 -20.57
CA ASP K 73 -28.59 -55.71 -19.11
C ASP K 73 -27.37 -56.54 -18.65
N MET K 74 -26.91 -57.46 -19.50
CA MET K 74 -25.89 -58.43 -19.08
C MET K 74 -24.59 -57.78 -18.56
N PRO K 75 -24.02 -58.34 -17.48
CA PRO K 75 -22.76 -57.84 -16.97
C PRO K 75 -21.59 -58.32 -17.83
N ILE K 76 -21.50 -57.77 -19.03
CA ILE K 76 -20.48 -58.17 -20.00
C ILE K 76 -19.96 -56.95 -20.77
N THR K 77 -18.89 -57.18 -21.51
CA THR K 77 -18.22 -56.14 -22.30
C THR K 77 -19.17 -55.49 -23.33
N ASN K 78 -18.92 -54.22 -23.65
CA ASN K 78 -19.71 -53.50 -24.67
C ASN K 78 -19.57 -54.11 -26.07
N ASP K 79 -18.36 -54.50 -26.44
CA ASP K 79 -18.12 -55.15 -27.74
C ASP K 79 -18.86 -56.49 -27.87
N GLN K 80 -19.05 -57.19 -26.75
CA GLN K 80 -19.86 -58.42 -26.73
CA GLN K 80 -19.84 -58.42 -26.76
C GLN K 80 -21.32 -58.09 -26.99
N LYS K 81 -21.81 -57.06 -26.33
CA LYS K 81 -23.17 -56.58 -26.52
C LYS K 81 -23.38 -56.11 -27.97
N LYS K 82 -22.40 -55.37 -28.49
CA LYS K 82 -22.40 -54.93 -29.88
C LYS K 82 -22.62 -56.12 -30.84
N LEU K 83 -21.77 -57.14 -30.71
CA LEU K 83 -21.82 -58.29 -31.61
C LEU K 83 -23.12 -59.07 -31.52
N MET K 84 -23.55 -59.37 -30.30
CA MET K 84 -24.76 -60.15 -30.07
C MET K 84 -26.03 -59.39 -30.41
N SER K 85 -26.07 -58.10 -30.05
CA SER K 85 -27.22 -57.26 -30.34
C SER K 85 -27.43 -57.09 -31.84
N ASN K 86 -26.32 -57.00 -32.57
CA ASN K 86 -26.35 -56.88 -34.03
C ASN K 86 -26.97 -58.11 -34.69
N ASP K 87 -26.65 -59.30 -34.18
CA ASP K 87 -27.23 -60.55 -34.70
C ASP K 87 -28.74 -60.60 -34.52
N VAL K 88 -29.22 -60.15 -33.36
CA VAL K 88 -30.65 -60.10 -33.08
C VAL K 88 -31.36 -59.12 -34.02
N LEU K 89 -30.70 -57.99 -34.30
CA LEU K 89 -31.23 -57.00 -35.25
C LEU K 89 -31.36 -57.54 -36.68
N LYS K 90 -30.40 -58.38 -37.10
CA LYS K 90 -30.44 -58.94 -38.46
C LYS K 90 -31.60 -59.93 -38.63
N PHE K 91 -31.85 -60.75 -37.62
CA PHE K 91 -33.01 -61.64 -37.62
C PHE K 91 -34.30 -60.82 -37.66
N ALA K 92 -34.33 -59.73 -36.89
CA ALA K 92 -35.50 -58.84 -36.85
C ALA K 92 -35.77 -58.21 -38.21
N ALA K 93 -34.74 -57.66 -38.84
CA ALA K 93 -34.87 -57.00 -40.14
C ALA K 93 -35.25 -57.97 -41.26
N GLU K 94 -34.69 -59.18 -41.22
CA GLU K 94 -34.98 -60.20 -42.23
C GLU K 94 -36.39 -60.77 -42.10
N ALA K 95 -36.85 -60.94 -40.86
CA ALA K 95 -38.21 -61.42 -40.58
C ALA K 95 -39.29 -60.41 -40.99
N GLU K 96 -38.91 -59.13 -41.04
CA GLU K 96 -39.84 -58.08 -41.47
C GLU K 96 -40.05 -58.02 -42.98
N LYS K 97 -39.18 -58.68 -43.75
CA LYS K 97 -39.24 -58.66 -45.22
C LYS K 97 -40.63 -59.05 -45.75
N ASN L 62 40.40 4.78 46.90
CA ASN L 62 39.28 3.99 47.51
C ASN L 62 37.97 4.77 47.46
N ARG L 63 37.90 5.87 48.21
CA ARG L 63 36.71 6.72 48.24
C ARG L 63 36.77 7.79 47.15
N LEU L 64 37.88 8.51 47.08
CA LEU L 64 38.07 9.50 46.02
C LEU L 64 38.04 8.86 44.64
N SER L 65 38.64 7.67 44.53
CA SER L 65 38.70 6.95 43.27
C SER L 65 37.31 6.62 42.71
N GLU L 66 36.44 6.08 43.55
CA GLU L 66 35.09 5.69 43.12
C GLU L 66 34.18 6.90 42.89
N LEU L 67 34.31 7.92 43.72
CA LEU L 67 33.64 9.20 43.50
C LEU L 67 33.93 9.71 42.08
N LEU L 68 35.22 9.83 41.78
CA LEU L 68 35.68 10.33 40.48
C LEU L 68 35.26 9.41 39.34
N SER L 69 35.29 8.10 39.61
CA SER L 69 34.88 7.10 38.62
C SER L 69 33.41 7.26 38.26
N LYS L 70 32.55 7.19 39.27
CA LYS L 70 31.09 7.25 39.08
C LYS L 70 30.63 8.49 38.32
N ILE L 71 31.21 9.65 38.66
CA ILE L 71 30.89 10.90 37.97
C ILE L 71 31.26 10.79 36.49
N ASN L 72 32.39 10.17 36.21
CA ASN L 72 32.87 9.99 34.85
C ASN L 72 31.95 9.04 34.05
N ASP L 73 31.42 8.01 34.72
CA ASP L 73 30.47 7.08 34.11
C ASP L 73 29.13 7.74 33.77
N MET L 74 28.68 8.67 34.61
CA MET L 74 27.31 9.20 34.54
C MET L 74 26.89 9.71 33.16
N PRO L 75 25.65 9.41 32.74
CA PRO L 75 25.15 9.90 31.46
C PRO L 75 24.77 11.37 31.53
N ILE L 76 25.76 12.24 31.69
CA ILE L 76 25.53 13.67 31.80
C ILE L 76 26.53 14.45 30.96
N THR L 77 26.25 15.73 30.80
CA THR L 77 27.10 16.67 30.07
C THR L 77 28.54 16.71 30.62
N ASN L 78 29.50 17.03 29.76
CA ASN L 78 30.92 17.10 30.16
C ASN L 78 31.21 18.25 31.14
N ASP L 79 30.58 19.40 30.92
CA ASP L 79 30.74 20.54 31.82
C ASP L 79 30.19 20.26 33.22
N GLN L 80 29.23 19.34 33.31
CA GLN L 80 28.71 18.88 34.61
C GLN L 80 29.73 17.97 35.29
N LYS L 81 30.36 17.08 34.53
CA LYS L 81 31.41 16.22 35.04
C LYS L 81 32.63 17.04 35.45
N LYS L 82 32.97 18.03 34.64
CA LYS L 82 34.10 18.92 34.93
C LYS L 82 33.92 19.61 36.29
N LEU L 83 32.76 20.22 36.47
CA LEU L 83 32.49 21.00 37.68
C LEU L 83 32.46 20.12 38.94
N MET L 84 31.81 18.96 38.83
CA MET L 84 31.70 18.04 39.97
C MET L 84 33.03 17.35 40.29
N SER L 85 33.78 17.00 39.25
CA SER L 85 35.08 16.36 39.44
C SER L 85 36.07 17.25 40.17
N ASN L 86 36.06 18.55 39.85
CA ASN L 86 36.91 19.53 40.53
C ASN L 86 36.64 19.62 42.02
N ASP L 87 35.36 19.65 42.40
CA ASP L 87 34.97 19.70 43.80
C ASP L 87 35.54 18.52 44.58
N VAL L 88 35.44 17.33 44.00
CA VAL L 88 35.96 16.12 44.63
C VAL L 88 37.49 16.17 44.74
N LEU L 89 38.16 16.69 43.71
CA LEU L 89 39.61 16.83 43.71
C LEU L 89 40.08 17.88 44.74
N LYS L 90 39.27 18.92 44.94
CA LYS L 90 39.54 19.92 45.96
C LYS L 90 39.51 19.30 47.37
N PHE L 91 38.50 18.49 47.65
CA PHE L 91 38.44 17.77 48.92
C PHE L 91 39.66 16.87 49.07
N ALA L 92 39.98 16.14 48.01
CA ALA L 92 41.08 15.16 48.02
C ALA L 92 42.42 15.82 48.34
N ALA L 93 42.70 16.94 47.69
CA ALA L 93 43.97 17.65 47.87
C ALA L 93 44.05 18.34 49.23
N GLU L 94 42.92 18.87 49.69
CA GLU L 94 42.86 19.50 51.01
C GLU L 94 43.03 18.45 52.12
N ALA L 95 42.46 17.26 51.91
CA ALA L 95 42.58 16.15 52.86
C ALA L 95 44.00 15.59 52.93
N GLU L 96 44.78 15.77 51.87
CA GLU L 96 46.18 15.36 51.84
C GLU L 96 47.08 16.27 52.69
N LYS L 97 46.52 17.38 53.17
CA LYS L 97 47.14 18.24 54.19
C LYS L 97 47.97 19.37 53.58
#